data_3WZ3
# 
_entry.id   3WZ3 
# 
_audit_conform.dict_name       mmcif_pdbx.dic 
_audit_conform.dict_version    5.398 
_audit_conform.dict_location   http://mmcif.pdb.org/dictionaries/ascii/mmcif_pdbx.dic 
# 
loop_
_database_2.database_id 
_database_2.database_code 
_database_2.pdbx_database_accession 
_database_2.pdbx_DOI 
PDB   3WZ3         pdb_00003wz3 10.2210/pdb3wz3/pdb 
RCSB  RCSB096973   ?            ?                   
WWPDB D_1000096973 ?            ?                   
# 
loop_
_pdbx_audit_revision_history.ordinal 
_pdbx_audit_revision_history.data_content_type 
_pdbx_audit_revision_history.major_revision 
_pdbx_audit_revision_history.minor_revision 
_pdbx_audit_revision_history.revision_date 
1 'Structure model' 1 0 2015-06-10 
2 'Structure model' 1 1 2016-06-29 
3 'Structure model' 1 2 2024-10-30 
# 
_pdbx_audit_revision_details.ordinal             1 
_pdbx_audit_revision_details.revision_ordinal    1 
_pdbx_audit_revision_details.data_content_type   'Structure model' 
_pdbx_audit_revision_details.provider            repository 
_pdbx_audit_revision_details.type                'Initial release' 
_pdbx_audit_revision_details.description         ? 
_pdbx_audit_revision_details.details             ? 
# 
loop_
_pdbx_audit_revision_group.ordinal 
_pdbx_audit_revision_group.revision_ordinal 
_pdbx_audit_revision_group.data_content_type 
_pdbx_audit_revision_group.group 
1 2 'Structure model' 'Database references'  
2 3 'Structure model' 'Data collection'      
3 3 'Structure model' 'Database references'  
4 3 'Structure model' 'Derived calculations' 
5 3 'Structure model' 'Structure summary'    
# 
loop_
_pdbx_audit_revision_category.ordinal 
_pdbx_audit_revision_category.revision_ordinal 
_pdbx_audit_revision_category.data_content_type 
_pdbx_audit_revision_category.category 
1 3 'Structure model' chem_comp_atom            
2 3 'Structure model' chem_comp_bond            
3 3 'Structure model' database_2                
4 3 'Structure model' pdbx_entry_details        
5 3 'Structure model' pdbx_modification_feature 
6 3 'Structure model' struct_conn               
7 3 'Structure model' struct_ref_seq_dif        
8 3 'Structure model' struct_site               
# 
loop_
_pdbx_audit_revision_item.ordinal 
_pdbx_audit_revision_item.revision_ordinal 
_pdbx_audit_revision_item.data_content_type 
_pdbx_audit_revision_item.item 
1  3 'Structure model' '_database_2.pdbx_DOI'                
2  3 'Structure model' '_database_2.pdbx_database_accession' 
3  3 'Structure model' '_struct_conn.pdbx_dist_value'        
4  3 'Structure model' '_struct_conn.pdbx_leaving_atom_flag' 
5  3 'Structure model' '_struct_conn.ptnr1_auth_comp_id'     
6  3 'Structure model' '_struct_conn.ptnr1_auth_seq_id'      
7  3 'Structure model' '_struct_conn.ptnr1_label_comp_id'    
8  3 'Structure model' '_struct_conn.ptnr1_label_seq_id'     
9  3 'Structure model' '_struct_conn.ptnr2_auth_comp_id'     
10 3 'Structure model' '_struct_conn.ptnr2_auth_seq_id'      
11 3 'Structure model' '_struct_conn.ptnr2_label_comp_id'    
12 3 'Structure model' '_struct_conn.ptnr2_label_seq_id'     
13 3 'Structure model' '_struct_ref_seq_dif.details'         
14 3 'Structure model' '_struct_site.pdbx_auth_asym_id'      
15 3 'Structure model' '_struct_site.pdbx_auth_comp_id'      
16 3 'Structure model' '_struct_site.pdbx_auth_seq_id'       
# 
_pdbx_database_status.status_code                     REL 
_pdbx_database_status.entry_id                        3WZ3 
_pdbx_database_status.recvd_initial_deposition_date   2014-09-18 
_pdbx_database_status.deposit_site                    PDBJ 
_pdbx_database_status.process_site                    PDBJ 
_pdbx_database_status.methods_development_category    ? 
_pdbx_database_status.status_code_sf                  REL 
_pdbx_database_status.status_code_mr                  ? 
_pdbx_database_status.SG_entry                        ? 
_pdbx_database_status.status_code_cs                  ? 
_pdbx_database_status.pdb_format_compatible           Y 
_pdbx_database_status.status_code_nmr_data            ? 
# 
loop_
_pdbx_database_related.db_name 
_pdbx_database_related.db_id 
_pdbx_database_related.details 
_pdbx_database_related.content_type 
PDB 3WZ3 . unspecified 
PDB 3WZ5 . unspecified 
# 
loop_
_audit_author.name 
_audit_author.pdbx_ordinal 
'Kuroda, T.' 1 
'Kubori, T.' 2 
'Uchida, Y.' 3 
'Nagai, H.'  4 
'Imada, K.'  5 
# 
_citation.id                        primary 
_citation.title                     
'Molecular and structural analysis of Legionella DotI gives insights into an inner membrane complex essential for type IV secretion' 
_citation.journal_abbrev            'Sci Rep' 
_citation.journal_volume            5 
_citation.page_first                10912 
_citation.page_last                 10912 
_citation.year                      2015 
_citation.journal_id_ASTM           ? 
_citation.country                   UK 
_citation.journal_id_ISSN           2045-2322 
_citation.journal_id_CSD            ? 
_citation.book_publisher            ? 
_citation.pdbx_database_id_PubMed   26039110 
_citation.pdbx_database_id_DOI      10.1038/srep10912 
# 
loop_
_citation_author.citation_id 
_citation_author.name 
_citation_author.ordinal 
_citation_author.identifier_ORCID 
primary 'Kuroda, T.'    1 ? 
primary 'Kubori, T.'    2 ? 
primary 'Thanh Bui, X.' 3 ? 
primary 'Hyakutake, A.' 4 ? 
primary 'Uchida, Y.'    5 ? 
primary 'Imada, K.'     6 ? 
primary 'Nagai, H.'     7 ? 
# 
loop_
_entity.id 
_entity.type 
_entity.src_method 
_entity.pdbx_description 
_entity.formula_weight 
_entity.pdbx_number_of_molecules 
_entity.pdbx_ec 
_entity.pdbx_mutation 
_entity.pdbx_fragment 
_entity.details 
1 polymer     man 'TraM protein' 16443.484 1   ? ? 'periplasmic fragment, UNP residues 91-230' ? 
2 non-polymer syn 'SULFATE ION'  96.063    1   ? ? ?                                           ? 
3 water       nat water          18.015    230 ? ? ?                                           ? 
# 
_entity_poly.entity_id                      1 
_entity_poly.type                           'polypeptide(L)' 
_entity_poly.nstd_linkage                   no 
_entity_poly.nstd_monomer                   yes 
_entity_poly.pdbx_seq_one_letter_code       
;GSH(MSE)WSQNDA(MSE)AFGSQALATAFNLDFVHYRSQISSLSPRFSDEGFAGYVNALQASNILETIKKEK(MSE)NL
TATTGAGVLVRQGQ(MSE)SDGVWFWTFQYPVR(MSE)RLVGQTTSKPEQSFVFEITIQRVDPRLKPSG(MSE)EIRQ
(MSE)ISRNAGPNS
;
_entity_poly.pdbx_seq_one_letter_code_can   
;GSHMWSQNDAMAFGSQALATAFNLDFVHYRSQISSLSPRFSDEGFAGYVNALQASNILETIKKEKMNLTATTGAGVLVRQ
GQMSDGVWFWTFQYPVRMRLVGQTTSKPEQSFVFEITIQRVDPRLKPSGMEIRQMISRNAGPNS
;
_entity_poly.pdbx_strand_id                 A 
_entity_poly.pdbx_target_identifier         ? 
# 
loop_
_pdbx_entity_nonpoly.entity_id 
_pdbx_entity_nonpoly.name 
_pdbx_entity_nonpoly.comp_id 
2 'SULFATE ION' SO4 
3 water         HOH 
# 
loop_
_entity_poly_seq.entity_id 
_entity_poly_seq.num 
_entity_poly_seq.mon_id 
_entity_poly_seq.hetero 
1 1   GLY n 
1 2   SER n 
1 3   HIS n 
1 4   MSE n 
1 5   TRP n 
1 6   SER n 
1 7   GLN n 
1 8   ASN n 
1 9   ASP n 
1 10  ALA n 
1 11  MSE n 
1 12  ALA n 
1 13  PHE n 
1 14  GLY n 
1 15  SER n 
1 16  GLN n 
1 17  ALA n 
1 18  LEU n 
1 19  ALA n 
1 20  THR n 
1 21  ALA n 
1 22  PHE n 
1 23  ASN n 
1 24  LEU n 
1 25  ASP n 
1 26  PHE n 
1 27  VAL n 
1 28  HIS n 
1 29  TYR n 
1 30  ARG n 
1 31  SER n 
1 32  GLN n 
1 33  ILE n 
1 34  SER n 
1 35  SER n 
1 36  LEU n 
1 37  SER n 
1 38  PRO n 
1 39  ARG n 
1 40  PHE n 
1 41  SER n 
1 42  ASP n 
1 43  GLU n 
1 44  GLY n 
1 45  PHE n 
1 46  ALA n 
1 47  GLY n 
1 48  TYR n 
1 49  VAL n 
1 50  ASN n 
1 51  ALA n 
1 52  LEU n 
1 53  GLN n 
1 54  ALA n 
1 55  SER n 
1 56  ASN n 
1 57  ILE n 
1 58  LEU n 
1 59  GLU n 
1 60  THR n 
1 61  ILE n 
1 62  LYS n 
1 63  LYS n 
1 64  GLU n 
1 65  LYS n 
1 66  MSE n 
1 67  ASN n 
1 68  LEU n 
1 69  THR n 
1 70  ALA n 
1 71  THR n 
1 72  THR n 
1 73  GLY n 
1 74  ALA n 
1 75  GLY n 
1 76  VAL n 
1 77  LEU n 
1 78  VAL n 
1 79  ARG n 
1 80  GLN n 
1 81  GLY n 
1 82  GLN n 
1 83  MSE n 
1 84  SER n 
1 85  ASP n 
1 86  GLY n 
1 87  VAL n 
1 88  TRP n 
1 89  PHE n 
1 90  TRP n 
1 91  THR n 
1 92  PHE n 
1 93  GLN n 
1 94  TYR n 
1 95  PRO n 
1 96  VAL n 
1 97  ARG n 
1 98  MSE n 
1 99  ARG n 
1 100 LEU n 
1 101 VAL n 
1 102 GLY n 
1 103 GLN n 
1 104 THR n 
1 105 THR n 
1 106 SER n 
1 107 LYS n 
1 108 PRO n 
1 109 GLU n 
1 110 GLN n 
1 111 SER n 
1 112 PHE n 
1 113 VAL n 
1 114 PHE n 
1 115 GLU n 
1 116 ILE n 
1 117 THR n 
1 118 ILE n 
1 119 GLN n 
1 120 ARG n 
1 121 VAL n 
1 122 ASP n 
1 123 PRO n 
1 124 ARG n 
1 125 LEU n 
1 126 LYS n 
1 127 PRO n 
1 128 SER n 
1 129 GLY n 
1 130 MSE n 
1 131 GLU n 
1 132 ILE n 
1 133 ARG n 
1 134 GLN n 
1 135 MSE n 
1 136 ILE n 
1 137 SER n 
1 138 ARG n 
1 139 ASN n 
1 140 ALA n 
1 141 GLY n 
1 142 PRO n 
1 143 ASN n 
1 144 SER n 
# 
_entity_src_gen.entity_id                          1 
_entity_src_gen.pdbx_src_id                        1 
_entity_src_gen.pdbx_alt_source_flag               sample 
_entity_src_gen.pdbx_seq_type                      ? 
_entity_src_gen.pdbx_beg_seq_num                   ? 
_entity_src_gen.pdbx_end_seq_num                   ? 
_entity_src_gen.gene_src_common_name               ? 
_entity_src_gen.gene_src_genus                     ? 
_entity_src_gen.pdbx_gene_src_gene                 traM 
_entity_src_gen.gene_src_species                   ? 
_entity_src_gen.gene_src_strain                    ? 
_entity_src_gen.gene_src_tissue                    ? 
_entity_src_gen.gene_src_tissue_fraction           ? 
_entity_src_gen.gene_src_details                   ? 
_entity_src_gen.pdbx_gene_src_fragment             ? 
_entity_src_gen.pdbx_gene_src_scientific_name      'Plasmid R64' 
_entity_src_gen.pdbx_gene_src_ncbi_taxonomy_id     2492 
_entity_src_gen.pdbx_gene_src_variant              ? 
_entity_src_gen.pdbx_gene_src_cell_line            ? 
_entity_src_gen.pdbx_gene_src_atcc                 ? 
_entity_src_gen.pdbx_gene_src_organ                ? 
_entity_src_gen.pdbx_gene_src_organelle            ? 
_entity_src_gen.pdbx_gene_src_cell                 ? 
_entity_src_gen.pdbx_gene_src_cellular_location    ? 
_entity_src_gen.host_org_common_name               ? 
_entity_src_gen.pdbx_host_org_scientific_name      'Escherichia coli BL21(DE3)' 
_entity_src_gen.pdbx_host_org_ncbi_taxonomy_id     469008 
_entity_src_gen.host_org_genus                     ? 
_entity_src_gen.pdbx_host_org_gene                 ? 
_entity_src_gen.pdbx_host_org_organ                ? 
_entity_src_gen.host_org_species                   ? 
_entity_src_gen.pdbx_host_org_tissue               ? 
_entity_src_gen.pdbx_host_org_tissue_fraction      ? 
_entity_src_gen.pdbx_host_org_strain               ? 
_entity_src_gen.pdbx_host_org_variant              ? 
_entity_src_gen.pdbx_host_org_cell_line            ? 
_entity_src_gen.pdbx_host_org_atcc                 ? 
_entity_src_gen.pdbx_host_org_culture_collection   ? 
_entity_src_gen.pdbx_host_org_cell                 ? 
_entity_src_gen.pdbx_host_org_organelle            ? 
_entity_src_gen.pdbx_host_org_cellular_location    ? 
_entity_src_gen.pdbx_host_org_vector_type          plasmid 
_entity_src_gen.pdbx_host_org_vector               ? 
_entity_src_gen.host_org_details                   ? 
_entity_src_gen.expression_system_id               ? 
_entity_src_gen.plasmid_name                       pET15b 
_entity_src_gen.plasmid_details                    ? 
_entity_src_gen.pdbx_description                   ? 
# 
loop_
_chem_comp.id 
_chem_comp.type 
_chem_comp.mon_nstd_flag 
_chem_comp.name 
_chem_comp.pdbx_synonyms 
_chem_comp.formula 
_chem_comp.formula_weight 
ALA 'L-peptide linking' y ALANINE          ? 'C3 H7 N O2'     89.093  
ARG 'L-peptide linking' y ARGININE         ? 'C6 H15 N4 O2 1' 175.209 
ASN 'L-peptide linking' y ASPARAGINE       ? 'C4 H8 N2 O3'    132.118 
ASP 'L-peptide linking' y 'ASPARTIC ACID'  ? 'C4 H7 N O4'     133.103 
GLN 'L-peptide linking' y GLUTAMINE        ? 'C5 H10 N2 O3'   146.144 
GLU 'L-peptide linking' y 'GLUTAMIC ACID'  ? 'C5 H9 N O4'     147.129 
GLY 'peptide linking'   y GLYCINE          ? 'C2 H5 N O2'     75.067  
HIS 'L-peptide linking' y HISTIDINE        ? 'C6 H10 N3 O2 1' 156.162 
HOH non-polymer         . WATER            ? 'H2 O'           18.015  
ILE 'L-peptide linking' y ISOLEUCINE       ? 'C6 H13 N O2'    131.173 
LEU 'L-peptide linking' y LEUCINE          ? 'C6 H13 N O2'    131.173 
LYS 'L-peptide linking' y LYSINE           ? 'C6 H15 N2 O2 1' 147.195 
MSE 'L-peptide linking' n SELENOMETHIONINE ? 'C5 H11 N O2 Se' 196.106 
PHE 'L-peptide linking' y PHENYLALANINE    ? 'C9 H11 N O2'    165.189 
PRO 'L-peptide linking' y PROLINE          ? 'C5 H9 N O2'     115.130 
SER 'L-peptide linking' y SERINE           ? 'C3 H7 N O3'     105.093 
SO4 non-polymer         . 'SULFATE ION'    ? 'O4 S -2'        96.063  
THR 'L-peptide linking' y THREONINE        ? 'C4 H9 N O3'     119.119 
TRP 'L-peptide linking' y TRYPTOPHAN       ? 'C11 H12 N2 O2'  204.225 
TYR 'L-peptide linking' y TYROSINE         ? 'C9 H11 N O3'    181.189 
VAL 'L-peptide linking' y VALINE           ? 'C5 H11 N O2'    117.146 
# 
loop_
_pdbx_poly_seq_scheme.asym_id 
_pdbx_poly_seq_scheme.entity_id 
_pdbx_poly_seq_scheme.seq_id 
_pdbx_poly_seq_scheme.mon_id 
_pdbx_poly_seq_scheme.ndb_seq_num 
_pdbx_poly_seq_scheme.pdb_seq_num 
_pdbx_poly_seq_scheme.auth_seq_num 
_pdbx_poly_seq_scheme.pdb_mon_id 
_pdbx_poly_seq_scheme.auth_mon_id 
_pdbx_poly_seq_scheme.pdb_strand_id 
_pdbx_poly_seq_scheme.pdb_ins_code 
_pdbx_poly_seq_scheme.hetero 
A 1 1   GLY 1   87  ?   ?   ?   A . n 
A 1 2   SER 2   88  ?   ?   ?   A . n 
A 1 3   HIS 3   89  ?   ?   ?   A . n 
A 1 4   MSE 4   90  90  MSE MSE A . n 
A 1 5   TRP 5   91  91  TRP TRP A . n 
A 1 6   SER 6   92  92  SER SER A . n 
A 1 7   GLN 7   93  93  GLN GLN A . n 
A 1 8   ASN 8   94  94  ASN ASN A . n 
A 1 9   ASP 9   95  95  ASP ASP A . n 
A 1 10  ALA 10  96  96  ALA ALA A . n 
A 1 11  MSE 11  97  97  MSE MSE A . n 
A 1 12  ALA 12  98  98  ALA ALA A . n 
A 1 13  PHE 13  99  99  PHE PHE A . n 
A 1 14  GLY 14  100 100 GLY GLY A . n 
A 1 15  SER 15  101 101 SER SER A . n 
A 1 16  GLN 16  102 102 GLN GLN A . n 
A 1 17  ALA 17  103 103 ALA ALA A . n 
A 1 18  LEU 18  104 104 LEU LEU A . n 
A 1 19  ALA 19  105 105 ALA ALA A . n 
A 1 20  THR 20  106 106 THR THR A . n 
A 1 21  ALA 21  107 107 ALA ALA A . n 
A 1 22  PHE 22  108 108 PHE PHE A . n 
A 1 23  ASN 23  109 109 ASN ASN A . n 
A 1 24  LEU 24  110 110 LEU LEU A . n 
A 1 25  ASP 25  111 111 ASP ASP A . n 
A 1 26  PHE 26  112 112 PHE PHE A . n 
A 1 27  VAL 27  113 113 VAL VAL A . n 
A 1 28  HIS 28  114 114 HIS HIS A . n 
A 1 29  TYR 29  115 115 TYR TYR A . n 
A 1 30  ARG 30  116 116 ARG ARG A . n 
A 1 31  SER 31  117 117 SER SER A . n 
A 1 32  GLN 32  118 118 GLN GLN A . n 
A 1 33  ILE 33  119 119 ILE ILE A . n 
A 1 34  SER 34  120 120 SER SER A . n 
A 1 35  SER 35  121 121 SER SER A . n 
A 1 36  LEU 36  122 122 LEU LEU A . n 
A 1 37  SER 37  123 123 SER SER A . n 
A 1 38  PRO 38  124 124 PRO PRO A . n 
A 1 39  ARG 39  125 125 ARG ARG A . n 
A 1 40  PHE 40  126 126 PHE PHE A . n 
A 1 41  SER 41  127 127 SER SER A . n 
A 1 42  ASP 42  128 128 ASP ASP A . n 
A 1 43  GLU 43  129 129 GLU GLU A . n 
A 1 44  GLY 44  130 130 GLY GLY A . n 
A 1 45  PHE 45  131 131 PHE PHE A . n 
A 1 46  ALA 46  132 132 ALA ALA A . n 
A 1 47  GLY 47  133 133 GLY GLY A . n 
A 1 48  TYR 48  134 134 TYR TYR A . n 
A 1 49  VAL 49  135 135 VAL VAL A . n 
A 1 50  ASN 50  136 136 ASN ASN A . n 
A 1 51  ALA 51  137 137 ALA ALA A . n 
A 1 52  LEU 52  138 138 LEU LEU A . n 
A 1 53  GLN 53  139 139 GLN GLN A . n 
A 1 54  ALA 54  140 140 ALA ALA A . n 
A 1 55  SER 55  141 141 SER SER A . n 
A 1 56  ASN 56  142 142 ASN ASN A . n 
A 1 57  ILE 57  143 143 ILE ILE A . n 
A 1 58  LEU 58  144 144 LEU LEU A . n 
A 1 59  GLU 59  145 145 GLU GLU A . n 
A 1 60  THR 60  146 146 THR THR A . n 
A 1 61  ILE 61  147 147 ILE ILE A . n 
A 1 62  LYS 62  148 148 LYS LYS A . n 
A 1 63  LYS 63  149 149 LYS LYS A . n 
A 1 64  GLU 64  150 150 GLU GLU A . n 
A 1 65  LYS 65  151 151 LYS LYS A . n 
A 1 66  MSE 66  152 152 MSE MSE A . n 
A 1 67  ASN 67  153 153 ASN ASN A . n 
A 1 68  LEU 68  154 154 LEU LEU A . n 
A 1 69  THR 69  155 155 THR THR A . n 
A 1 70  ALA 70  156 156 ALA ALA A . n 
A 1 71  THR 71  157 157 THR THR A . n 
A 1 72  THR 72  158 158 THR THR A . n 
A 1 73  GLY 73  159 159 GLY GLY A . n 
A 1 74  ALA 74  160 160 ALA ALA A . n 
A 1 75  GLY 75  161 161 GLY GLY A . n 
A 1 76  VAL 76  162 162 VAL VAL A . n 
A 1 77  LEU 77  163 163 LEU LEU A . n 
A 1 78  VAL 78  164 164 VAL VAL A . n 
A 1 79  ARG 79  165 165 ARG ARG A . n 
A 1 80  GLN 80  166 166 GLN GLN A . n 
A 1 81  GLY 81  167 167 GLY GLY A . n 
A 1 82  GLN 82  168 168 GLN GLN A . n 
A 1 83  MSE 83  169 169 MSE MSE A . n 
A 1 84  SER 84  170 170 SER ALA A . n 
A 1 85  ASP 85  171 171 ASP ASP A . n 
A 1 86  GLY 86  172 172 GLY GLY A . n 
A 1 87  VAL 87  173 173 VAL VAL A . n 
A 1 88  TRP 88  174 174 TRP TRP A . n 
A 1 89  PHE 89  175 175 PHE PHE A . n 
A 1 90  TRP 90  176 176 TRP TRP A . n 
A 1 91  THR 91  177 177 THR THR A . n 
A 1 92  PHE 92  178 178 PHE PHE A . n 
A 1 93  GLN 93  179 179 GLN GLN A . n 
A 1 94  TYR 94  180 180 TYR TYR A . n 
A 1 95  PRO 95  181 181 PRO PRO A . n 
A 1 96  VAL 96  182 182 VAL VAL A . n 
A 1 97  ARG 97  183 183 ARG ARG A . n 
A 1 98  MSE 98  184 184 MSE MSE A . n 
A 1 99  ARG 99  185 185 ARG ARG A . n 
A 1 100 LEU 100 186 186 LEU LEU A . n 
A 1 101 VAL 101 187 187 VAL VAL A . n 
A 1 102 GLY 102 188 188 GLY GLY A . n 
A 1 103 GLN 103 189 189 GLN GLN A . n 
A 1 104 THR 104 190 190 THR THR A . n 
A 1 105 THR 105 191 191 THR THR A . n 
A 1 106 SER 106 192 192 SER SER A . n 
A 1 107 LYS 107 193 193 LYS LYS A . n 
A 1 108 PRO 108 194 194 PRO PRO A . n 
A 1 109 GLU 109 195 195 GLU GLU A . n 
A 1 110 GLN 110 196 196 GLN GLN A . n 
A 1 111 SER 111 197 197 SER SER A . n 
A 1 112 PHE 112 198 198 PHE PHE A . n 
A 1 113 VAL 113 199 199 VAL VAL A . n 
A 1 114 PHE 114 200 200 PHE PHE A . n 
A 1 115 GLU 115 201 201 GLU GLU A . n 
A 1 116 ILE 116 202 202 ILE ILE A . n 
A 1 117 THR 117 203 203 THR THR A . n 
A 1 118 ILE 118 204 204 ILE ILE A . n 
A 1 119 GLN 119 205 205 GLN GLN A . n 
A 1 120 ARG 120 206 206 ARG ARG A . n 
A 1 121 VAL 121 207 207 VAL VAL A . n 
A 1 122 ASP 122 208 208 ASP ASP A . n 
A 1 123 PRO 123 209 209 PRO PRO A . n 
A 1 124 ARG 124 210 210 ARG ARG A . n 
A 1 125 LEU 125 211 211 LEU LEU A . n 
A 1 126 LYS 126 212 212 LYS LYS A . n 
A 1 127 PRO 127 213 213 PRO PRO A . n 
A 1 128 SER 128 214 214 SER SER A . n 
A 1 129 GLY 129 215 215 GLY GLY A . n 
A 1 130 MSE 130 216 216 MSE MSE A . n 
A 1 131 GLU 131 217 217 GLU GLU A . n 
A 1 132 ILE 132 218 218 ILE ILE A . n 
A 1 133 ARG 133 219 219 ARG ARG A . n 
A 1 134 GLN 134 220 220 GLN GLN A . n 
A 1 135 MSE 135 221 221 MSE MSE A . n 
A 1 136 ILE 136 222 222 ILE ILE A . n 
A 1 137 SER 137 223 223 SER SER A . n 
A 1 138 ARG 138 224 224 ARG ARG A . n 
A 1 139 ASN 139 225 225 ASN ASN A . n 
A 1 140 ALA 140 226 226 ALA ALA A . n 
A 1 141 GLY 141 227 ?   ?   ?   A . n 
A 1 142 PRO 142 228 ?   ?   ?   A . n 
A 1 143 ASN 143 229 ?   ?   ?   A . n 
A 1 144 SER 144 230 ?   ?   ?   A . n 
# 
loop_
_pdbx_nonpoly_scheme.asym_id 
_pdbx_nonpoly_scheme.entity_id 
_pdbx_nonpoly_scheme.mon_id 
_pdbx_nonpoly_scheme.ndb_seq_num 
_pdbx_nonpoly_scheme.pdb_seq_num 
_pdbx_nonpoly_scheme.auth_seq_num 
_pdbx_nonpoly_scheme.pdb_mon_id 
_pdbx_nonpoly_scheme.auth_mon_id 
_pdbx_nonpoly_scheme.pdb_strand_id 
_pdbx_nonpoly_scheme.pdb_ins_code 
B 2 SO4 1   301 301 SO4 SO4 A . 
C 3 HOH 1   401 1   HOH HOH A . 
C 3 HOH 2   402 2   HOH HOH A . 
C 3 HOH 3   403 3   HOH HOH A . 
C 3 HOH 4   404 4   HOH HOH A . 
C 3 HOH 5   405 5   HOH HOH A . 
C 3 HOH 6   406 6   HOH HOH A . 
C 3 HOH 7   407 7   HOH HOH A . 
C 3 HOH 8   408 8   HOH HOH A . 
C 3 HOH 9   409 9   HOH HOH A . 
C 3 HOH 10  410 10  HOH HOH A . 
C 3 HOH 11  411 11  HOH HOH A . 
C 3 HOH 12  412 12  HOH HOH A . 
C 3 HOH 13  413 13  HOH HOH A . 
C 3 HOH 14  414 14  HOH HOH A . 
C 3 HOH 15  415 15  HOH HOH A . 
C 3 HOH 16  416 16  HOH HOH A . 
C 3 HOH 17  417 17  HOH HOH A . 
C 3 HOH 18  418 18  HOH HOH A . 
C 3 HOH 19  419 19  HOH HOH A . 
C 3 HOH 20  420 20  HOH HOH A . 
C 3 HOH 21  421 21  HOH HOH A . 
C 3 HOH 22  422 22  HOH HOH A . 
C 3 HOH 23  423 23  HOH HOH A . 
C 3 HOH 24  424 24  HOH HOH A . 
C 3 HOH 25  425 25  HOH HOH A . 
C 3 HOH 26  426 26  HOH HOH A . 
C 3 HOH 27  427 27  HOH HOH A . 
C 3 HOH 28  428 28  HOH HOH A . 
C 3 HOH 29  429 29  HOH HOH A . 
C 3 HOH 30  430 30  HOH HOH A . 
C 3 HOH 31  431 31  HOH HOH A . 
C 3 HOH 32  432 32  HOH HOH A . 
C 3 HOH 33  433 33  HOH HOH A . 
C 3 HOH 34  434 34  HOH HOH A . 
C 3 HOH 35  435 35  HOH HOH A . 
C 3 HOH 36  436 36  HOH HOH A . 
C 3 HOH 37  437 37  HOH HOH A . 
C 3 HOH 38  438 38  HOH HOH A . 
C 3 HOH 39  439 39  HOH HOH A . 
C 3 HOH 40  440 40  HOH HOH A . 
C 3 HOH 41  441 41  HOH HOH A . 
C 3 HOH 42  442 42  HOH HOH A . 
C 3 HOH 43  443 43  HOH HOH A . 
C 3 HOH 44  444 44  HOH HOH A . 
C 3 HOH 45  445 45  HOH HOH A . 
C 3 HOH 46  446 46  HOH HOH A . 
C 3 HOH 47  447 47  HOH HOH A . 
C 3 HOH 48  448 48  HOH HOH A . 
C 3 HOH 49  449 49  HOH HOH A . 
C 3 HOH 50  450 50  HOH HOH A . 
C 3 HOH 51  451 51  HOH HOH A . 
C 3 HOH 52  452 52  HOH HOH A . 
C 3 HOH 53  453 53  HOH HOH A . 
C 3 HOH 54  454 54  HOH HOH A . 
C 3 HOH 55  455 55  HOH HOH A . 
C 3 HOH 56  456 56  HOH HOH A . 
C 3 HOH 57  457 57  HOH HOH A . 
C 3 HOH 58  458 58  HOH HOH A . 
C 3 HOH 59  459 59  HOH HOH A . 
C 3 HOH 60  460 60  HOH HOH A . 
C 3 HOH 61  461 61  HOH HOH A . 
C 3 HOH 62  462 62  HOH HOH A . 
C 3 HOH 63  463 63  HOH HOH A . 
C 3 HOH 64  464 64  HOH HOH A . 
C 3 HOH 65  465 65  HOH HOH A . 
C 3 HOH 66  466 66  HOH HOH A . 
C 3 HOH 67  467 67  HOH HOH A . 
C 3 HOH 68  468 68  HOH HOH A . 
C 3 HOH 69  469 69  HOH HOH A . 
C 3 HOH 70  470 70  HOH HOH A . 
C 3 HOH 71  471 71  HOH HOH A . 
C 3 HOH 72  472 72  HOH HOH A . 
C 3 HOH 73  473 73  HOH HOH A . 
C 3 HOH 74  474 74  HOH HOH A . 
C 3 HOH 75  475 75  HOH HOH A . 
C 3 HOH 76  476 76  HOH HOH A . 
C 3 HOH 77  477 77  HOH HOH A . 
C 3 HOH 78  478 78  HOH HOH A . 
C 3 HOH 79  479 79  HOH HOH A . 
C 3 HOH 80  480 80  HOH HOH A . 
C 3 HOH 81  481 81  HOH HOH A . 
C 3 HOH 82  482 82  HOH HOH A . 
C 3 HOH 83  483 83  HOH HOH A . 
C 3 HOH 84  484 84  HOH HOH A . 
C 3 HOH 85  485 85  HOH HOH A . 
C 3 HOH 86  486 86  HOH HOH A . 
C 3 HOH 87  487 87  HOH HOH A . 
C 3 HOH 88  488 88  HOH HOH A . 
C 3 HOH 89  489 89  HOH HOH A . 
C 3 HOH 90  490 90  HOH HOH A . 
C 3 HOH 91  491 91  HOH HOH A . 
C 3 HOH 92  492 92  HOH HOH A . 
C 3 HOH 93  493 93  HOH HOH A . 
C 3 HOH 94  494 94  HOH HOH A . 
C 3 HOH 95  495 95  HOH HOH A . 
C 3 HOH 96  496 96  HOH HOH A . 
C 3 HOH 97  497 97  HOH HOH A . 
C 3 HOH 98  498 98  HOH HOH A . 
C 3 HOH 99  499 99  HOH HOH A . 
C 3 HOH 100 500 100 HOH HOH A . 
C 3 HOH 101 501 101 HOH HOH A . 
C 3 HOH 102 502 102 HOH HOH A . 
C 3 HOH 103 503 103 HOH HOH A . 
C 3 HOH 104 504 104 HOH HOH A . 
C 3 HOH 105 505 105 HOH HOH A . 
C 3 HOH 106 506 106 HOH HOH A . 
C 3 HOH 107 507 107 HOH HOH A . 
C 3 HOH 108 508 108 HOH HOH A . 
C 3 HOH 109 509 109 HOH HOH A . 
C 3 HOH 110 510 110 HOH HOH A . 
C 3 HOH 111 511 111 HOH HOH A . 
C 3 HOH 112 512 112 HOH HOH A . 
C 3 HOH 113 513 113 HOH HOH A . 
C 3 HOH 114 514 114 HOH HOH A . 
C 3 HOH 115 515 115 HOH HOH A . 
C 3 HOH 116 516 116 HOH HOH A . 
C 3 HOH 117 517 117 HOH HOH A . 
C 3 HOH 118 518 118 HOH HOH A . 
C 3 HOH 119 519 119 HOH HOH A . 
C 3 HOH 120 520 120 HOH HOH A . 
C 3 HOH 121 521 121 HOH HOH A . 
C 3 HOH 122 522 122 HOH HOH A . 
C 3 HOH 123 523 123 HOH HOH A . 
C 3 HOH 124 524 124 HOH HOH A . 
C 3 HOH 125 525 125 HOH HOH A . 
C 3 HOH 126 526 126 HOH HOH A . 
C 3 HOH 127 527 127 HOH HOH A . 
C 3 HOH 128 528 128 HOH HOH A . 
C 3 HOH 129 529 129 HOH HOH A . 
C 3 HOH 130 530 130 HOH HOH A . 
C 3 HOH 131 531 131 HOH HOH A . 
C 3 HOH 132 532 132 HOH HOH A . 
C 3 HOH 133 533 133 HOH HOH A . 
C 3 HOH 134 534 134 HOH HOH A . 
C 3 HOH 135 535 135 HOH HOH A . 
C 3 HOH 136 536 136 HOH HOH A . 
C 3 HOH 137 537 137 HOH HOH A . 
C 3 HOH 138 538 138 HOH HOH A . 
C 3 HOH 139 539 139 HOH HOH A . 
C 3 HOH 140 540 140 HOH HOH A . 
C 3 HOH 141 541 141 HOH HOH A . 
C 3 HOH 142 542 142 HOH HOH A . 
C 3 HOH 143 543 143 HOH HOH A . 
C 3 HOH 144 544 144 HOH HOH A . 
C 3 HOH 145 545 145 HOH HOH A . 
C 3 HOH 146 546 146 HOH HOH A . 
C 3 HOH 147 547 147 HOH HOH A . 
C 3 HOH 148 548 148 HOH HOH A . 
C 3 HOH 149 549 149 HOH HOH A . 
C 3 HOH 150 550 150 HOH HOH A . 
C 3 HOH 151 551 151 HOH HOH A . 
C 3 HOH 152 552 152 HOH HOH A . 
C 3 HOH 153 553 153 HOH HOH A . 
C 3 HOH 154 554 154 HOH HOH A . 
C 3 HOH 155 555 155 HOH HOH A . 
C 3 HOH 156 556 156 HOH HOH A . 
C 3 HOH 157 557 157 HOH HOH A . 
C 3 HOH 158 558 158 HOH HOH A . 
C 3 HOH 159 559 159 HOH HOH A . 
C 3 HOH 160 560 160 HOH HOH A . 
C 3 HOH 161 561 161 HOH HOH A . 
C 3 HOH 162 562 162 HOH HOH A . 
C 3 HOH 163 563 163 HOH HOH A . 
C 3 HOH 164 564 164 HOH HOH A . 
C 3 HOH 165 565 165 HOH HOH A . 
C 3 HOH 166 566 166 HOH HOH A . 
C 3 HOH 167 567 167 HOH HOH A . 
C 3 HOH 168 568 168 HOH HOH A . 
C 3 HOH 169 569 169 HOH HOH A . 
C 3 HOH 170 570 170 HOH HOH A . 
C 3 HOH 171 571 171 HOH HOH A . 
C 3 HOH 172 572 172 HOH HOH A . 
C 3 HOH 173 573 173 HOH HOH A . 
C 3 HOH 174 574 174 HOH HOH A . 
C 3 HOH 175 575 175 HOH HOH A . 
C 3 HOH 176 576 176 HOH HOH A . 
C 3 HOH 177 577 177 HOH HOH A . 
C 3 HOH 178 578 178 HOH HOH A . 
C 3 HOH 179 579 179 HOH HOH A . 
C 3 HOH 180 580 180 HOH HOH A . 
C 3 HOH 181 581 181 HOH HOH A . 
C 3 HOH 182 582 182 HOH HOH A . 
C 3 HOH 183 583 183 HOH HOH A . 
C 3 HOH 184 584 184 HOH HOH A . 
C 3 HOH 185 585 185 HOH HOH A . 
C 3 HOH 186 586 186 HOH HOH A . 
C 3 HOH 187 587 187 HOH HOH A . 
C 3 HOH 188 588 188 HOH HOH A . 
C 3 HOH 189 589 189 HOH HOH A . 
C 3 HOH 190 590 190 HOH HOH A . 
C 3 HOH 191 591 191 HOH HOH A . 
C 3 HOH 192 592 192 HOH HOH A . 
C 3 HOH 193 593 193 HOH HOH A . 
C 3 HOH 194 594 194 HOH HOH A . 
C 3 HOH 195 595 195 HOH HOH A . 
C 3 HOH 196 596 196 HOH HOH A . 
C 3 HOH 197 597 197 HOH HOH A . 
C 3 HOH 198 598 198 HOH HOH A . 
C 3 HOH 199 599 199 HOH HOH A . 
C 3 HOH 200 600 200 HOH HOH A . 
C 3 HOH 201 601 201 HOH HOH A . 
C 3 HOH 202 602 202 HOH HOH A . 
C 3 HOH 203 603 203 HOH HOH A . 
C 3 HOH 204 604 204 HOH HOH A . 
C 3 HOH 205 605 205 HOH HOH A . 
C 3 HOH 206 606 206 HOH HOH A . 
C 3 HOH 207 607 207 HOH HOH A . 
C 3 HOH 208 608 208 HOH HOH A . 
C 3 HOH 209 609 209 HOH HOH A . 
C 3 HOH 210 610 210 HOH HOH A . 
C 3 HOH 211 611 211 HOH HOH A . 
C 3 HOH 212 612 212 HOH HOH A . 
C 3 HOH 213 613 213 HOH HOH A . 
C 3 HOH 214 614 214 HOH HOH A . 
C 3 HOH 215 615 215 HOH HOH A . 
C 3 HOH 216 616 216 HOH HOH A . 
C 3 HOH 217 617 217 HOH HOH A . 
C 3 HOH 218 618 218 HOH HOH A . 
C 3 HOH 219 619 219 HOH HOH A . 
C 3 HOH 220 620 220 HOH HOH A . 
C 3 HOH 221 621 221 HOH HOH A . 
C 3 HOH 222 622 222 HOH HOH A . 
C 3 HOH 223 623 223 HOH HOH A . 
C 3 HOH 224 624 224 HOH HOH A . 
C 3 HOH 225 625 225 HOH HOH A . 
C 3 HOH 226 626 226 HOH HOH A . 
C 3 HOH 227 627 227 HOH HOH A . 
C 3 HOH 228 628 228 HOH HOH A . 
C 3 HOH 229 629 229 HOH HOH A . 
C 3 HOH 230 630 230 HOH HOH A . 
# 
_pdbx_unobs_or_zero_occ_atoms.id               1 
_pdbx_unobs_or_zero_occ_atoms.PDB_model_num    1 
_pdbx_unobs_or_zero_occ_atoms.polymer_flag     Y 
_pdbx_unobs_or_zero_occ_atoms.occupancy_flag   1 
_pdbx_unobs_or_zero_occ_atoms.auth_asym_id     A 
_pdbx_unobs_or_zero_occ_atoms.auth_comp_id     SER 
_pdbx_unobs_or_zero_occ_atoms.auth_seq_id      170 
_pdbx_unobs_or_zero_occ_atoms.PDB_ins_code     ? 
_pdbx_unobs_or_zero_occ_atoms.auth_atom_id     OG 
_pdbx_unobs_or_zero_occ_atoms.label_alt_id     ? 
_pdbx_unobs_or_zero_occ_atoms.label_asym_id    A 
_pdbx_unobs_or_zero_occ_atoms.label_comp_id    SER 
_pdbx_unobs_or_zero_occ_atoms.label_seq_id     84 
_pdbx_unobs_or_zero_occ_atoms.label_atom_id    OG 
# 
loop_
_software.name 
_software.classification 
_software.version 
_software.citation_id 
_software.pdbx_ordinal 
SPring-8 'data collection' BBS                          ? 1 
PHENIX   'model building'  .                            ? 2 
PHENIX   refinement        '(phenix.refine: 1.7.1_743)' ? 3 
MOSFLM   'data reduction'  .                            ? 4 
SCALA    'data scaling'    .                            ? 5 
PHENIX   phasing           .                            ? 6 
# 
_cell.entry_id           3WZ3 
_cell.length_a           67.757 
_cell.length_b           67.757 
_cell.length_c           73.623 
_cell.angle_alpha        90.00 
_cell.angle_beta         90.00 
_cell.angle_gamma        90.00 
_cell.Z_PDB              8 
_cell.pdbx_unique_axis   ? 
_cell.length_a_esd       ? 
_cell.length_b_esd       ? 
_cell.length_c_esd       ? 
_cell.angle_alpha_esd    ? 
_cell.angle_beta_esd     ? 
_cell.angle_gamma_esd    ? 
# 
_symmetry.entry_id                         3WZ3 
_symmetry.space_group_name_H-M             'P 43 21 2' 
_symmetry.pdbx_full_space_group_name_H-M   ? 
_symmetry.cell_setting                     ? 
_symmetry.Int_Tables_number                96 
_symmetry.space_group_name_Hall            ? 
# 
_exptl.entry_id          3WZ3 
_exptl.method            'X-RAY DIFFRACTION' 
_exptl.crystals_number   1 
# 
_exptl_crystal.id                    1 
_exptl_crystal.density_meas          ? 
_exptl_crystal.density_Matthews      2.57 
_exptl_crystal.density_percent_sol   52.13 
_exptl_crystal.description           ? 
_exptl_crystal.F_000                 ? 
_exptl_crystal.preparation           ? 
# 
_exptl_crystal_grow.crystal_id      1 
_exptl_crystal_grow.method          'VAPOR DIFFUSION, HANGING DROP' 
_exptl_crystal_grow.temp            293 
_exptl_crystal_grow.temp_details    ? 
_exptl_crystal_grow.pH              9.0 
_exptl_crystal_grow.pdbx_details    '0.05M Glycine pH9.0, 0.8M Lithium sulfate, VAPOR DIFFUSION, HANGING DROP, temperature 293K' 
_exptl_crystal_grow.pdbx_pH_range   ? 
# 
_diffrn.id                     1 
_diffrn.ambient_temp           95 
_diffrn.ambient_temp_details   ? 
_diffrn.crystal_id             1 
# 
_diffrn_detector.diffrn_id              1 
_diffrn_detector.detector               CCD 
_diffrn_detector.type                   'RAYONIX MX225HE' 
_diffrn_detector.pdbx_collection_date   2011-02-16 
_diffrn_detector.details                ? 
# 
_diffrn_radiation.diffrn_id                        1 
_diffrn_radiation.wavelength_id                    1 
_diffrn_radiation.pdbx_monochromatic_or_laue_m_l   M 
_diffrn_radiation.monochromator                    'Double-crystal monochromator' 
_diffrn_radiation.pdbx_diffrn_protocol             'SINGLE WAVELENGTH' 
_diffrn_radiation.pdbx_scattering_type             x-ray 
# 
_diffrn_radiation_wavelength.id           1 
_diffrn_radiation_wavelength.wavelength   0.97910 
_diffrn_radiation_wavelength.wt           1.0 
# 
_diffrn_source.diffrn_id                   1 
_diffrn_source.source                      SYNCHROTRON 
_diffrn_source.type                        'SPRING-8 BEAMLINE BL32XU' 
_diffrn_source.pdbx_synchrotron_site       SPring-8 
_diffrn_source.pdbx_synchrotron_beamline   BL32XU 
_diffrn_source.pdbx_wavelength             ? 
_diffrn_source.pdbx_wavelength_list        0.97910 
# 
_reflns.entry_id                     3WZ3 
_reflns.observed_criterion_sigma_I   0 
_reflns.observed_criterion_sigma_F   0 
_reflns.d_resolution_low             24.9 
_reflns.d_resolution_high            1.5 
_reflns.number_obs                   27756 
_reflns.number_all                   27756 
_reflns.percent_possible_obs         99.0 
_reflns.pdbx_Rmerge_I_obs            0.115 
_reflns.pdbx_Rsym_value              0.115 
_reflns.pdbx_netI_over_sigmaI        17.4 
_reflns.B_iso_Wilson_estimate        11.5 
_reflns.pdbx_redundancy              21.1 
_reflns.R_free_details               ? 
_reflns.limit_h_max                  ? 
_reflns.limit_h_min                  ? 
_reflns.limit_k_max                  ? 
_reflns.limit_k_min                  ? 
_reflns.limit_l_max                  ? 
_reflns.limit_l_min                  ? 
_reflns.observed_criterion_F_max     ? 
_reflns.observed_criterion_F_min     ? 
_reflns.pdbx_chi_squared             ? 
_reflns.pdbx_scaling_rejects         ? 
_reflns.pdbx_ordinal                 1 
_reflns.pdbx_diffrn_id               1 
# 
_reflns_shell.d_res_high                  1.5 
_reflns_shell.d_res_low                   1.58 
_reflns_shell.percent_possible_all        98.0 
_reflns_shell.Rmerge_I_obs                0.351 
_reflns_shell.pdbx_Rsym_value             ? 
_reflns_shell.meanI_over_sigI_obs         8.9 
_reflns_shell.pdbx_redundancy             21.4 
_reflns_shell.percent_possible_obs        ? 
_reflns_shell.number_unique_all           3907 
_reflns_shell.number_measured_all         ? 
_reflns_shell.number_measured_obs         ? 
_reflns_shell.number_unique_obs           ? 
_reflns_shell.pdbx_chi_squared            ? 
_reflns_shell.pdbx_rejects                ? 
_reflns_shell.pdbx_netI_over_sigmaI_obs   ? 
_reflns_shell.number_possible             ? 
_reflns_shell.Rmerge_F_all                ? 
_reflns_shell.Rmerge_F_obs                ? 
_reflns_shell.Rmerge_I_all                ? 
_reflns_shell.meanI_over_sigI_all         ? 
_reflns_shell.pdbx_Rrim_I_all             ? 
_reflns_shell.pdbx_Rpim_I_all             ? 
_reflns_shell.pdbx_ordinal                1 
_reflns_shell.pdbx_diffrn_id              1 
# 
_refine.entry_id                                 3WZ3 
_refine.ls_number_reflns_obs                     27723 
_refine.ls_number_reflns_all                     27723 
_refine.pdbx_ls_sigma_I                          ? 
_refine.pdbx_ls_sigma_F                          1.43 
_refine.pdbx_data_cutoff_high_absF               ? 
_refine.pdbx_data_cutoff_low_absF                ? 
_refine.pdbx_data_cutoff_high_rms_absF           ? 
_refine.ls_d_res_low                             23.956 
_refine.ls_d_res_high                            1.500 
_refine.ls_percent_reflns_obs                    98.78 
_refine.ls_R_factor_obs                          0.1823 
_refine.ls_R_factor_all                          ? 
_refine.ls_R_factor_R_work                       0.1804 
_refine.ls_R_factor_R_free                       0.2068 
_refine.ls_R_factor_R_free_error                 ? 
_refine.ls_R_factor_R_free_error_details         ? 
_refine.ls_percent_reflns_R_free                 7.24 
_refine.ls_number_reflns_R_free                  2008 
_refine.ls_number_parameters                     ? 
_refine.ls_number_restraints                     ? 
_refine.occupancy_min                            ? 
_refine.occupancy_max                            ? 
_refine.correlation_coeff_Fo_to_Fc               ? 
_refine.correlation_coeff_Fo_to_Fc_free          ? 
_refine.B_iso_mean                               ? 
_refine.aniso_B[1][1]                            -1.0231 
_refine.aniso_B[2][2]                            -1.0231 
_refine.aniso_B[3][3]                            2.0462 
_refine.aniso_B[1][2]                            0.0000 
_refine.aniso_B[1][3]                            -0.0000 
_refine.aniso_B[2][3]                            0.0000 
_refine.solvent_model_details                    'FLAT BULK SOLVENT MODEL' 
_refine.solvent_model_param_ksol                 0.372 
_refine.solvent_model_param_bsol                 45.469 
_refine.pdbx_solvent_vdw_probe_radii             1.11 
_refine.pdbx_solvent_ion_probe_radii             ? 
_refine.pdbx_solvent_shrinkage_radii             0.90 
_refine.pdbx_ls_cross_valid_method               ? 
_refine.details                                  ? 
_refine.pdbx_starting_model                      ? 
_refine.pdbx_method_to_determine_struct          SAD 
_refine.pdbx_isotropic_thermal_model             ? 
_refine.pdbx_stereochemistry_target_values       ML 
_refine.pdbx_stereochem_target_val_spec_case     ? 
_refine.pdbx_R_Free_selection_details            RANDOM 
_refine.pdbx_overall_ESU_R                       ? 
_refine.pdbx_overall_ESU_R_Free                  ? 
_refine.overall_SU_ML                            0.26 
_refine.pdbx_overall_phase_error                 17.79 
_refine.overall_SU_B                             ? 
_refine.overall_SU_R_Cruickshank_DPI             ? 
_refine.ls_redundancy_reflns_obs                 ? 
_refine.B_iso_min                                ? 
_refine.B_iso_max                                ? 
_refine.overall_SU_R_free                        ? 
_refine.ls_wR_factor_R_free                      ? 
_refine.ls_wR_factor_R_work                      ? 
_refine.overall_FOM_free_R_set                   ? 
_refine.overall_FOM_work_R_set                   ? 
_refine.pdbx_diffrn_id                           1 
_refine.pdbx_refine_id                           'X-RAY DIFFRACTION' 
_refine.pdbx_TLS_residual_ADP_flag               ? 
_refine.pdbx_overall_SU_R_free_Cruickshank_DPI   ? 
_refine.pdbx_overall_SU_R_Blow_DPI               ? 
_refine.pdbx_overall_SU_R_free_Blow_DPI          ? 
# 
_refine_hist.pdbx_refine_id                   'X-RAY DIFFRACTION' 
_refine_hist.cycle_id                         LAST 
_refine_hist.pdbx_number_atoms_protein        1085 
_refine_hist.pdbx_number_atoms_nucleic_acid   0 
_refine_hist.pdbx_number_atoms_ligand         5 
_refine_hist.number_atoms_solvent             230 
_refine_hist.number_atoms_total               1320 
_refine_hist.d_res_high                       1.500 
_refine_hist.d_res_low                        23.956 
# 
loop_
_refine_ls_restr.type 
_refine_ls_restr.dev_ideal 
_refine_ls_restr.dev_ideal_target 
_refine_ls_restr.weight 
_refine_ls_restr.number 
_refine_ls_restr.pdbx_restraint_function 
_refine_ls_restr.pdbx_refine_id 
f_bond_d           0.009  ? ? 1135 ? 'X-RAY DIFFRACTION' 
f_angle_d          1.219  ? ? 1538 ? 'X-RAY DIFFRACTION' 
f_dihedral_angle_d 14.596 ? ? 425  ? 'X-RAY DIFFRACTION' 
f_chiral_restr     0.090  ? ? 166  ? 'X-RAY DIFFRACTION' 
f_plane_restr      0.005  ? ? 199  ? 'X-RAY DIFFRACTION' 
# 
loop_
_refine_ls_shell.pdbx_refine_id 
_refine_ls_shell.pdbx_total_number_of_bins_used 
_refine_ls_shell.d_res_high 
_refine_ls_shell.d_res_low 
_refine_ls_shell.number_reflns_R_work 
_refine_ls_shell.R_factor_R_work 
_refine_ls_shell.percent_reflns_obs 
_refine_ls_shell.R_factor_R_free 
_refine_ls_shell.R_factor_R_free_error 
_refine_ls_shell.percent_reflns_R_free 
_refine_ls_shell.number_reflns_R_free 
_refine_ls_shell.number_reflns_all 
_refine_ls_shell.R_factor_all 
_refine_ls_shell.number_reflns_obs 
_refine_ls_shell.redundancy_reflns_obs 
'X-RAY DIFFRACTION' 14 1.5001 1.5376  1765 0.1803 97.00  0.2149 . . 144 . . . . 
'X-RAY DIFFRACTION' 14 1.5376 1.5792  1780 0.1765 98.00  0.2109 . . 140 . . . . 
'X-RAY DIFFRACTION' 14 1.5792 1.6256  1795 0.1749 98.00  0.1992 . . 136 . . . . 
'X-RAY DIFFRACTION' 14 1.6256 1.6781  1783 0.1738 98.00  0.2000 . . 143 . . . . 
'X-RAY DIFFRACTION' 14 1.6781 1.7380  1816 0.1720 99.00  0.2074 . . 136 . . . . 
'X-RAY DIFFRACTION' 14 1.7380 1.8076  1790 0.1724 98.00  0.2053 . . 143 . . . . 
'X-RAY DIFFRACTION' 14 1.8076 1.8898  1837 0.1753 99.00  0.2097 . . 136 . . . . 
'X-RAY DIFFRACTION' 14 1.8898 1.9894  1810 0.1728 99.00  0.2149 . . 141 . . . . 
'X-RAY DIFFRACTION' 14 1.9894 2.1140  1841 0.1759 99.00  0.2503 . . 143 . . . . 
'X-RAY DIFFRACTION' 14 2.1140 2.2771  1848 0.1727 99.00  0.2019 . . 143 . . . . 
'X-RAY DIFFRACTION' 14 2.2771 2.5060  1855 0.1809 99.00  0.1832 . . 135 . . . . 
'X-RAY DIFFRACTION' 14 2.5060 2.8682  1879 0.1860 100.00 0.2091 . . 147 . . . . 
'X-RAY DIFFRACTION' 14 2.8682 3.6116  1897 0.1872 100.00 0.1931 . . 158 . . . . 
'X-RAY DIFFRACTION' 14 3.6116 23.9587 2019 0.1874 100.00 0.2124 . . 163 . . . . 
# 
_struct.entry_id                  3WZ3 
_struct.title                     'Structure of a periplasmic fragment of TraM' 
_struct.pdbx_model_details        ? 
_struct.pdbx_CASP_flag            ? 
_struct.pdbx_model_type_details   ? 
# 
_struct_keywords.entry_id        3WZ3 
_struct_keywords.pdbx_keywords   'UNKNOWN FUNCTION' 
_struct_keywords.text            'type IVB secretion, UNKNOWN FUNCTION' 
# 
loop_
_struct_asym.id 
_struct_asym.pdbx_blank_PDB_chainid_flag 
_struct_asym.pdbx_modified 
_struct_asym.entity_id 
_struct_asym.details 
A N N 1 ? 
B N N 2 ? 
C N N 3 ? 
# 
_struct_ref.id                         1 
_struct_ref.db_name                    UNP 
_struct_ref.db_code                    Q9R2H2_9ZZZZ 
_struct_ref.pdbx_db_accession          Q9R2H2 
_struct_ref.entity_id                  1 
_struct_ref.pdbx_seq_one_letter_code   
;WSQNDAMAFGSQALATAFNLDFVHYRSQISSLSPRFSDEGFAGYVNALQASNILETIKKEKMNLTATTGAGVLVRQGQMS
DGVWFWTFQYPVRMRLVGQTTSKPEQSFVFEITIQRVDPRLKPSGMEIRQMISRNAGPNS
;
_struct_ref.pdbx_align_begin           91 
_struct_ref.pdbx_db_isoform            ? 
# 
_struct_ref_seq.align_id                      1 
_struct_ref_seq.ref_id                        1 
_struct_ref_seq.pdbx_PDB_id_code              3WZ3 
_struct_ref_seq.pdbx_strand_id                A 
_struct_ref_seq.seq_align_beg                 5 
_struct_ref_seq.pdbx_seq_align_beg_ins_code   ? 
_struct_ref_seq.seq_align_end                 144 
_struct_ref_seq.pdbx_seq_align_end_ins_code   ? 
_struct_ref_seq.pdbx_db_accession             Q9R2H2 
_struct_ref_seq.db_align_beg                  91 
_struct_ref_seq.pdbx_db_align_beg_ins_code    ? 
_struct_ref_seq.db_align_end                  230 
_struct_ref_seq.pdbx_db_align_end_ins_code    ? 
_struct_ref_seq.pdbx_auth_seq_align_beg       91 
_struct_ref_seq.pdbx_auth_seq_align_end       230 
# 
loop_
_struct_ref_seq_dif.align_id 
_struct_ref_seq_dif.pdbx_pdb_id_code 
_struct_ref_seq_dif.mon_id 
_struct_ref_seq_dif.pdbx_pdb_strand_id 
_struct_ref_seq_dif.seq_num 
_struct_ref_seq_dif.pdbx_pdb_ins_code 
_struct_ref_seq_dif.pdbx_seq_db_name 
_struct_ref_seq_dif.pdbx_seq_db_accession_code 
_struct_ref_seq_dif.db_mon_id 
_struct_ref_seq_dif.pdbx_seq_db_seq_num 
_struct_ref_seq_dif.details 
_struct_ref_seq_dif.pdbx_auth_seq_num 
_struct_ref_seq_dif.pdbx_ordinal 
1 3WZ3 GLY A 1 ? UNP Q9R2H2 ? ? 'expression tag' 87 1 
1 3WZ3 SER A 2 ? UNP Q9R2H2 ? ? 'expression tag' 88 2 
1 3WZ3 HIS A 3 ? UNP Q9R2H2 ? ? 'expression tag' 89 3 
1 3WZ3 MSE A 4 ? UNP Q9R2H2 ? ? 'expression tag' 90 4 
# 
_pdbx_struct_assembly.id                   1 
_pdbx_struct_assembly.details              author_and_software_defined_assembly 
_pdbx_struct_assembly.method_details       PISA 
_pdbx_struct_assembly.oligomeric_details   monomeric 
_pdbx_struct_assembly.oligomeric_count     1 
# 
_pdbx_struct_assembly_gen.assembly_id       1 
_pdbx_struct_assembly_gen.oper_expression   1 
_pdbx_struct_assembly_gen.asym_id_list      A,B,C 
# 
_pdbx_struct_oper_list.id                   1 
_pdbx_struct_oper_list.type                 'identity operation' 
_pdbx_struct_oper_list.name                 1_555 
_pdbx_struct_oper_list.symmetry_operation   x,y,z 
_pdbx_struct_oper_list.matrix[1][1]         1.0000000000 
_pdbx_struct_oper_list.matrix[1][2]         0.0000000000 
_pdbx_struct_oper_list.matrix[1][3]         0.0000000000 
_pdbx_struct_oper_list.vector[1]            0.0000000000 
_pdbx_struct_oper_list.matrix[2][1]         0.0000000000 
_pdbx_struct_oper_list.matrix[2][2]         1.0000000000 
_pdbx_struct_oper_list.matrix[2][3]         0.0000000000 
_pdbx_struct_oper_list.vector[2]            0.0000000000 
_pdbx_struct_oper_list.matrix[3][1]         0.0000000000 
_pdbx_struct_oper_list.matrix[3][2]         0.0000000000 
_pdbx_struct_oper_list.matrix[3][3]         1.0000000000 
_pdbx_struct_oper_list.vector[3]            0.0000000000 
# 
_struct_biol.id        1 
_struct_biol.details   'AUTHOR DETERMINED BIOLOGICAL UNIT: UNKNOWN' 
# 
loop_
_struct_conf.conf_type_id 
_struct_conf.id 
_struct_conf.pdbx_PDB_helix_id 
_struct_conf.beg_label_comp_id 
_struct_conf.beg_label_asym_id 
_struct_conf.beg_label_seq_id 
_struct_conf.pdbx_beg_PDB_ins_code 
_struct_conf.end_label_comp_id 
_struct_conf.end_label_asym_id 
_struct_conf.end_label_seq_id 
_struct_conf.pdbx_end_PDB_ins_code 
_struct_conf.beg_auth_comp_id 
_struct_conf.beg_auth_asym_id 
_struct_conf.beg_auth_seq_id 
_struct_conf.end_auth_comp_id 
_struct_conf.end_auth_asym_id 
_struct_conf.end_auth_seq_id 
_struct_conf.pdbx_PDB_helix_class 
_struct_conf.details 
_struct_conf.pdbx_PDB_helix_length 
HELX_P HELX_P1 1 SER A 6  ? ASN A 23 ? SER A 92  ASN A 109 1 ? 18 
HELX_P HELX_P2 2 HIS A 28 ? LEU A 36 ? HIS A 114 LEU A 122 1 ? 9  
HELX_P HELX_P3 3 SER A 37 ? PHE A 40 ? SER A 123 PHE A 126 5 ? 4  
HELX_P HELX_P4 4 SER A 41 ? SER A 55 ? SER A 127 SER A 141 1 ? 15 
HELX_P HELX_P5 5 ASN A 56 ? LYS A 65 ? ASN A 142 LYS A 151 1 ? 10 
# 
_struct_conf_type.id          HELX_P 
_struct_conf_type.criteria    ? 
_struct_conf_type.reference   ? 
# 
loop_
_struct_conn.id 
_struct_conn.conn_type_id 
_struct_conn.pdbx_leaving_atom_flag 
_struct_conn.pdbx_PDB_id 
_struct_conn.ptnr1_label_asym_id 
_struct_conn.ptnr1_label_comp_id 
_struct_conn.ptnr1_label_seq_id 
_struct_conn.ptnr1_label_atom_id 
_struct_conn.pdbx_ptnr1_label_alt_id 
_struct_conn.pdbx_ptnr1_PDB_ins_code 
_struct_conn.pdbx_ptnr1_standard_comp_id 
_struct_conn.ptnr1_symmetry 
_struct_conn.ptnr2_label_asym_id 
_struct_conn.ptnr2_label_comp_id 
_struct_conn.ptnr2_label_seq_id 
_struct_conn.ptnr2_label_atom_id 
_struct_conn.pdbx_ptnr2_label_alt_id 
_struct_conn.pdbx_ptnr2_PDB_ins_code 
_struct_conn.ptnr1_auth_asym_id 
_struct_conn.ptnr1_auth_comp_id 
_struct_conn.ptnr1_auth_seq_id 
_struct_conn.ptnr2_auth_asym_id 
_struct_conn.ptnr2_auth_comp_id 
_struct_conn.ptnr2_auth_seq_id 
_struct_conn.ptnr2_symmetry 
_struct_conn.pdbx_ptnr3_label_atom_id 
_struct_conn.pdbx_ptnr3_label_seq_id 
_struct_conn.pdbx_ptnr3_label_comp_id 
_struct_conn.pdbx_ptnr3_label_asym_id 
_struct_conn.pdbx_ptnr3_label_alt_id 
_struct_conn.pdbx_ptnr3_PDB_ins_code 
_struct_conn.details 
_struct_conn.pdbx_dist_value 
_struct_conn.pdbx_value_order 
_struct_conn.pdbx_role 
covale1  covale both ? A MSE 4   C ? ? ? 1_555 A TRP 5   N ? ? A MSE 90  A TRP 91  1_555 ? ? ? ? ? ? ? 1.342 ? ? 
covale2  covale both ? A ALA 10  C ? ? ? 1_555 A MSE 11  N ? ? A ALA 96  A MSE 97  1_555 ? ? ? ? ? ? ? 1.330 ? ? 
covale3  covale both ? A MSE 11  C ? ? ? 1_555 A ALA 12  N ? ? A MSE 97  A ALA 98  1_555 ? ? ? ? ? ? ? 1.336 ? ? 
covale4  covale both ? A LYS 65  C ? ? ? 1_555 A MSE 66  N ? ? A LYS 151 A MSE 152 1_555 ? ? ? ? ? ? ? 1.326 ? ? 
covale5  covale both ? A MSE 66  C ? ? ? 1_555 A ASN 67  N ? ? A MSE 152 A ASN 153 1_555 ? ? ? ? ? ? ? 1.323 ? ? 
covale6  covale both ? A GLN 82  C ? ? ? 1_555 A MSE 83  N ? ? A GLN 168 A MSE 169 1_555 ? ? ? ? ? ? ? 1.322 ? ? 
covale7  covale both ? A MSE 83  C ? ? ? 1_555 A SER 84  N ? ? A MSE 169 A SER 170 1_555 ? ? ? ? ? ? ? 1.330 ? ? 
covale8  covale both ? A ARG 97  C ? ? ? 1_555 A MSE 98  N ? ? A ARG 183 A MSE 184 1_555 ? ? ? ? ? ? ? 1.322 ? ? 
covale9  covale both ? A MSE 98  C ? ? ? 1_555 A ARG 99  N ? ? A MSE 184 A ARG 185 1_555 ? ? ? ? ? ? ? 1.322 ? ? 
covale10 covale both ? A GLY 129 C ? ? ? 1_555 A MSE 130 N ? ? A GLY 215 A MSE 216 1_555 ? ? ? ? ? ? ? 1.333 ? ? 
covale11 covale both ? A MSE 130 C ? ? ? 1_555 A GLU 131 N ? ? A MSE 216 A GLU 217 1_555 ? ? ? ? ? ? ? 1.328 ? ? 
covale12 covale both ? A GLN 134 C ? ? ? 1_555 A MSE 135 N ? ? A GLN 220 A MSE 221 1_555 ? ? ? ? ? ? ? 1.334 ? ? 
covale13 covale both ? A MSE 135 C ? ? ? 1_555 A ILE 136 N ? ? A MSE 221 A ILE 222 1_555 ? ? ? ? ? ? ? 1.328 ? ? 
# 
_struct_conn_type.id          covale 
_struct_conn_type.criteria    ? 
_struct_conn_type.reference   ? 
# 
loop_
_pdbx_modification_feature.ordinal 
_pdbx_modification_feature.label_comp_id 
_pdbx_modification_feature.label_asym_id 
_pdbx_modification_feature.label_seq_id 
_pdbx_modification_feature.label_alt_id 
_pdbx_modification_feature.modified_residue_label_comp_id 
_pdbx_modification_feature.modified_residue_label_asym_id 
_pdbx_modification_feature.modified_residue_label_seq_id 
_pdbx_modification_feature.modified_residue_label_alt_id 
_pdbx_modification_feature.auth_comp_id 
_pdbx_modification_feature.auth_asym_id 
_pdbx_modification_feature.auth_seq_id 
_pdbx_modification_feature.PDB_ins_code 
_pdbx_modification_feature.symmetry 
_pdbx_modification_feature.modified_residue_auth_comp_id 
_pdbx_modification_feature.modified_residue_auth_asym_id 
_pdbx_modification_feature.modified_residue_auth_seq_id 
_pdbx_modification_feature.modified_residue_PDB_ins_code 
_pdbx_modification_feature.modified_residue_symmetry 
_pdbx_modification_feature.comp_id_linking_atom 
_pdbx_modification_feature.modified_residue_id_linking_atom 
_pdbx_modification_feature.modified_residue_id 
_pdbx_modification_feature.ref_pcm_id 
_pdbx_modification_feature.ref_comp_id 
_pdbx_modification_feature.type 
_pdbx_modification_feature.category 
1 MSE A 4   ? . . . . MSE A 90  ? 1_555 . . . . . . . MET 1 MSE Selenomethionine 'Named protein modification' 
2 MSE A 11  ? . . . . MSE A 97  ? 1_555 . . . . . . . MET 1 MSE Selenomethionine 'Named protein modification' 
3 MSE A 66  ? . . . . MSE A 152 ? 1_555 . . . . . . . MET 1 MSE Selenomethionine 'Named protein modification' 
4 MSE A 83  ? . . . . MSE A 169 ? 1_555 . . . . . . . MET 1 MSE Selenomethionine 'Named protein modification' 
5 MSE A 98  ? . . . . MSE A 184 ? 1_555 . . . . . . . MET 1 MSE Selenomethionine 'Named protein modification' 
6 MSE A 130 ? . . . . MSE A 216 ? 1_555 . . . . . . . MET 1 MSE Selenomethionine 'Named protein modification' 
7 MSE A 135 ? . . . . MSE A 221 ? 1_555 . . . . . . . MET 1 MSE Selenomethionine 'Named protein modification' 
# 
loop_
_struct_sheet.id 
_struct_sheet.type 
_struct_sheet.number_strands 
_struct_sheet.details 
A ? 3 ? 
B ? 4 ? 
# 
loop_
_struct_sheet_order.sheet_id 
_struct_sheet_order.range_id_1 
_struct_sheet_order.range_id_2 
_struct_sheet_order.offset 
_struct_sheet_order.sense 
A 1 2 ? anti-parallel 
A 2 3 ? anti-parallel 
B 1 2 ? anti-parallel 
B 2 3 ? anti-parallel 
B 3 4 ? anti-parallel 
# 
loop_
_struct_sheet_range.sheet_id 
_struct_sheet_range.id 
_struct_sheet_range.beg_label_comp_id 
_struct_sheet_range.beg_label_asym_id 
_struct_sheet_range.beg_label_seq_id 
_struct_sheet_range.pdbx_beg_PDB_ins_code 
_struct_sheet_range.end_label_comp_id 
_struct_sheet_range.end_label_asym_id 
_struct_sheet_range.end_label_seq_id 
_struct_sheet_range.pdbx_end_PDB_ins_code 
_struct_sheet_range.beg_auth_comp_id 
_struct_sheet_range.beg_auth_asym_id 
_struct_sheet_range.beg_auth_seq_id 
_struct_sheet_range.end_auth_comp_id 
_struct_sheet_range.end_auth_asym_id 
_struct_sheet_range.end_auth_seq_id 
A 1 ASN A 67  ? THR A 72  ? ASN A 153 THR A 158 
A 2 TRP A 88  ? VAL A 101 ? TRP A 174 VAL A 187 
A 3 VAL A 76  ? GLN A 82  ? VAL A 162 GLN A 168 
B 1 ASN A 67  ? THR A 72  ? ASN A 153 THR A 158 
B 2 TRP A 88  ? VAL A 101 ? TRP A 174 VAL A 187 
B 3 GLN A 110 ? ARG A 120 ? GLN A 196 ARG A 206 
B 4 MSE A 130 ? ASN A 139 ? MSE A 216 ASN A 225 
# 
loop_
_pdbx_struct_sheet_hbond.sheet_id 
_pdbx_struct_sheet_hbond.range_id_1 
_pdbx_struct_sheet_hbond.range_id_2 
_pdbx_struct_sheet_hbond.range_1_label_atom_id 
_pdbx_struct_sheet_hbond.range_1_label_comp_id 
_pdbx_struct_sheet_hbond.range_1_label_asym_id 
_pdbx_struct_sheet_hbond.range_1_label_seq_id 
_pdbx_struct_sheet_hbond.range_1_PDB_ins_code 
_pdbx_struct_sheet_hbond.range_1_auth_atom_id 
_pdbx_struct_sheet_hbond.range_1_auth_comp_id 
_pdbx_struct_sheet_hbond.range_1_auth_asym_id 
_pdbx_struct_sheet_hbond.range_1_auth_seq_id 
_pdbx_struct_sheet_hbond.range_2_label_atom_id 
_pdbx_struct_sheet_hbond.range_2_label_comp_id 
_pdbx_struct_sheet_hbond.range_2_label_asym_id 
_pdbx_struct_sheet_hbond.range_2_label_seq_id 
_pdbx_struct_sheet_hbond.range_2_PDB_ins_code 
_pdbx_struct_sheet_hbond.range_2_auth_atom_id 
_pdbx_struct_sheet_hbond.range_2_auth_comp_id 
_pdbx_struct_sheet_hbond.range_2_auth_asym_id 
_pdbx_struct_sheet_hbond.range_2_auth_seq_id 
A 1 2 N ASN A 67  ? N ASN A 153 O VAL A 101 ? O VAL A 187 
A 2 3 O THR A 91  ? O THR A 177 N VAL A 78  ? N VAL A 164 
B 1 2 N ASN A 67  ? N ASN A 153 O VAL A 101 ? O VAL A 187 
B 2 3 N TYR A 94  ? N TYR A 180 O PHE A 114 ? O PHE A 200 
B 3 4 N GLU A 115 ? N GLU A 201 O ILE A 136 ? O ILE A 222 
# 
_struct_site.id                   AC1 
_struct_site.pdbx_evidence_code   Software 
_struct_site.pdbx_auth_asym_id    A 
_struct_site.pdbx_auth_comp_id    SO4 
_struct_site.pdbx_auth_seq_id     301 
_struct_site.pdbx_auth_ins_code   ? 
_struct_site.pdbx_num_residues    9 
_struct_site.details              'BINDING SITE FOR RESIDUE SO4 A 301' 
# 
loop_
_struct_site_gen.id 
_struct_site_gen.site_id 
_struct_site_gen.pdbx_num_res 
_struct_site_gen.label_comp_id 
_struct_site_gen.label_asym_id 
_struct_site_gen.label_seq_id 
_struct_site_gen.pdbx_auth_ins_code 
_struct_site_gen.auth_comp_id 
_struct_site_gen.auth_asym_id 
_struct_site_gen.auth_seq_id 
_struct_site_gen.label_atom_id 
_struct_site_gen.label_alt_id 
_struct_site_gen.symmetry 
_struct_site_gen.details 
1 AC1 9 SER A 37 ? SER A 123 . ? 1_555 ? 
2 AC1 9 PRO A 38 ? PRO A 124 . ? 1_555 ? 
3 AC1 9 ARG A 79 ? ARG A 165 . ? 4_455 ? 
4 AC1 9 HOH C .  ? HOH A 404 . ? 1_555 ? 
5 AC1 9 HOH C .  ? HOH A 428 . ? 1_555 ? 
6 AC1 9 HOH C .  ? HOH A 452 . ? 4_455 ? 
7 AC1 9 HOH C .  ? HOH A 496 . ? 1_555 ? 
8 AC1 9 HOH C .  ? HOH A 506 . ? 1_555 ? 
9 AC1 9 HOH C .  ? HOH A 593 . ? 1_555 ? 
# 
_pdbx_entry_details.entry_id                   3WZ3 
_pdbx_entry_details.compound_details           ? 
_pdbx_entry_details.source_details             ? 
_pdbx_entry_details.nonpolymer_details         ? 
_pdbx_entry_details.sequence_details           ? 
_pdbx_entry_details.has_ligand_of_interest     ? 
_pdbx_entry_details.has_protein_modification   Y 
# 
loop_
_pdbx_validate_close_contact.id 
_pdbx_validate_close_contact.PDB_model_num 
_pdbx_validate_close_contact.auth_atom_id_1 
_pdbx_validate_close_contact.auth_asym_id_1 
_pdbx_validate_close_contact.auth_comp_id_1 
_pdbx_validate_close_contact.auth_seq_id_1 
_pdbx_validate_close_contact.PDB_ins_code_1 
_pdbx_validate_close_contact.label_alt_id_1 
_pdbx_validate_close_contact.auth_atom_id_2 
_pdbx_validate_close_contact.auth_asym_id_2 
_pdbx_validate_close_contact.auth_comp_id_2 
_pdbx_validate_close_contact.auth_seq_id_2 
_pdbx_validate_close_contact.PDB_ins_code_2 
_pdbx_validate_close_contact.label_alt_id_2 
_pdbx_validate_close_contact.dist 
1  1 OE1 A GLN 102 ? ? O A HOH 597 ? ? 1.87 
2  1 O   A HOH 626 ? ? O A HOH 629 ? ? 1.91 
3  1 O   A HOH 532 ? ? O A HOH 616 ? ? 1.92 
4  1 O   A HOH 495 ? ? O A HOH 498 ? ? 1.94 
5  1 O   A HOH 476 ? ? O A HOH 615 ? ? 2.04 
6  1 OE2 A GLU 129 ? ? O A HOH 465 ? ? 2.07 
7  1 O   A HOH 551 ? ? O A HOH 587 ? ? 2.10 
8  1 O   A HOH 547 ? ? O A HOH 598 ? ? 2.10 
9  1 O   A HOH 494 ? ? O A HOH 505 ? ? 2.10 
10 1 O   A HOH 567 ? ? O A HOH 574 ? ? 2.12 
11 1 O   A HOH 582 ? ? O A HOH 616 ? ? 2.14 
12 1 O   A HOH 573 ? ? O A HOH 620 ? ? 2.15 
13 1 O   A HOH 470 ? ? O A HOH 558 ? ? 2.17 
14 1 NH1 A ARG 116 ? ? O A HOH 594 ? ? 2.18 
15 1 O   A HOH 481 ? ? O A HOH 592 ? ? 2.19 
# 
loop_
_pdbx_validate_symm_contact.id 
_pdbx_validate_symm_contact.PDB_model_num 
_pdbx_validate_symm_contact.auth_atom_id_1 
_pdbx_validate_symm_contact.auth_asym_id_1 
_pdbx_validate_symm_contact.auth_comp_id_1 
_pdbx_validate_symm_contact.auth_seq_id_1 
_pdbx_validate_symm_contact.PDB_ins_code_1 
_pdbx_validate_symm_contact.label_alt_id_1 
_pdbx_validate_symm_contact.site_symmetry_1 
_pdbx_validate_symm_contact.auth_atom_id_2 
_pdbx_validate_symm_contact.auth_asym_id_2 
_pdbx_validate_symm_contact.auth_comp_id_2 
_pdbx_validate_symm_contact.auth_seq_id_2 
_pdbx_validate_symm_contact.PDB_ins_code_2 
_pdbx_validate_symm_contact.label_alt_id_2 
_pdbx_validate_symm_contact.site_symmetry_2 
_pdbx_validate_symm_contact.dist 
1 1 O A HOH 524 ? ? 1_555 O A HOH 533 ? ? 3_554 2.07 
2 1 O A HOH 438 ? ? 1_555 O A HOH 496 ? ? 3_554 2.16 
# 
loop_
_pdbx_struct_mod_residue.id 
_pdbx_struct_mod_residue.label_asym_id 
_pdbx_struct_mod_residue.label_comp_id 
_pdbx_struct_mod_residue.label_seq_id 
_pdbx_struct_mod_residue.auth_asym_id 
_pdbx_struct_mod_residue.auth_comp_id 
_pdbx_struct_mod_residue.auth_seq_id 
_pdbx_struct_mod_residue.PDB_ins_code 
_pdbx_struct_mod_residue.parent_comp_id 
_pdbx_struct_mod_residue.details 
1 A MSE 4   A MSE 90  ? MET SELENOMETHIONINE 
2 A MSE 11  A MSE 97  ? MET SELENOMETHIONINE 
3 A MSE 66  A MSE 152 ? MET SELENOMETHIONINE 
4 A MSE 83  A MSE 169 ? MET SELENOMETHIONINE 
5 A MSE 98  A MSE 184 ? MET SELENOMETHIONINE 
6 A MSE 130 A MSE 216 ? MET SELENOMETHIONINE 
7 A MSE 135 A MSE 221 ? MET SELENOMETHIONINE 
# 
loop_
_pdbx_struct_special_symmetry.id 
_pdbx_struct_special_symmetry.PDB_model_num 
_pdbx_struct_special_symmetry.auth_asym_id 
_pdbx_struct_special_symmetry.auth_comp_id 
_pdbx_struct_special_symmetry.auth_seq_id 
_pdbx_struct_special_symmetry.PDB_ins_code 
_pdbx_struct_special_symmetry.label_asym_id 
_pdbx_struct_special_symmetry.label_comp_id 
_pdbx_struct_special_symmetry.label_seq_id 
1 1 A HOH 555 ? C HOH . 
2 1 A HOH 595 ? C HOH . 
3 1 A HOH 618 ? C HOH . 
# 
loop_
_pdbx_unobs_or_zero_occ_residues.id 
_pdbx_unobs_or_zero_occ_residues.PDB_model_num 
_pdbx_unobs_or_zero_occ_residues.polymer_flag 
_pdbx_unobs_or_zero_occ_residues.occupancy_flag 
_pdbx_unobs_or_zero_occ_residues.auth_asym_id 
_pdbx_unobs_or_zero_occ_residues.auth_comp_id 
_pdbx_unobs_or_zero_occ_residues.auth_seq_id 
_pdbx_unobs_or_zero_occ_residues.PDB_ins_code 
_pdbx_unobs_or_zero_occ_residues.label_asym_id 
_pdbx_unobs_or_zero_occ_residues.label_comp_id 
_pdbx_unobs_or_zero_occ_residues.label_seq_id 
1 1 Y 1 A GLY 87  ? A GLY 1   
2 1 Y 1 A SER 88  ? A SER 2   
3 1 Y 1 A HIS 89  ? A HIS 3   
4 1 Y 1 A GLY 227 ? A GLY 141 
5 1 Y 1 A PRO 228 ? A PRO 142 
6 1 Y 1 A ASN 229 ? A ASN 143 
7 1 Y 1 A SER 230 ? A SER 144 
# 
loop_
_chem_comp_atom.comp_id 
_chem_comp_atom.atom_id 
_chem_comp_atom.type_symbol 
_chem_comp_atom.pdbx_aromatic_flag 
_chem_comp_atom.pdbx_stereo_config 
_chem_comp_atom.pdbx_ordinal 
ALA N    N  N N 1   
ALA CA   C  N S 2   
ALA C    C  N N 3   
ALA O    O  N N 4   
ALA CB   C  N N 5   
ALA OXT  O  N N 6   
ALA H    H  N N 7   
ALA H2   H  N N 8   
ALA HA   H  N N 9   
ALA HB1  H  N N 10  
ALA HB2  H  N N 11  
ALA HB3  H  N N 12  
ALA HXT  H  N N 13  
ARG N    N  N N 14  
ARG CA   C  N S 15  
ARG C    C  N N 16  
ARG O    O  N N 17  
ARG CB   C  N N 18  
ARG CG   C  N N 19  
ARG CD   C  N N 20  
ARG NE   N  N N 21  
ARG CZ   C  N N 22  
ARG NH1  N  N N 23  
ARG NH2  N  N N 24  
ARG OXT  O  N N 25  
ARG H    H  N N 26  
ARG H2   H  N N 27  
ARG HA   H  N N 28  
ARG HB2  H  N N 29  
ARG HB3  H  N N 30  
ARG HG2  H  N N 31  
ARG HG3  H  N N 32  
ARG HD2  H  N N 33  
ARG HD3  H  N N 34  
ARG HE   H  N N 35  
ARG HH11 H  N N 36  
ARG HH12 H  N N 37  
ARG HH21 H  N N 38  
ARG HH22 H  N N 39  
ARG HXT  H  N N 40  
ASN N    N  N N 41  
ASN CA   C  N S 42  
ASN C    C  N N 43  
ASN O    O  N N 44  
ASN CB   C  N N 45  
ASN CG   C  N N 46  
ASN OD1  O  N N 47  
ASN ND2  N  N N 48  
ASN OXT  O  N N 49  
ASN H    H  N N 50  
ASN H2   H  N N 51  
ASN HA   H  N N 52  
ASN HB2  H  N N 53  
ASN HB3  H  N N 54  
ASN HD21 H  N N 55  
ASN HD22 H  N N 56  
ASN HXT  H  N N 57  
ASP N    N  N N 58  
ASP CA   C  N S 59  
ASP C    C  N N 60  
ASP O    O  N N 61  
ASP CB   C  N N 62  
ASP CG   C  N N 63  
ASP OD1  O  N N 64  
ASP OD2  O  N N 65  
ASP OXT  O  N N 66  
ASP H    H  N N 67  
ASP H2   H  N N 68  
ASP HA   H  N N 69  
ASP HB2  H  N N 70  
ASP HB3  H  N N 71  
ASP HD2  H  N N 72  
ASP HXT  H  N N 73  
GLN N    N  N N 74  
GLN CA   C  N S 75  
GLN C    C  N N 76  
GLN O    O  N N 77  
GLN CB   C  N N 78  
GLN CG   C  N N 79  
GLN CD   C  N N 80  
GLN OE1  O  N N 81  
GLN NE2  N  N N 82  
GLN OXT  O  N N 83  
GLN H    H  N N 84  
GLN H2   H  N N 85  
GLN HA   H  N N 86  
GLN HB2  H  N N 87  
GLN HB3  H  N N 88  
GLN HG2  H  N N 89  
GLN HG3  H  N N 90  
GLN HE21 H  N N 91  
GLN HE22 H  N N 92  
GLN HXT  H  N N 93  
GLU N    N  N N 94  
GLU CA   C  N S 95  
GLU C    C  N N 96  
GLU O    O  N N 97  
GLU CB   C  N N 98  
GLU CG   C  N N 99  
GLU CD   C  N N 100 
GLU OE1  O  N N 101 
GLU OE2  O  N N 102 
GLU OXT  O  N N 103 
GLU H    H  N N 104 
GLU H2   H  N N 105 
GLU HA   H  N N 106 
GLU HB2  H  N N 107 
GLU HB3  H  N N 108 
GLU HG2  H  N N 109 
GLU HG3  H  N N 110 
GLU HE2  H  N N 111 
GLU HXT  H  N N 112 
GLY N    N  N N 113 
GLY CA   C  N N 114 
GLY C    C  N N 115 
GLY O    O  N N 116 
GLY OXT  O  N N 117 
GLY H    H  N N 118 
GLY H2   H  N N 119 
GLY HA2  H  N N 120 
GLY HA3  H  N N 121 
GLY HXT  H  N N 122 
HIS N    N  N N 123 
HIS CA   C  N S 124 
HIS C    C  N N 125 
HIS O    O  N N 126 
HIS CB   C  N N 127 
HIS CG   C  Y N 128 
HIS ND1  N  Y N 129 
HIS CD2  C  Y N 130 
HIS CE1  C  Y N 131 
HIS NE2  N  Y N 132 
HIS OXT  O  N N 133 
HIS H    H  N N 134 
HIS H2   H  N N 135 
HIS HA   H  N N 136 
HIS HB2  H  N N 137 
HIS HB3  H  N N 138 
HIS HD1  H  N N 139 
HIS HD2  H  N N 140 
HIS HE1  H  N N 141 
HIS HE2  H  N N 142 
HIS HXT  H  N N 143 
HOH O    O  N N 144 
HOH H1   H  N N 145 
HOH H2   H  N N 146 
ILE N    N  N N 147 
ILE CA   C  N S 148 
ILE C    C  N N 149 
ILE O    O  N N 150 
ILE CB   C  N S 151 
ILE CG1  C  N N 152 
ILE CG2  C  N N 153 
ILE CD1  C  N N 154 
ILE OXT  O  N N 155 
ILE H    H  N N 156 
ILE H2   H  N N 157 
ILE HA   H  N N 158 
ILE HB   H  N N 159 
ILE HG12 H  N N 160 
ILE HG13 H  N N 161 
ILE HG21 H  N N 162 
ILE HG22 H  N N 163 
ILE HG23 H  N N 164 
ILE HD11 H  N N 165 
ILE HD12 H  N N 166 
ILE HD13 H  N N 167 
ILE HXT  H  N N 168 
LEU N    N  N N 169 
LEU CA   C  N S 170 
LEU C    C  N N 171 
LEU O    O  N N 172 
LEU CB   C  N N 173 
LEU CG   C  N N 174 
LEU CD1  C  N N 175 
LEU CD2  C  N N 176 
LEU OXT  O  N N 177 
LEU H    H  N N 178 
LEU H2   H  N N 179 
LEU HA   H  N N 180 
LEU HB2  H  N N 181 
LEU HB3  H  N N 182 
LEU HG   H  N N 183 
LEU HD11 H  N N 184 
LEU HD12 H  N N 185 
LEU HD13 H  N N 186 
LEU HD21 H  N N 187 
LEU HD22 H  N N 188 
LEU HD23 H  N N 189 
LEU HXT  H  N N 190 
LYS N    N  N N 191 
LYS CA   C  N S 192 
LYS C    C  N N 193 
LYS O    O  N N 194 
LYS CB   C  N N 195 
LYS CG   C  N N 196 
LYS CD   C  N N 197 
LYS CE   C  N N 198 
LYS NZ   N  N N 199 
LYS OXT  O  N N 200 
LYS H    H  N N 201 
LYS H2   H  N N 202 
LYS HA   H  N N 203 
LYS HB2  H  N N 204 
LYS HB3  H  N N 205 
LYS HG2  H  N N 206 
LYS HG3  H  N N 207 
LYS HD2  H  N N 208 
LYS HD3  H  N N 209 
LYS HE2  H  N N 210 
LYS HE3  H  N N 211 
LYS HZ1  H  N N 212 
LYS HZ2  H  N N 213 
LYS HZ3  H  N N 214 
LYS HXT  H  N N 215 
MSE N    N  N N 216 
MSE CA   C  N S 217 
MSE C    C  N N 218 
MSE O    O  N N 219 
MSE OXT  O  N N 220 
MSE CB   C  N N 221 
MSE CG   C  N N 222 
MSE SE   SE N N 223 
MSE CE   C  N N 224 
MSE H    H  N N 225 
MSE H2   H  N N 226 
MSE HA   H  N N 227 
MSE HXT  H  N N 228 
MSE HB2  H  N N 229 
MSE HB3  H  N N 230 
MSE HG2  H  N N 231 
MSE HG3  H  N N 232 
MSE HE1  H  N N 233 
MSE HE2  H  N N 234 
MSE HE3  H  N N 235 
PHE N    N  N N 236 
PHE CA   C  N S 237 
PHE C    C  N N 238 
PHE O    O  N N 239 
PHE CB   C  N N 240 
PHE CG   C  Y N 241 
PHE CD1  C  Y N 242 
PHE CD2  C  Y N 243 
PHE CE1  C  Y N 244 
PHE CE2  C  Y N 245 
PHE CZ   C  Y N 246 
PHE OXT  O  N N 247 
PHE H    H  N N 248 
PHE H2   H  N N 249 
PHE HA   H  N N 250 
PHE HB2  H  N N 251 
PHE HB3  H  N N 252 
PHE HD1  H  N N 253 
PHE HD2  H  N N 254 
PHE HE1  H  N N 255 
PHE HE2  H  N N 256 
PHE HZ   H  N N 257 
PHE HXT  H  N N 258 
PRO N    N  N N 259 
PRO CA   C  N S 260 
PRO C    C  N N 261 
PRO O    O  N N 262 
PRO CB   C  N N 263 
PRO CG   C  N N 264 
PRO CD   C  N N 265 
PRO OXT  O  N N 266 
PRO H    H  N N 267 
PRO HA   H  N N 268 
PRO HB2  H  N N 269 
PRO HB3  H  N N 270 
PRO HG2  H  N N 271 
PRO HG3  H  N N 272 
PRO HD2  H  N N 273 
PRO HD3  H  N N 274 
PRO HXT  H  N N 275 
SER N    N  N N 276 
SER CA   C  N S 277 
SER C    C  N N 278 
SER O    O  N N 279 
SER CB   C  N N 280 
SER OG   O  N N 281 
SER OXT  O  N N 282 
SER H    H  N N 283 
SER H2   H  N N 284 
SER HA   H  N N 285 
SER HB2  H  N N 286 
SER HB3  H  N N 287 
SER HG   H  N N 288 
SER HXT  H  N N 289 
SO4 S    S  N N 290 
SO4 O1   O  N N 291 
SO4 O2   O  N N 292 
SO4 O3   O  N N 293 
SO4 O4   O  N N 294 
THR N    N  N N 295 
THR CA   C  N S 296 
THR C    C  N N 297 
THR O    O  N N 298 
THR CB   C  N R 299 
THR OG1  O  N N 300 
THR CG2  C  N N 301 
THR OXT  O  N N 302 
THR H    H  N N 303 
THR H2   H  N N 304 
THR HA   H  N N 305 
THR HB   H  N N 306 
THR HG1  H  N N 307 
THR HG21 H  N N 308 
THR HG22 H  N N 309 
THR HG23 H  N N 310 
THR HXT  H  N N 311 
TRP N    N  N N 312 
TRP CA   C  N S 313 
TRP C    C  N N 314 
TRP O    O  N N 315 
TRP CB   C  N N 316 
TRP CG   C  Y N 317 
TRP CD1  C  Y N 318 
TRP CD2  C  Y N 319 
TRP NE1  N  Y N 320 
TRP CE2  C  Y N 321 
TRP CE3  C  Y N 322 
TRP CZ2  C  Y N 323 
TRP CZ3  C  Y N 324 
TRP CH2  C  Y N 325 
TRP OXT  O  N N 326 
TRP H    H  N N 327 
TRP H2   H  N N 328 
TRP HA   H  N N 329 
TRP HB2  H  N N 330 
TRP HB3  H  N N 331 
TRP HD1  H  N N 332 
TRP HE1  H  N N 333 
TRP HE3  H  N N 334 
TRP HZ2  H  N N 335 
TRP HZ3  H  N N 336 
TRP HH2  H  N N 337 
TRP HXT  H  N N 338 
TYR N    N  N N 339 
TYR CA   C  N S 340 
TYR C    C  N N 341 
TYR O    O  N N 342 
TYR CB   C  N N 343 
TYR CG   C  Y N 344 
TYR CD1  C  Y N 345 
TYR CD2  C  Y N 346 
TYR CE1  C  Y N 347 
TYR CE2  C  Y N 348 
TYR CZ   C  Y N 349 
TYR OH   O  N N 350 
TYR OXT  O  N N 351 
TYR H    H  N N 352 
TYR H2   H  N N 353 
TYR HA   H  N N 354 
TYR HB2  H  N N 355 
TYR HB3  H  N N 356 
TYR HD1  H  N N 357 
TYR HD2  H  N N 358 
TYR HE1  H  N N 359 
TYR HE2  H  N N 360 
TYR HH   H  N N 361 
TYR HXT  H  N N 362 
VAL N    N  N N 363 
VAL CA   C  N S 364 
VAL C    C  N N 365 
VAL O    O  N N 366 
VAL CB   C  N N 367 
VAL CG1  C  N N 368 
VAL CG2  C  N N 369 
VAL OXT  O  N N 370 
VAL H    H  N N 371 
VAL H2   H  N N 372 
VAL HA   H  N N 373 
VAL HB   H  N N 374 
VAL HG11 H  N N 375 
VAL HG12 H  N N 376 
VAL HG13 H  N N 377 
VAL HG21 H  N N 378 
VAL HG22 H  N N 379 
VAL HG23 H  N N 380 
VAL HXT  H  N N 381 
# 
loop_
_chem_comp_bond.comp_id 
_chem_comp_bond.atom_id_1 
_chem_comp_bond.atom_id_2 
_chem_comp_bond.value_order 
_chem_comp_bond.pdbx_aromatic_flag 
_chem_comp_bond.pdbx_stereo_config 
_chem_comp_bond.pdbx_ordinal 
ALA N   CA   sing N N 1   
ALA N   H    sing N N 2   
ALA N   H2   sing N N 3   
ALA CA  C    sing N N 4   
ALA CA  CB   sing N N 5   
ALA CA  HA   sing N N 6   
ALA C   O    doub N N 7   
ALA C   OXT  sing N N 8   
ALA CB  HB1  sing N N 9   
ALA CB  HB2  sing N N 10  
ALA CB  HB3  sing N N 11  
ALA OXT HXT  sing N N 12  
ARG N   CA   sing N N 13  
ARG N   H    sing N N 14  
ARG N   H2   sing N N 15  
ARG CA  C    sing N N 16  
ARG CA  CB   sing N N 17  
ARG CA  HA   sing N N 18  
ARG C   O    doub N N 19  
ARG C   OXT  sing N N 20  
ARG CB  CG   sing N N 21  
ARG CB  HB2  sing N N 22  
ARG CB  HB3  sing N N 23  
ARG CG  CD   sing N N 24  
ARG CG  HG2  sing N N 25  
ARG CG  HG3  sing N N 26  
ARG CD  NE   sing N N 27  
ARG CD  HD2  sing N N 28  
ARG CD  HD3  sing N N 29  
ARG NE  CZ   sing N N 30  
ARG NE  HE   sing N N 31  
ARG CZ  NH1  sing N N 32  
ARG CZ  NH2  doub N N 33  
ARG NH1 HH11 sing N N 34  
ARG NH1 HH12 sing N N 35  
ARG NH2 HH21 sing N N 36  
ARG NH2 HH22 sing N N 37  
ARG OXT HXT  sing N N 38  
ASN N   CA   sing N N 39  
ASN N   H    sing N N 40  
ASN N   H2   sing N N 41  
ASN CA  C    sing N N 42  
ASN CA  CB   sing N N 43  
ASN CA  HA   sing N N 44  
ASN C   O    doub N N 45  
ASN C   OXT  sing N N 46  
ASN CB  CG   sing N N 47  
ASN CB  HB2  sing N N 48  
ASN CB  HB3  sing N N 49  
ASN CG  OD1  doub N N 50  
ASN CG  ND2  sing N N 51  
ASN ND2 HD21 sing N N 52  
ASN ND2 HD22 sing N N 53  
ASN OXT HXT  sing N N 54  
ASP N   CA   sing N N 55  
ASP N   H    sing N N 56  
ASP N   H2   sing N N 57  
ASP CA  C    sing N N 58  
ASP CA  CB   sing N N 59  
ASP CA  HA   sing N N 60  
ASP C   O    doub N N 61  
ASP C   OXT  sing N N 62  
ASP CB  CG   sing N N 63  
ASP CB  HB2  sing N N 64  
ASP CB  HB3  sing N N 65  
ASP CG  OD1  doub N N 66  
ASP CG  OD2  sing N N 67  
ASP OD2 HD2  sing N N 68  
ASP OXT HXT  sing N N 69  
GLN N   CA   sing N N 70  
GLN N   H    sing N N 71  
GLN N   H2   sing N N 72  
GLN CA  C    sing N N 73  
GLN CA  CB   sing N N 74  
GLN CA  HA   sing N N 75  
GLN C   O    doub N N 76  
GLN C   OXT  sing N N 77  
GLN CB  CG   sing N N 78  
GLN CB  HB2  sing N N 79  
GLN CB  HB3  sing N N 80  
GLN CG  CD   sing N N 81  
GLN CG  HG2  sing N N 82  
GLN CG  HG3  sing N N 83  
GLN CD  OE1  doub N N 84  
GLN CD  NE2  sing N N 85  
GLN NE2 HE21 sing N N 86  
GLN NE2 HE22 sing N N 87  
GLN OXT HXT  sing N N 88  
GLU N   CA   sing N N 89  
GLU N   H    sing N N 90  
GLU N   H2   sing N N 91  
GLU CA  C    sing N N 92  
GLU CA  CB   sing N N 93  
GLU CA  HA   sing N N 94  
GLU C   O    doub N N 95  
GLU C   OXT  sing N N 96  
GLU CB  CG   sing N N 97  
GLU CB  HB2  sing N N 98  
GLU CB  HB3  sing N N 99  
GLU CG  CD   sing N N 100 
GLU CG  HG2  sing N N 101 
GLU CG  HG3  sing N N 102 
GLU CD  OE1  doub N N 103 
GLU CD  OE2  sing N N 104 
GLU OE2 HE2  sing N N 105 
GLU OXT HXT  sing N N 106 
GLY N   CA   sing N N 107 
GLY N   H    sing N N 108 
GLY N   H2   sing N N 109 
GLY CA  C    sing N N 110 
GLY CA  HA2  sing N N 111 
GLY CA  HA3  sing N N 112 
GLY C   O    doub N N 113 
GLY C   OXT  sing N N 114 
GLY OXT HXT  sing N N 115 
HIS N   CA   sing N N 116 
HIS N   H    sing N N 117 
HIS N   H2   sing N N 118 
HIS CA  C    sing N N 119 
HIS CA  CB   sing N N 120 
HIS CA  HA   sing N N 121 
HIS C   O    doub N N 122 
HIS C   OXT  sing N N 123 
HIS CB  CG   sing N N 124 
HIS CB  HB2  sing N N 125 
HIS CB  HB3  sing N N 126 
HIS CG  ND1  sing Y N 127 
HIS CG  CD2  doub Y N 128 
HIS ND1 CE1  doub Y N 129 
HIS ND1 HD1  sing N N 130 
HIS CD2 NE2  sing Y N 131 
HIS CD2 HD2  sing N N 132 
HIS CE1 NE2  sing Y N 133 
HIS CE1 HE1  sing N N 134 
HIS NE2 HE2  sing N N 135 
HIS OXT HXT  sing N N 136 
HOH O   H1   sing N N 137 
HOH O   H2   sing N N 138 
ILE N   CA   sing N N 139 
ILE N   H    sing N N 140 
ILE N   H2   sing N N 141 
ILE CA  C    sing N N 142 
ILE CA  CB   sing N N 143 
ILE CA  HA   sing N N 144 
ILE C   O    doub N N 145 
ILE C   OXT  sing N N 146 
ILE CB  CG1  sing N N 147 
ILE CB  CG2  sing N N 148 
ILE CB  HB   sing N N 149 
ILE CG1 CD1  sing N N 150 
ILE CG1 HG12 sing N N 151 
ILE CG1 HG13 sing N N 152 
ILE CG2 HG21 sing N N 153 
ILE CG2 HG22 sing N N 154 
ILE CG2 HG23 sing N N 155 
ILE CD1 HD11 sing N N 156 
ILE CD1 HD12 sing N N 157 
ILE CD1 HD13 sing N N 158 
ILE OXT HXT  sing N N 159 
LEU N   CA   sing N N 160 
LEU N   H    sing N N 161 
LEU N   H2   sing N N 162 
LEU CA  C    sing N N 163 
LEU CA  CB   sing N N 164 
LEU CA  HA   sing N N 165 
LEU C   O    doub N N 166 
LEU C   OXT  sing N N 167 
LEU CB  CG   sing N N 168 
LEU CB  HB2  sing N N 169 
LEU CB  HB3  sing N N 170 
LEU CG  CD1  sing N N 171 
LEU CG  CD2  sing N N 172 
LEU CG  HG   sing N N 173 
LEU CD1 HD11 sing N N 174 
LEU CD1 HD12 sing N N 175 
LEU CD1 HD13 sing N N 176 
LEU CD2 HD21 sing N N 177 
LEU CD2 HD22 sing N N 178 
LEU CD2 HD23 sing N N 179 
LEU OXT HXT  sing N N 180 
LYS N   CA   sing N N 181 
LYS N   H    sing N N 182 
LYS N   H2   sing N N 183 
LYS CA  C    sing N N 184 
LYS CA  CB   sing N N 185 
LYS CA  HA   sing N N 186 
LYS C   O    doub N N 187 
LYS C   OXT  sing N N 188 
LYS CB  CG   sing N N 189 
LYS CB  HB2  sing N N 190 
LYS CB  HB3  sing N N 191 
LYS CG  CD   sing N N 192 
LYS CG  HG2  sing N N 193 
LYS CG  HG3  sing N N 194 
LYS CD  CE   sing N N 195 
LYS CD  HD2  sing N N 196 
LYS CD  HD3  sing N N 197 
LYS CE  NZ   sing N N 198 
LYS CE  HE2  sing N N 199 
LYS CE  HE3  sing N N 200 
LYS NZ  HZ1  sing N N 201 
LYS NZ  HZ2  sing N N 202 
LYS NZ  HZ3  sing N N 203 
LYS OXT HXT  sing N N 204 
MSE N   CA   sing N N 205 
MSE N   H    sing N N 206 
MSE N   H2   sing N N 207 
MSE CA  C    sing N N 208 
MSE CA  CB   sing N N 209 
MSE CA  HA   sing N N 210 
MSE C   O    doub N N 211 
MSE C   OXT  sing N N 212 
MSE OXT HXT  sing N N 213 
MSE CB  CG   sing N N 214 
MSE CB  HB2  sing N N 215 
MSE CB  HB3  sing N N 216 
MSE CG  SE   sing N N 217 
MSE CG  HG2  sing N N 218 
MSE CG  HG3  sing N N 219 
MSE SE  CE   sing N N 220 
MSE CE  HE1  sing N N 221 
MSE CE  HE2  sing N N 222 
MSE CE  HE3  sing N N 223 
PHE N   CA   sing N N 224 
PHE N   H    sing N N 225 
PHE N   H2   sing N N 226 
PHE CA  C    sing N N 227 
PHE CA  CB   sing N N 228 
PHE CA  HA   sing N N 229 
PHE C   O    doub N N 230 
PHE C   OXT  sing N N 231 
PHE CB  CG   sing N N 232 
PHE CB  HB2  sing N N 233 
PHE CB  HB3  sing N N 234 
PHE CG  CD1  doub Y N 235 
PHE CG  CD2  sing Y N 236 
PHE CD1 CE1  sing Y N 237 
PHE CD1 HD1  sing N N 238 
PHE CD2 CE2  doub Y N 239 
PHE CD2 HD2  sing N N 240 
PHE CE1 CZ   doub Y N 241 
PHE CE1 HE1  sing N N 242 
PHE CE2 CZ   sing Y N 243 
PHE CE2 HE2  sing N N 244 
PHE CZ  HZ   sing N N 245 
PHE OXT HXT  sing N N 246 
PRO N   CA   sing N N 247 
PRO N   CD   sing N N 248 
PRO N   H    sing N N 249 
PRO CA  C    sing N N 250 
PRO CA  CB   sing N N 251 
PRO CA  HA   sing N N 252 
PRO C   O    doub N N 253 
PRO C   OXT  sing N N 254 
PRO CB  CG   sing N N 255 
PRO CB  HB2  sing N N 256 
PRO CB  HB3  sing N N 257 
PRO CG  CD   sing N N 258 
PRO CG  HG2  sing N N 259 
PRO CG  HG3  sing N N 260 
PRO CD  HD2  sing N N 261 
PRO CD  HD3  sing N N 262 
PRO OXT HXT  sing N N 263 
SER N   CA   sing N N 264 
SER N   H    sing N N 265 
SER N   H2   sing N N 266 
SER CA  C    sing N N 267 
SER CA  CB   sing N N 268 
SER CA  HA   sing N N 269 
SER C   O    doub N N 270 
SER C   OXT  sing N N 271 
SER CB  OG   sing N N 272 
SER CB  HB2  sing N N 273 
SER CB  HB3  sing N N 274 
SER OG  HG   sing N N 275 
SER OXT HXT  sing N N 276 
SO4 S   O1   doub N N 277 
SO4 S   O2   doub N N 278 
SO4 S   O3   sing N N 279 
SO4 S   O4   sing N N 280 
THR N   CA   sing N N 281 
THR N   H    sing N N 282 
THR N   H2   sing N N 283 
THR CA  C    sing N N 284 
THR CA  CB   sing N N 285 
THR CA  HA   sing N N 286 
THR C   O    doub N N 287 
THR C   OXT  sing N N 288 
THR CB  OG1  sing N N 289 
THR CB  CG2  sing N N 290 
THR CB  HB   sing N N 291 
THR OG1 HG1  sing N N 292 
THR CG2 HG21 sing N N 293 
THR CG2 HG22 sing N N 294 
THR CG2 HG23 sing N N 295 
THR OXT HXT  sing N N 296 
TRP N   CA   sing N N 297 
TRP N   H    sing N N 298 
TRP N   H2   sing N N 299 
TRP CA  C    sing N N 300 
TRP CA  CB   sing N N 301 
TRP CA  HA   sing N N 302 
TRP C   O    doub N N 303 
TRP C   OXT  sing N N 304 
TRP CB  CG   sing N N 305 
TRP CB  HB2  sing N N 306 
TRP CB  HB3  sing N N 307 
TRP CG  CD1  doub Y N 308 
TRP CG  CD2  sing Y N 309 
TRP CD1 NE1  sing Y N 310 
TRP CD1 HD1  sing N N 311 
TRP CD2 CE2  doub Y N 312 
TRP CD2 CE3  sing Y N 313 
TRP NE1 CE2  sing Y N 314 
TRP NE1 HE1  sing N N 315 
TRP CE2 CZ2  sing Y N 316 
TRP CE3 CZ3  doub Y N 317 
TRP CE3 HE3  sing N N 318 
TRP CZ2 CH2  doub Y N 319 
TRP CZ2 HZ2  sing N N 320 
TRP CZ3 CH2  sing Y N 321 
TRP CZ3 HZ3  sing N N 322 
TRP CH2 HH2  sing N N 323 
TRP OXT HXT  sing N N 324 
TYR N   CA   sing N N 325 
TYR N   H    sing N N 326 
TYR N   H2   sing N N 327 
TYR CA  C    sing N N 328 
TYR CA  CB   sing N N 329 
TYR CA  HA   sing N N 330 
TYR C   O    doub N N 331 
TYR C   OXT  sing N N 332 
TYR CB  CG   sing N N 333 
TYR CB  HB2  sing N N 334 
TYR CB  HB3  sing N N 335 
TYR CG  CD1  doub Y N 336 
TYR CG  CD2  sing Y N 337 
TYR CD1 CE1  sing Y N 338 
TYR CD1 HD1  sing N N 339 
TYR CD2 CE2  doub Y N 340 
TYR CD2 HD2  sing N N 341 
TYR CE1 CZ   doub Y N 342 
TYR CE1 HE1  sing N N 343 
TYR CE2 CZ   sing Y N 344 
TYR CE2 HE2  sing N N 345 
TYR CZ  OH   sing N N 346 
TYR OH  HH   sing N N 347 
TYR OXT HXT  sing N N 348 
VAL N   CA   sing N N 349 
VAL N   H    sing N N 350 
VAL N   H2   sing N N 351 
VAL CA  C    sing N N 352 
VAL CA  CB   sing N N 353 
VAL CA  HA   sing N N 354 
VAL C   O    doub N N 355 
VAL C   OXT  sing N N 356 
VAL CB  CG1  sing N N 357 
VAL CB  CG2  sing N N 358 
VAL CB  HB   sing N N 359 
VAL CG1 HG11 sing N N 360 
VAL CG1 HG12 sing N N 361 
VAL CG1 HG13 sing N N 362 
VAL CG2 HG21 sing N N 363 
VAL CG2 HG22 sing N N 364 
VAL CG2 HG23 sing N N 365 
VAL OXT HXT  sing N N 366 
# 
_atom_sites.entry_id                    3WZ3 
_atom_sites.fract_transf_matrix[1][1]   0.01266542 
_atom_sites.fract_transf_matrix[1][2]   0.00504222 
_atom_sites.fract_transf_matrix[1][3]   0.00565609 
_atom_sites.fract_transf_matrix[2][1]   0.00310362 
_atom_sites.fract_transf_matrix[2][2]   -0.01350244 
_atom_sites.fract_transf_matrix[2][3]   0.00508721 
_atom_sites.fract_transf_matrix[3][1]   0.00636172 
_atom_sites.fract_transf_matrix[3][2]   -0.00292310 
_atom_sites.fract_transf_matrix[3][3]   -0.01163967 
_atom_sites.fract_transf_vector[1]      0.145292 
_atom_sites.fract_transf_vector[2]      0.374586 
_atom_sites.fract_transf_vector[3]      0.304867 
# 
loop_
_atom_type.symbol 
C  
N  
O  
S  
SE 
# 
loop_
_atom_site.group_PDB 
_atom_site.id 
_atom_site.type_symbol 
_atom_site.label_atom_id 
_atom_site.label_alt_id 
_atom_site.label_comp_id 
_atom_site.label_asym_id 
_atom_site.label_entity_id 
_atom_site.label_seq_id 
_atom_site.pdbx_PDB_ins_code 
_atom_site.Cartn_x 
_atom_site.Cartn_y 
_atom_site.Cartn_z 
_atom_site.occupancy 
_atom_site.B_iso_or_equiv 
_atom_site.pdbx_formal_charge 
_atom_site.auth_seq_id 
_atom_site.auth_comp_id 
_atom_site.auth_asym_id 
_atom_site.auth_atom_id 
_atom_site.pdbx_PDB_model_num 
HETATM 1    N  N   . MSE A 1 4   ? 22.211  -2.761  6.956   1.00 37.93 ? 90  MSE A N   1 
HETATM 2    C  CA  . MSE A 1 4   ? 20.885  -2.145  7.009   1.00 27.77 ? 90  MSE A CA  1 
HETATM 3    C  C   . MSE A 1 4   ? 19.783  -3.194  6.827   1.00 23.41 ? 90  MSE A C   1 
HETATM 4    O  O   . MSE A 1 4   ? 19.989  -4.365  7.191   1.00 22.24 ? 90  MSE A O   1 
HETATM 5    C  CB  . MSE A 1 4   ? 20.767  -1.063  5.943   1.00 24.80 ? 90  MSE A CB  1 
HETATM 6    C  CG  . MSE A 1 4   ? 19.717  -0.018  6.232   1.00 31.08 ? 90  MSE A CG  1 
HETATM 7    SE SE  . MSE A 1 4   ? 18.659  0.383   4.654   1.00 80.92 ? 90  MSE A SE  1 
HETATM 8    C  CE  . MSE A 1 4   ? 17.060  -0.633  5.138   1.00 19.66 ? 90  MSE A CE  1 
ATOM   9    N  N   . TRP A 1 5   ? 18.631  -2.774  6.281   1.00 15.54 ? 91  TRP A N   1 
ATOM   10   C  CA  . TRP A 1 5   ? 17.475  -3.657  6.065   1.00 10.00 ? 91  TRP A CA  1 
ATOM   11   C  C   . TRP A 1 5   ? 17.075  -4.419  7.329   1.00 8.99  ? 91  TRP A C   1 
ATOM   12   O  O   . TRP A 1 5   ? 16.919  -5.643  7.328   1.00 9.84  ? 91  TRP A O   1 
ATOM   13   C  CB  . TRP A 1 5   ? 17.735  -4.609  4.898   1.00 10.11 ? 91  TRP A CB  1 
ATOM   14   C  CG  . TRP A 1 5   ? 17.821  -3.852  3.621   1.00 7.99  ? 91  TRP A CG  1 
ATOM   15   C  CD1 . TRP A 1 5   ? 16.781  -3.254  2.961   1.00 8.39  ? 91  TRP A CD1 1 
ATOM   16   C  CD2 . TRP A 1 5   ? 19.006  -3.536  2.877   1.00 7.24  ? 91  TRP A CD2 1 
ATOM   17   N  NE1 . TRP A 1 5   ? 17.252  -2.605  1.842   1.00 8.34  ? 91  TRP A NE1 1 
ATOM   18   C  CE2 . TRP A 1 5   ? 18.608  -2.769  1.765   1.00 10.49 ? 91  TRP A CE2 1 
ATOM   19   C  CE3 . TRP A 1 5   ? 20.362  -3.843  3.036   1.00 10.99 ? 91  TRP A CE3 1 
ATOM   20   C  CZ2 . TRP A 1 5   ? 19.510  -2.304  0.822   1.00 12.30 ? 91  TRP A CZ2 1 
ATOM   21   C  CZ3 . TRP A 1 5   ? 21.260  -3.379  2.092   1.00 12.61 ? 91  TRP A CZ3 1 
ATOM   22   C  CH2 . TRP A 1 5   ? 20.830  -2.611  1.001   1.00 12.10 ? 91  TRP A CH2 1 
ATOM   23   N  N   . SER A 1 6   ? 16.905  -3.675  8.406   1.00 9.22  ? 92  SER A N   1 
ATOM   24   C  CA  . SER A 1 6   ? 16.377  -4.258  9.625   1.00 11.19 ? 92  SER A CA  1 
ATOM   25   C  C   . SER A 1 6   ? 14.872  -4.390  9.491   1.00 10.24 ? 92  SER A C   1 
ATOM   26   O  O   . SER A 1 6   ? 14.256  -3.805  8.581   1.00 8.75  ? 92  SER A O   1 
ATOM   27   C  CB  . SER A 1 6   ? 16.695  -3.351  10.807  1.00 12.72 ? 92  SER A CB  1 
ATOM   28   O  OG  . SER A 1 6   ? 15.881  -2.190  10.789  1.00 12.43 ? 92  SER A OG  1 
ATOM   29   N  N   . GLN A 1 7   ? 14.243  -5.128  10.396  1.00 10.50 ? 93  GLN A N   1 
ATOM   30   C  CA  . GLN A 1 7   ? 12.799  -5.213  10.319  1.00 7.96  ? 93  GLN A CA  1 
ATOM   31   C  C   . GLN A 1 7   ? 12.152  -3.865  10.552  1.00 10.68 ? 93  GLN A C   1 
ATOM   32   O  O   . GLN A 1 7   ? 11.096  -3.586  9.981   1.00 9.17  ? 93  GLN A O   1 
ATOM   33   C  CB  . GLN A 1 7   ? 12.213  -6.288  11.244  1.00 15.20 ? 93  GLN A CB  1 
ATOM   34   C  CG  . GLN A 1 7   ? 12.312  -5.987  12.706  1.00 16.39 ? 93  GLN A CG  1 
ATOM   35   C  CD  . GLN A 1 7   ? 11.589  -7.042  13.515  1.00 19.02 ? 93  GLN A CD  1 
ATOM   36   O  OE1 . GLN A 1 7   ? 12.153  -8.085  13.842  1.00 25.17 ? 93  GLN A OE1 1 
ATOM   37   N  NE2 . GLN A 1 7   ? 10.327  -6.788  13.807  1.00 17.33 ? 93  GLN A NE2 1 
ATOM   38   N  N   . ASN A 1 8   ? 12.766  -3.016  11.361  1.00 8.54  ? 94  ASN A N   1 
ATOM   39   C  CA  . ASN A 1 8   ? 12.237  -1.668  11.500  1.00 9.90  ? 94  ASN A CA  1 
ATOM   40   C  C   . ASN A 1 8   ? 12.309  -0.846  10.211  1.00 8.47  ? 94  ASN A C   1 
ATOM   41   O  O   . ASN A 1 8   ? 11.390  -0.085  9.906   1.00 10.17 ? 94  ASN A O   1 
ATOM   42   C  CB  . ASN A 1 8   ? 12.867  -0.922  12.679  1.00 17.19 ? 94  ASN A CB  1 
ATOM   43   C  CG  . ASN A 1 8   ? 11.941  -0.865  13.869  1.00 31.64 ? 94  ASN A CG  1 
ATOM   44   O  OD1 . ASN A 1 8   ? 11.613  0.219   14.363  1.00 44.19 ? 94  ASN A OD1 1 
ATOM   45   N  ND2 . ASN A 1 8   ? 11.470  -2.033  14.313  1.00 29.32 ? 94  ASN A ND2 1 
ATOM   46   N  N   . ASP A 1 9   ? 13.390  -0.993  9.451   1.00 8.66  ? 95  ASP A N   1 
ATOM   47   C  CA  . ASP A 1 9   ? 13.486  -0.354  8.151   1.00 8.33  ? 95  ASP A CA  1 
ATOM   48   C  C   . ASP A 1 9   ? 12.374  -0.837  7.223   1.00 6.67  ? 95  ASP A C   1 
ATOM   49   O  O   . ASP A 1 9   ? 11.750  -0.044  6.501   1.00 6.94  ? 95  ASP A O   1 
ATOM   50   C  CB  . ASP A 1 9   ? 14.849  -0.664  7.532   1.00 8.32  ? 95  ASP A CB  1 
ATOM   51   C  CG  . ASP A 1 9   ? 16.006  -0.033  8.306   1.00 15.12 ? 95  ASP A CG  1 
ATOM   52   O  OD1 . ASP A 1 9   ? 15.863  1.125   8.761   1.00 17.66 ? 95  ASP A OD1 1 
ATOM   53   O  OD2 . ASP A 1 9   ? 17.058  -0.697  8.454   1.00 15.90 ? 95  ASP A OD2 1 
ATOM   54   N  N   . ALA A 1 10  ? 12.136  -2.146  7.235   1.00 6.08  ? 96  ALA A N   1 
ATOM   55   C  CA  . ALA A 1 10  ? 11.079  -2.699  6.383   1.00 4.67  ? 96  ALA A CA  1 
ATOM   56   C  C   . ALA A 1 10  ? 9.701   -2.230  6.844   1.00 6.45  ? 96  ALA A C   1 
ATOM   57   O  O   . ALA A 1 10  ? 8.842   -1.894  6.016   1.00 5.81  ? 96  ALA A O   1 
ATOM   58   C  CB  . ALA A 1 10  ? 11.184  -4.223  6.301   1.00 5.64  ? 96  ALA A CB  1 
HETATM 59   N  N   . MSE A 1 11  ? 9.476   -2.177  8.154   1.00 5.71  ? 97  MSE A N   1 
HETATM 60   C  CA  . MSE A 1 11  ? 8.171   -1.706  8.619   1.00 6.78  ? 97  MSE A CA  1 
HETATM 61   C  C   . MSE A 1 11  ? 7.880   -0.277  8.164   1.00 7.33  ? 97  MSE A C   1 
HETATM 62   O  O   . MSE A 1 11  ? 6.750   0.036   7.755   1.00 6.13  ? 97  MSE A O   1 
HETATM 63   C  CB  . MSE A 1 11  ? 8.040   -1.812  10.136  1.00 9.25  ? 97  MSE A CB  1 
HETATM 64   C  CG  . MSE A 1 11  ? 6.586   -1.738  10.549  1.00 6.33  ? 97  MSE A CG  1 
HETATM 65   SE SE  . MSE A 1 11  ? 6.331   -2.116  12.423  1.00 24.40 ? 97  MSE A SE  1 
HETATM 66   C  CE  . MSE A 1 11  ? 7.223   -0.556  13.123  1.00 24.98 ? 97  MSE A CE  1 
ATOM   67   N  N   . ALA A 1 12  ? 8.893   0.590   8.257   1.00 6.48  ? 98  ALA A N   1 
ATOM   68   C  CA  . ALA A 1 12  ? 8.767   1.973   7.806   1.00 7.07  ? 98  ALA A CA  1 
ATOM   69   C  C   . ALA A 1 12  ? 8.502   2.053   6.289   1.00 7.29  ? 98  ALA A C   1 
ATOM   70   O  O   . ALA A 1 12  ? 7.690   2.851   5.843   1.00 7.49  ? 98  ALA A O   1 
ATOM   71   C  CB  . ALA A 1 12  ? 10.019  2.755   8.167   1.00 8.25  ? 98  ALA A CB  1 
ATOM   72   N  N   . PHE A 1 13  ? 9.172   1.213   5.501   1.00 5.18  ? 99  PHE A N   1 
ATOM   73   C  CA  . PHE A 1 13  ? 8.945   1.170   4.053   1.00 6.83  ? 99  PHE A CA  1 
ATOM   74   C  C   . PHE A 1 13  ? 7.468   0.863   3.776   1.00 5.87  ? 99  PHE A C   1 
ATOM   75   O  O   . PHE A 1 13  ? 6.834   1.501   2.946   1.00 6.54  ? 99  PHE A O   1 
ATOM   76   C  CB  . PHE A 1 13  ? 9.852   0.092   3.449   1.00 5.82  ? 99  PHE A CB  1 
ATOM   77   C  CG  . PHE A 1 13  ? 9.751   -0.041  1.960   1.00 5.71  ? 99  PHE A CG  1 
ATOM   78   C  CD1 . PHE A 1 13  ? 10.580  0.706   1.126   1.00 7.15  ? 99  PHE A CD1 1 
ATOM   79   C  CD2 . PHE A 1 13  ? 8.880   -0.953  1.380   1.00 7.86  ? 99  PHE A CD2 1 
ATOM   80   C  CE1 . PHE A 1 13  ? 10.515  0.568   -0.244  1.00 8.09  ? 99  PHE A CE1 1 
ATOM   81   C  CE2 . PHE A 1 13  ? 8.809   -1.088  0.000   1.00 7.36  ? 99  PHE A CE2 1 
ATOM   82   C  CZ  . PHE A 1 13  ? 9.636   -0.317  -0.818  1.00 7.58  ? 99  PHE A CZ  1 
ATOM   83   N  N   . GLY A 1 14  ? 6.904   -0.107  4.491   1.00 5.11  ? 100 GLY A N   1 
ATOM   84   C  CA  . GLY A 1 14  ? 5.512   -0.461  4.281   1.00 5.90  ? 100 GLY A CA  1 
ATOM   85   C  C   . GLY A 1 14  ? 4.541   0.617   4.699   1.00 6.36  ? 100 GLY A C   1 
ATOM   86   O  O   . GLY A 1 14  ? 3.562   0.874   3.992   1.00 7.05  ? 100 GLY A O   1 
ATOM   87   N  N   . SER A 1 15  ? 4.790   1.259   5.835   1.00 6.64  ? 101 SER A N   1 
ATOM   88   C  CA  . SER A 1 15  ? 3.853   2.298   6.271   1.00 7.54  ? 101 SER A CA  1 
ATOM   89   C  C   . SER A 1 15  ? 3.921   3.510   5.349   1.00 8.77  ? 101 SER A C   1 
ATOM   90   O  O   . SER A 1 15  ? 2.885   4.128   5.070   1.00 10.70 ? 101 SER A O   1 
ATOM   91   C  CB  . SER A 1 15  ? 4.058   2.683   7.739   1.00 12.69 ? 101 SER A CB  1 
ATOM   92   O  OG  . SER A 1 15  ? 5.364   3.130   7.965   1.00 18.03 ? 101 SER A OG  1 
ATOM   93   N  N   . GLN A 1 16  ? 5.112   3.833   4.860   1.00 6.72  ? 102 GLN A N   1 
ATOM   94   C  CA  . GLN A 1 16  ? 5.270   4.922   3.889   1.00 9.22  ? 102 GLN A CA  1 
ATOM   95   C  C   . GLN A 1 16  ? 4.513   4.603   2.603   1.00 7.92  ? 102 GLN A C   1 
ATOM   96   O  O   . GLN A 1 16  ? 3.820   5.468   2.048   1.00 8.69  ? 102 GLN A O   1 
ATOM   97   C  CB  . GLN A 1 16  ? 6.756   5.180   3.624   1.00 10.07 ? 102 GLN A CB  1 
ATOM   98   C  CG  . GLN A 1 16  ? 7.490   5.682   4.869   1.00 14.33 ? 102 GLN A CG  1 
ATOM   99   C  CD  . GLN A 1 16  ? 9.010   5.501   4.815   1.00 22.69 ? 102 GLN A CD  1 
ATOM   100  O  OE1 . GLN A 1 16  ? 9.570   5.093   3.794   1.00 25.19 ? 102 GLN A OE1 1 
ATOM   101  N  NE2 . GLN A 1 16  ? 9.680   5.787   5.933   1.00 24.59 ? 102 GLN A NE2 1 
ATOM   102  N  N   . ALA A 1 17  ? 4.622   3.365   2.126   1.00 6.64  ? 103 ALA A N   1 
ATOM   103  C  CA  . ALA A 1 17  ? 3.888   2.949   0.940   1.00 6.33  ? 103 ALA A CA  1 
ATOM   104  C  C   . ALA A 1 17  ? 2.389   3.074   1.128   1.00 7.19  ? 103 ALA A C   1 
ATOM   105  O  O   . ALA A 1 17  ? 1.697   3.553   0.232   1.00 7.72  ? 103 ALA A O   1 
ATOM   106  C  CB  . ALA A 1 17  ? 4.254   1.518   0.539   1.00 7.34  ? 103 ALA A CB  1 
ATOM   107  N  N   . LEU A 1 18  ? 1.870   2.625   2.271   1.00 6.67  ? 104 LEU A N   1 
ATOM   108  C  CA  . LEU A 1 18  ? 0.434   2.734   2.517   1.00 6.23  ? 104 LEU A CA  1 
ATOM   109  C  C   . LEU A 1 18  ? -0.022  4.186   2.551   1.00 9.00  ? 104 LEU A C   1 
ATOM   110  O  O   . LEU A 1 18  ? -1.094  4.518   2.033   1.00 9.86  ? 104 LEU A O   1 
ATOM   111  C  CB  . LEU A 1 18  ? 0.052   2.043   3.837   1.00 7.94  ? 104 LEU A CB  1 
ATOM   112  C  CG  . LEU A 1 18  ? 0.071   0.526   3.708   1.00 8.83  ? 104 LEU A CG  1 
ATOM   113  C  CD1 . LEU A 1 18  ? 0.041   -0.139  5.088   1.00 10.55 ? 104 LEU A CD1 1 
ATOM   114  C  CD2 . LEU A 1 18  ? -1.139  0.068   2.913   1.00 9.70  ? 104 LEU A CD2 1 
ATOM   115  N  N   . ALA A 1 19  ? 0.773   5.056   3.163   1.00 7.51  ? 105 ALA A N   1 
ATOM   116  C  CA  . ALA A 1 19  ? 0.410   6.477   3.207   1.00 9.75  ? 105 ALA A CA  1 
ATOM   117  C  C   . ALA A 1 19  ? 0.267   7.045   1.802   1.00 9.50  ? 105 ALA A C   1 
ATOM   118  O  O   . ALA A 1 19  ? -0.701  7.749   1.478   1.00 11.94 ? 105 ALA A O   1 
ATOM   119  C  CB  . ALA A 1 19  ? 1.437   7.285   3.998   1.00 13.45 ? 105 ALA A CB  1 
ATOM   120  N  N   . THR A 1 20  ? 1.239   6.760   0.951   1.00 8.89  ? 106 THR A N   1 
ATOM   121  C  CA  . THR A 1 20  ? 1.197   7.236   -0.421  1.00 9.61  ? 106 THR A CA  1 
ATOM   122  C  C   . THR A 1 20  ? 0.075   6.580   -1.216  1.00 9.46  ? 106 THR A C   1 
ATOM   123  O  O   . THR A 1 20  ? -0.599  7.235   -2.023  1.00 10.59 ? 106 THR A O   1 
ATOM   124  C  CB  . THR A 1 20  ? 2.543   6.967   -1.123  1.00 12.17 ? 106 THR A CB  1 
ATOM   125  O  OG1 . THR A 1 20  ? 3.593   7.546   -0.346  1.00 16.63 ? 106 THR A OG1 1 
ATOM   126  C  CG2 . THR A 1 20  ? 2.550   7.592   -2.519  1.00 16.88 ? 106 THR A CG2 1 
ATOM   127  N  N   . ALA A 1 21  ? -0.144  5.283   -0.996  1.00 6.61  ? 107 ALA A N   1 
ATOM   128  C  CA  . ALA A 1 21  ? -1.093  4.538   -1.797  1.00 6.38  ? 107 ALA A CA  1 
ATOM   129  C  C   . ALA A 1 21  ? -2.531  5.011   -1.622  1.00 8.30  ? 107 ALA A C   1 
ATOM   130  O  O   . ALA A 1 21  ? -3.323  4.951   -2.560  1.00 6.93  ? 107 ALA A O   1 
ATOM   131  C  CB  . ALA A 1 21  ? -0.996  3.053   -1.469  1.00 8.76  ? 107 ALA A CB  1 
ATOM   132  N  N   . PHE A 1 22  ? -2.867  5.474   -0.419  1.00 7.07  ? 108 PHE A N   1 
ATOM   133  C  CA  . PHE A 1 22  ? -4.262  5.746   -0.104  1.00 5.37  ? 108 PHE A CA  1 
ATOM   134  C  C   . PHE A 1 22  ? -4.568  7.197   0.251   1.00 6.24  ? 108 PHE A C   1 
ATOM   135  O  O   . PHE A 1 22  ? -5.638  7.501   0.749   1.00 6.41  ? 108 PHE A O   1 
ATOM   136  C  CB  . PHE A 1 22  ? -4.777  4.762   0.953   1.00 5.76  ? 108 PHE A CB  1 
ATOM   137  C  CG  . PHE A 1 22  ? -4.792  3.343   0.467   1.00 5.30  ? 108 PHE A CG  1 
ATOM   138  C  CD1 . PHE A 1 22  ? -5.656  2.955   -0.541  1.00 7.62  ? 108 PHE A CD1 1 
ATOM   139  C  CD2 . PHE A 1 22  ? -3.922  2.417   0.991   1.00 8.85  ? 108 PHE A CD2 1 
ATOM   140  C  CE1 . PHE A 1 22  ? -5.647  1.641   -1.019  1.00 8.40  ? 108 PHE A CE1 1 
ATOM   141  C  CE2 . PHE A 1 22  ? -3.911  1.107   0.529   1.00 11.84 ? 108 PHE A CE2 1 
ATOM   142  C  CZ  . PHE A 1 22  ? -4.780  0.722   -0.481  1.00 11.42 ? 108 PHE A CZ  1 
ATOM   143  N  N   . ASN A 1 23  ? -3.641  8.091   -0.080  1.00 6.53  ? 109 ASN A N   1 
ATOM   144  C  CA  . ASN A 1 23  ? -3.906  9.528   -0.101  1.00 6.79  ? 109 ASN A CA  1 
ATOM   145  C  C   . ASN A 1 23  ? -3.805  10.045  -1.524  1.00 7.26  ? 109 ASN A C   1 
ATOM   146  O  O   . ASN A 1 23  ? -2.719  10.285  -2.029  1.00 9.65  ? 109 ASN A O   1 
ATOM   147  C  CB  . ASN A 1 23  ? -2.976  10.257  0.861   1.00 6.74  ? 109 ASN A CB  1 
ATOM   148  C  CG  . ASN A 1 23  ? -3.356  9.992   2.309   1.00 8.15  ? 109 ASN A CG  1 
ATOM   149  O  OD1 . ASN A 1 23  ? -4.241  10.648  2.854   1.00 8.19  ? 109 ASN A OD1 1 
ATOM   150  N  ND2 . ASN A 1 23  ? -2.713  9.012   2.925   1.00 7.71  ? 109 ASN A ND2 1 
ATOM   151  N  N   . LEU A 1 24  ? -4.962  10.175  -2.161  1.00 7.03  ? 110 LEU A N   1 
ATOM   152  C  CA  . LEU A 1 24  ? -5.041  10.432  -3.591  1.00 6.41  ? 110 LEU A CA  1 
ATOM   153  C  C   . LEU A 1 24  ? -5.861  11.681  -3.857  1.00 9.09  ? 110 LEU A C   1 
ATOM   154  O  O   . LEU A 1 24  ? -6.877  11.948  -3.199  1.00 9.17  ? 110 LEU A O   1 
ATOM   155  C  CB  . LEU A 1 24  ? -5.690  9.249   -4.302  1.00 6.59  ? 110 LEU A CB  1 
ATOM   156  C  CG  . LEU A 1 24  ? -4.974  7.901   -4.175  1.00 8.02  ? 110 LEU A CG  1 
ATOM   157  C  CD1 . LEU A 1 24  ? -5.834  6.832   -4.843  1.00 6.69  ? 110 LEU A CD1 1 
ATOM   158  C  CD2 . LEU A 1 24  ? -3.555  7.916   -4.760  1.00 9.49  ? 110 LEU A CD2 1 
ATOM   159  N  N   . ASP A 1 25  ? -5.414  12.431  -4.854  1.00 8.29  ? 111 ASP A N   1 
ATOM   160  C  CA  . ASP A 1 25  ? -6.040  13.697  -5.215  1.00 9.19  ? 111 ASP A CA  1 
ATOM   161  C  C   . ASP A 1 25  ? -6.964  13.509  -6.421  1.00 7.50  ? 111 ASP A C   1 
ATOM   162  O  O   . ASP A 1 25  ? -6.612  12.802  -7.366  1.00 8.12  ? 111 ASP A O   1 
ATOM   163  C  CB  . ASP A 1 25  ? -4.932  14.673  -5.577  1.00 9.39  ? 111 ASP A CB  1 
ATOM   164  C  CG  . ASP A 1 25  ? -5.449  16.031  -5.933  1.00 11.40 ? 111 ASP A CG  1 
ATOM   165  O  OD1 . ASP A 1 25  ? -5.709  16.258  -7.131  1.00 10.37 ? 111 ASP A OD1 1 
ATOM   166  O  OD2 . ASP A 1 25  ? -5.571  16.874  -5.015  1.00 17.87 ? 111 ASP A OD2 1 
ATOM   167  N  N   . PHE A 1 26  ? -8.132  14.162  -6.420  1.00 9.45  ? 112 PHE A N   1 
ATOM   168  C  CA  . PHE A 1 26  ? -9.087  13.914  -7.509  1.00 9.44  ? 112 PHE A CA  1 
ATOM   169  C  C   . PHE A 1 26  ? -8.591  14.337  -8.895  1.00 10.02 ? 112 PHE A C   1 
ATOM   170  O  O   . PHE A 1 26  ? -9.082  13.829  -9.905  1.00 12.19 ? 112 PHE A O   1 
ATOM   171  C  CB  . PHE A 1 26  ? -10.480 14.490  -7.222  1.00 12.95 ? 112 PHE A CB  1 
ATOM   172  C  CG  . PHE A 1 26  ? -10.600 15.970  -7.462  1.00 14.63 ? 112 PHE A CG  1 
ATOM   173  C  CD1 . PHE A 1 26  ? -10.231 16.878  -6.481  1.00 19.45 ? 112 PHE A CD1 1 
ATOM   174  C  CD2 . PHE A 1 26  ? -11.114 16.453  -8.652  1.00 18.02 ? 112 PHE A CD2 1 
ATOM   175  C  CE1 . PHE A 1 26  ? -10.353 18.252  -6.695  1.00 24.22 ? 112 PHE A CE1 1 
ATOM   176  C  CE2 . PHE A 1 26  ? -11.242 17.814  -8.864  1.00 15.33 ? 112 PHE A CE2 1 
ATOM   177  C  CZ  . PHE A 1 26  ? -10.860 18.710  -7.886  1.00 21.84 ? 112 PHE A CZ  1 
ATOM   178  N  N   . VAL A 1 27  ? -7.611  15.244  -8.935  1.00 8.55  ? 113 VAL A N   1 
ATOM   179  C  CA  . VAL A 1 27  ? -7.011  15.644  -10.199 1.00 8.84  ? 113 VAL A CA  1 
ATOM   180  C  C   . VAL A 1 27  ? -5.817  14.756  -10.561 1.00 9.69  ? 113 VAL A C   1 
ATOM   181  O  O   . VAL A 1 27  ? -5.731  14.265  -11.687 1.00 12.64 ? 113 VAL A O   1 
ATOM   182  C  CB  . VAL A 1 27  ? -6.580  17.131  -10.177 1.00 6.76  ? 113 VAL A CB  1 
ATOM   183  C  CG1 . VAL A 1 27  ? -5.888  17.506  -11.497 1.00 11.72 ? 113 VAL A CG1 1 
ATOM   184  C  CG2 . VAL A 1 27  ? -7.803  18.032  -9.944  1.00 11.27 ? 113 VAL A CG2 1 
ATOM   185  N  N   . HIS A 1 28  ? -4.916  14.523  -9.602  1.00 6.55  ? 114 HIS A N   1 
ATOM   186  C  CA  . HIS A 1 28  ? -3.633  13.900  -9.904  1.00 6.21  ? 114 HIS A CA  1 
ATOM   187  C  C   . HIS A 1 28  ? -3.510  12.429  -9.546  1.00 7.53  ? 114 HIS A C   1 
ATOM   188  O  O   . HIS A 1 28  ? -2.427  11.875  -9.651  1.00 7.98  ? 114 HIS A O   1 
ATOM   189  C  CB  . HIS A 1 28  ? -2.513  14.709  -9.235  1.00 7.85  ? 114 HIS A CB  1 
ATOM   190  C  CG  . HIS A 1 28  ? -2.512  16.139  -9.664  1.00 7.07  ? 114 HIS A CG  1 
ATOM   191  N  ND1 . HIS A 1 28  ? -2.018  16.534  -10.893 1.00 8.22  ? 114 HIS A ND1 1 
ATOM   192  C  CD2 . HIS A 1 28  ? -2.996  17.260  -9.074  1.00 8.56  ? 114 HIS A CD2 1 
ATOM   193  C  CE1 . HIS A 1 28  ? -2.181  17.835  -11.029 1.00 8.16  ? 114 HIS A CE1 1 
ATOM   194  N  NE2 . HIS A 1 28  ? -2.775  18.303  -9.947  1.00 7.91  ? 114 HIS A NE2 1 
ATOM   195  N  N   . TYR A 1 29  ? -4.622  11.804  -9.161  1.00 7.50  ? 115 TYR A N   1 
ATOM   196  C  CA  . TYR A 1 29  ? -4.563  10.405  -8.690  1.00 6.46  ? 115 TYR A CA  1 
ATOM   197  C  C   . TYR A 1 29  ? -3.876  9.414   -9.649  1.00 8.73  ? 115 TYR A C   1 
ATOM   198  O  O   . TYR A 1 29  ? -3.145  8.523   -9.203  1.00 8.36  ? 115 TYR A O   1 
ATOM   199  C  CB  . TYR A 1 29  ? -5.947  9.892   -8.310  1.00 8.03  ? 115 TYR A CB  1 
ATOM   200  C  CG  . TYR A 1 29  ? -6.882  9.669   -9.477  1.00 10.99 ? 115 TYR A CG  1 
ATOM   201  C  CD1 . TYR A 1 29  ? -7.597  10.725  -10.027 1.00 9.54  ? 115 TYR A CD1 1 
ATOM   202  C  CD2 . TYR A 1 29  ? -7.069  8.402   -10.011 1.00 14.00 ? 115 TYR A CD2 1 
ATOM   203  C  CE1 . TYR A 1 29  ? -8.475  10.520  -11.089 1.00 10.14 ? 115 TYR A CE1 1 
ATOM   204  C  CE2 . TYR A 1 29  ? -7.935  8.191   -11.074 1.00 14.94 ? 115 TYR A CE2 1 
ATOM   205  C  CZ  . TYR A 1 29  ? -8.627  9.247   -11.604 1.00 14.91 ? 115 TYR A CZ  1 
ATOM   206  O  OH  . TYR A 1 29  ? -9.483  9.033   -12.665 1.00 16.19 ? 115 TYR A OH  1 
ATOM   207  N  N   . ARG A 1 30  ? -4.069  9.554   -10.957 1.00 9.58  ? 116 ARG A N   1 
ATOM   208  C  CA  . ARG A 1 30  ? -3.419  8.615   -11.889 1.00 8.21  ? 116 ARG A CA  1 
ATOM   209  C  C   . ARG A 1 30  ? -1.900  8.709   -11.842 1.00 9.70  ? 116 ARG A C   1 
ATOM   210  O  O   . ARG A 1 30  ? -1.185  7.700   -11.916 1.00 11.64 ? 116 ARG A O   1 
ATOM   211  C  CB  . ARG A 1 30  ? -3.886  8.857   -13.313 1.00 12.81 ? 116 ARG A CB  1 
ATOM   212  C  CG  . ARG A 1 30  ? -5.352  8.634   -13.468 1.00 22.15 ? 116 ARG A CG  1 
ATOM   213  C  CD  . ARG A 1 30  ? -5.737  8.428   -14.912 1.00 25.68 ? 116 ARG A CD  1 
ATOM   214  N  NE  . ARG A 1 30  ? -7.133  8.017   -14.991 1.00 31.29 ? 116 ARG A NE  1 
ATOM   215  C  CZ  . ARG A 1 30  ? -7.565  6.779   -14.757 1.00 27.46 ? 116 ARG A CZ  1 
ATOM   216  N  NH1 . ARG A 1 30  ? -8.862  6.515   -14.843 1.00 32.43 ? 116 ARG A NH1 1 
ATOM   217  N  NH2 . ARG A 1 30  ? -6.711  5.804   -14.433 1.00 19.25 ? 116 ARG A NH2 1 
ATOM   218  N  N   . SER A 1 31  ? -1.393  9.927   -11.711 1.00 8.06  ? 117 SER A N   1 
ATOM   219  C  CA  . SER A 1 31  ? 0.033   10.161  -11.656 1.00 8.50  ? 117 SER A CA  1 
ATOM   220  C  C   . SER A 1 31  ? 0.591   9.725   -10.292 1.00 8.98  ? 117 SER A C   1 
ATOM   221  O  O   . SER A 1 31  ? 1.688   9.170   -10.195 1.00 9.11  ? 117 SER A O   1 
ATOM   222  C  CB  . SER A 1 31  ? 0.325   11.651  -11.906 1.00 12.11 ? 117 SER A CB  1 
ATOM   223  O  OG  . SER A 1 31  ? -0.261  12.090  -13.130 1.00 17.03 ? 117 SER A OG  1 
ATOM   224  N  N   . GLN A 1 32  ? -0.185  9.952   -9.241  1.00 6.52  ? 118 GLN A N   1 
ATOM   225  C  CA  . GLN A 1 32  ? 0.215   9.467   -7.925  1.00 7.05  ? 118 GLN A CA  1 
ATOM   226  C  C   . GLN A 1 32  ? 0.338   7.957   -7.934  1.00 8.10  ? 118 GLN A C   1 
ATOM   227  O  O   . GLN A 1 32  ? 1.325   7.404   -7.438  1.00 9.12  ? 118 GLN A O   1 
ATOM   228  C  CB  . GLN A 1 32  ? -0.775  9.922   -6.859  1.00 7.04  ? 118 GLN A CB  1 
ATOM   229  C  CG  . GLN A 1 32  ? -0.747  11.462  -6.609  1.00 7.28  ? 118 GLN A CG  1 
ATOM   230  C  CD  . GLN A 1 32  ? -1.912  11.917  -5.753  1.00 8.03  ? 118 GLN A CD  1 
ATOM   231  O  OE1 . GLN A 1 32  ? -3.076  11.701  -6.103  1.00 8.90  ? 118 GLN A OE1 1 
ATOM   232  N  NE2 . GLN A 1 32  ? -1.610  12.550  -4.607  1.00 8.14  ? 118 GLN A NE2 1 
ATOM   233  N  N   . ILE A 1 33  ? -0.659  7.289   -8.504  1.00 7.84  ? 119 ILE A N   1 
ATOM   234  C  CA  . ILE A 1 33  ? -0.642  5.819   -8.550  1.00 8.99  ? 119 ILE A CA  1 
ATOM   235  C  C   . ILE A 1 33  ? 0.540   5.269   -9.355  1.00 7.90  ? 119 ILE A C   1 
ATOM   236  O  O   . ILE A 1 33  ? 1.287   4.402   -8.864  1.00 9.18  ? 119 ILE A O   1 
ATOM   237  C  CB  . ILE A 1 33  ? -1.986  5.295   -9.071  1.00 7.48  ? 119 ILE A CB  1 
ATOM   238  C  CG1 . ILE A 1 33  ? -3.057  5.495   -8.005  1.00 8.16  ? 119 ILE A CG1 1 
ATOM   239  C  CG2 . ILE A 1 33  ? -1.864  3.824   -9.460  1.00 10.33 ? 119 ILE A CG2 1 
ATOM   240  C  CD1 . ILE A 1 33  ? -4.508  5.353   -8.492  1.00 9.64  ? 119 ILE A CD1 1 
ATOM   241  N  N   . SER A 1 34  ? 0.779   5.768   -10.558 1.00 8.12  ? 120 SER A N   1 
ATOM   242  C  CA  A SER A 1 34  ? 1.896   5.281   -11.360 0.50 8.04  ? 120 SER A CA  1 
ATOM   243  C  CA  B SER A 1 34  ? 1.891   5.284   -11.354 0.50 8.03  ? 120 SER A CA  1 
ATOM   244  C  C   . SER A 1 34  ? 3.236   5.510   -10.666 1.00 10.57 ? 120 SER A C   1 
ATOM   245  O  O   . SER A 1 34  ? 4.140   4.688   -10.769 1.00 9.88  ? 120 SER A O   1 
ATOM   246  C  CB  A SER A 1 34  ? 1.895   5.842   -12.799 0.50 10.12 ? 120 SER A CB  1 
ATOM   247  C  CB  B SER A 1 34  ? 1.863   5.918   -12.741 0.50 10.13 ? 120 SER A CB  1 
ATOM   248  O  OG  A SER A 1 34  ? 2.180   7.230   -12.872 0.50 10.06 ? 120 SER A OG  1 
ATOM   249  O  OG  B SER A 1 34  ? 0.578   5.735   -13.309 0.50 13.67 ? 120 SER A OG  1 
ATOM   250  N  N   . SER A 1 35  ? 3.350   6.620   -9.938  1.00 10.60 ? 121 SER A N   1 
ATOM   251  C  CA  . SER A 1 35  ? 4.588   6.964   -9.238  1.00 9.70  ? 121 SER A CA  1 
ATOM   252  C  C   . SER A 1 35  ? 4.886   6.007   -8.085  1.00 9.80  ? 121 SER A C   1 
ATOM   253  O  O   . SER A 1 35  ? 6.000   5.983   -7.592  1.00 9.94  ? 121 SER A O   1 
ATOM   254  C  CB  . SER A 1 35  ? 4.501   8.401   -8.702  1.00 10.63 ? 121 SER A CB  1 
ATOM   255  O  OG  . SER A 1 35  ? 3.758   8.441   -7.490  1.00 14.19 ? 121 SER A OG  1 
ATOM   256  N  N   . LEU A 1 36  ? 3.900   5.209   -7.671  1.00 9.15  ? 122 LEU A N   1 
ATOM   257  C  CA  . LEU A 1 36  ? 4.071   4.274   -6.553  1.00 9.57  ? 122 LEU A CA  1 
ATOM   258  C  C   . LEU A 1 36  ? 4.638   2.929   -6.998  1.00 7.34  ? 122 LEU A C   1 
ATOM   259  O  O   . LEU A 1 36  ? 5.059   2.101   -6.181  1.00 6.66  ? 122 LEU A O   1 
ATOM   260  C  CB  . LEU A 1 36  ? 2.721   4.030   -5.878  1.00 15.67 ? 122 LEU A CB  1 
ATOM   261  C  CG  . LEU A 1 36  ? 2.633   4.226   -4.359  1.00 23.73 ? 122 LEU A CG  1 
ATOM   262  C  CD1 . LEU A 1 36  ? 1.398   3.557   -3.821  1.00 17.60 ? 122 LEU A CD1 1 
ATOM   263  C  CD2 . LEU A 1 36  ? 3.869   3.699   -3.649  1.00 21.88 ? 122 LEU A CD2 1 
ATOM   264  N  N   . SER A 1 37  ? 4.654   2.684   -8.302  1.00 6.89  ? 123 SER A N   1 
ATOM   265  C  CA  A SER A 1 37  ? 5.083   1.391   -8.830  0.50 6.57  ? 123 SER A CA  1 
ATOM   266  C  CA  B SER A 1 37  ? 5.045   1.362   -8.758  0.50 6.56  ? 123 SER A CA  1 
ATOM   267  C  C   . SER A 1 37  ? 6.447   0.902   -8.304  1.00 7.68  ? 123 SER A C   1 
ATOM   268  O  O   . SER A 1 37  ? 6.641   -0.291  -8.085  1.00 5.46  ? 123 SER A O   1 
ATOM   269  C  CB  A SER A 1 37  ? 5.059   1.423   -10.366 0.50 7.70  ? 123 SER A CB  1 
ATOM   270  C  CB  B SER A 1 37  ? 4.826   1.209   -10.270 0.50 7.52  ? 123 SER A CB  1 
ATOM   271  O  OG  A SER A 1 37  ? 5.263   0.131   -10.915 0.50 11.58 ? 123 SER A OG  1 
ATOM   272  O  OG  B SER A 1 37  ? 5.701   2.042   -11.002 0.50 5.86  ? 123 SER A OG  1 
ATOM   273  N  N   . PRO A 1 38  ? 7.420   1.832   -8.107  1.00 6.27  ? 124 PRO A N   1 
ATOM   274  C  CA  . PRO A 1 38  ? 8.724   1.339   -7.631  1.00 6.57  ? 124 PRO A CA  1 
ATOM   275  C  C   . PRO A 1 38  ? 8.667   0.663   -6.264  1.00 5.63  ? 124 PRO A C   1 
ATOM   276  O  O   . PRO A 1 38  ? 9.600   -0.087  -5.899  1.00 6.50  ? 124 PRO A O   1 
ATOM   277  C  CB  . PRO A 1 38  ? 9.570   2.611   -7.530  1.00 9.98  ? 124 PRO A CB  1 
ATOM   278  C  CG  . PRO A 1 38  ? 8.953   3.545   -8.548  1.00 8.15  ? 124 PRO A CG  1 
ATOM   279  C  CD  . PRO A 1 38  ? 7.468   3.263   -8.472  1.00 7.39  ? 124 PRO A CD  1 
ATOM   280  N  N   . ARG A 1 39  ? 7.607   0.903   -5.501  1.00 5.27  ? 125 ARG A N   1 
ATOM   281  C  CA  . ARG A 1 39  ? 7.505   0.320   -4.154  1.00 5.34  ? 125 ARG A CA  1 
ATOM   282  C  C   . ARG A 1 39  ? 6.970   -1.108  -4.196  1.00 5.17  ? 125 ARG A C   1 
ATOM   283  O  O   . ARG A 1 39  ? 6.908   -1.775  -3.158  1.00 5.06  ? 125 ARG A O   1 
ATOM   284  C  CB  . ARG A 1 39  ? 6.601   1.170   -3.253  1.00 6.72  ? 125 ARG A CB  1 
ATOM   285  C  CG  . ARG A 1 39  ? 7.095   2.587   -3.053  1.00 12.39 ? 125 ARG A CG  1 
ATOM   286  C  CD  . ARG A 1 39  ? 8.353   2.579   -2.216  1.00 17.07 ? 125 ARG A CD  1 
ATOM   287  N  NE  . ARG A 1 39  ? 8.895   3.911   -1.954  1.00 23.01 ? 125 ARG A NE  1 
ATOM   288  C  CZ  . ARG A 1 39  ? 10.109  4.308   -2.327  1.00 26.58 ? 125 ARG A CZ  1 
ATOM   289  N  NH1 . ARG A 1 39  ? 10.516  5.542   -2.042  1.00 33.39 ? 125 ARG A NH1 1 
ATOM   290  N  NH2 . ARG A 1 39  ? 10.918  3.475   -2.983  1.00 15.08 ? 125 ARG A NH2 1 
ATOM   291  N  N   . PHE A 1 40  ? 6.595   -1.594  -5.378  1.00 4.84  ? 126 PHE A N   1 
ATOM   292  C  CA  . PHE A 1 40  ? 5.899   -2.888  -5.509  1.00 4.89  ? 126 PHE A CA  1 
ATOM   293  C  C   . PHE A 1 40  ? 6.548   -3.770  -6.562  1.00 5.70  ? 126 PHE A C   1 
ATOM   294  O  O   . PHE A 1 40  ? 7.097   -3.245  -7.535  1.00 6.83  ? 126 PHE A O   1 
ATOM   295  C  CB  . PHE A 1 40  ? 4.452   -2.664  -5.991  1.00 5.51  ? 126 PHE A CB  1 
ATOM   296  C  CG  . PHE A 1 40  ? 3.526   -2.038  -4.978  1.00 3.62  ? 126 PHE A CG  1 
ATOM   297  C  CD1 . PHE A 1 40  ? 3.463   -0.664  -4.806  1.00 6.60  ? 126 PHE A CD1 1 
ATOM   298  C  CD2 . PHE A 1 40  ? 2.683   -2.850  -4.220  1.00 5.64  ? 126 PHE A CD2 1 
ATOM   299  C  CE1 . PHE A 1 40  ? 2.576   -0.121  -3.895  1.00 7.79  ? 126 PHE A CE1 1 
ATOM   300  C  CE2 . PHE A 1 40  ? 1.796   -2.311  -3.314  1.00 6.79  ? 126 PHE A CE2 1 
ATOM   301  C  CZ  . PHE A 1 40  ? 1.745   -0.958  -3.139  1.00 8.41  ? 126 PHE A CZ  1 
ATOM   302  N  N   . SER A 1 41  ? 6.472   -5.096  -6.404  1.00 4.47  ? 127 SER A N   1 
ATOM   303  C  CA  . SER A 1 41  ? 6.609   -5.956  -7.572  1.00 5.25  ? 127 SER A CA  1 
ATOM   304  C  C   . SER A 1 41  ? 5.294   -5.855  -8.352  1.00 5.86  ? 127 SER A C   1 
ATOM   305  O  O   . SER A 1 41  ? 4.283   -5.383  -7.829  1.00 5.13  ? 127 SER A O   1 
ATOM   306  C  CB  . SER A 1 41  ? 6.821   -7.414  -7.158  1.00 6.05  ? 127 SER A CB  1 
ATOM   307  O  OG  . SER A 1 41  ? 5.635   -7.946  -6.576  1.00 5.63  ? 127 SER A OG  1 
ATOM   308  N  N   . ASP A 1 42  ? 5.266   -6.360  -9.580  1.00 7.22  ? 128 ASP A N   1 
ATOM   309  C  CA  . ASP A 1 42  ? 4.027   -6.245  -10.342 1.00 7.39  ? 128 ASP A CA  1 
ATOM   310  C  C   . ASP A 1 42  ? 2.895   -7.084  -9.730  1.00 6.49  ? 128 ASP A C   1 
ATOM   311  O  O   . ASP A 1 42  ? 1.730   -6.680  -9.762  1.00 6.34  ? 128 ASP A O   1 
ATOM   312  C  CB  . ASP A 1 42  ? 4.275   -6.561  -11.825 1.00 9.28  ? 128 ASP A CB  1 
ATOM   313  C  CG  . ASP A 1 42  ? 5.045   -5.444  -12.534 1.00 11.64 ? 128 ASP A CG  1 
ATOM   314  O  OD1 . ASP A 1 42  ? 5.254   -4.369  -11.930 1.00 13.79 ? 128 ASP A OD1 1 
ATOM   315  O  OD2 . ASP A 1 42  ? 5.454   -5.628  -13.699 1.00 21.70 ? 128 ASP A OD2 1 
ATOM   316  N  N   . GLU A 1 43  ? 3.222   -8.240  -9.145  1.00 7.26  ? 129 GLU A N   1 
ATOM   317  C  CA  . GLU A 1 43  ? 2.207   -8.995  -8.404  1.00 9.22  ? 129 GLU A CA  1 
ATOM   318  C  C   . GLU A 1 43  ? 1.722   -8.241  -7.163  1.00 6.78  ? 129 GLU A C   1 
ATOM   319  O  O   . GLU A 1 43  ? 0.531   -8.289  -6.816  1.00 8.30  ? 129 GLU A O   1 
ATOM   320  C  CB  . GLU A 1 43  ? 2.724   -10.365 -7.983  1.00 12.84 ? 129 GLU A CB  1 
ATOM   321  C  CG  . GLU A 1 43  ? 1.615   -11.258 -7.459  1.00 19.45 ? 129 GLU A CG  1 
ATOM   322  C  CD  . GLU A 1 43  ? 0.706   -11.773 -8.569  1.00 27.60 ? 129 GLU A CD  1 
ATOM   323  O  OE1 . GLU A 1 43  ? 1.115   -11.694 -9.742  1.00 24.94 ? 129 GLU A OE1 1 
ATOM   324  O  OE2 . GLU A 1 43  ? -0.409  -12.270 -8.270  1.00 29.46 ? 129 GLU A OE2 1 
ATOM   325  N  N   . GLY A 1 44  ? 2.620   -7.536  -6.491  1.00 4.89  ? 130 GLY A N   1 
ATOM   326  C  CA  . GLY A 1 44  ? 2.241   -6.736  -5.349  1.00 7.32  ? 130 GLY A CA  1 
ATOM   327  C  C   . GLY A 1 44  ? 1.294   -5.623  -5.771  1.00 6.59  ? 130 GLY A C   1 
ATOM   328  O  O   . GLY A 1 44  ? 0.293   -5.340  -5.107  1.00 6.79  ? 130 GLY A O   1 
ATOM   329  N  N   . PHE A 1 45  ? 1.618   -4.984  -6.893  1.00 5.33  ? 131 PHE A N   1 
ATOM   330  C  CA  . PHE A 1 45  ? 0.823   -3.868  -7.379  1.00 4.92  ? 131 PHE A CA  1 
ATOM   331  C  C   . PHE A 1 45  ? -0.603  -4.333  -7.722  1.00 4.52  ? 131 PHE A C   1 
ATOM   332  O  O   . PHE A 1 45  ? -1.564  -3.591  -7.533  1.00 5.05  ? 131 PHE A O   1 
ATOM   333  C  CB  . PHE A 1 45  ? 1.532   -3.242  -8.591  1.00 4.83  ? 131 PHE A CB  1 
ATOM   334  C  CG  . PHE A 1 45  ? 1.126   -1.819  -8.889  1.00 6.73  ? 131 PHE A CG  1 
ATOM   335  C  CD1 . PHE A 1 45  ? 1.689   -0.751  -8.205  1.00 6.84  ? 131 PHE A CD1 1 
ATOM   336  C  CD2 . PHE A 1 45  ? 0.213   -1.554  -9.900  1.00 9.23  ? 131 PHE A CD2 1 
ATOM   337  C  CE1 . PHE A 1 45  ? 1.319   0.570   -8.514  1.00 9.54  ? 131 PHE A CE1 1 
ATOM   338  C  CE2 . PHE A 1 45  ? -0.156  -0.247  -10.197 1.00 10.36 ? 131 PHE A CE2 1 
ATOM   339  C  CZ  . PHE A 1 45  ? 0.401   0.808   -9.511  1.00 8.79  ? 131 PHE A CZ  1 
ATOM   340  N  N   . ALA A 1 46  ? -0.735  -5.559  -8.210  1.00 5.39  ? 132 ALA A N   1 
ATOM   341  C  CA  . ALA A 1 46  ? -2.063  -6.109  -8.459  1.00 6.96  ? 132 ALA A CA  1 
ATOM   342  C  C   . ALA A 1 46  ? -2.917  -6.136  -7.206  1.00 6.51  ? 132 ALA A C   1 
ATOM   343  O  O   . ALA A 1 46  ? -4.139  -5.933  -7.285  1.00 6.93  ? 132 ALA A O   1 
ATOM   344  C  CB  . ALA A 1 46  ? -1.949  -7.508  -9.042  1.00 6.73  ? 132 ALA A CB  1 
ATOM   345  N  N   . GLY A 1 47  ? -2.315  -6.389  -6.045  1.00 5.85  ? 133 GLY A N   1 
ATOM   346  C  CA  . GLY A 1 47  ? -3.066  -6.364  -4.801  1.00 5.68  ? 133 GLY A CA  1 
ATOM   347  C  C   . GLY A 1 47  ? -3.542  -4.969  -4.437  1.00 6.61  ? 133 GLY A C   1 
ATOM   348  O  O   . GLY A 1 47  ? -4.633  -4.810  -3.878  1.00 7.13  ? 133 GLY A O   1 
ATOM   349  N  N   . TYR A 1 48  ? -2.736  -3.960  -4.740  1.00 6.25  ? 134 TYR A N   1 
ATOM   350  C  CA  . TYR A 1 48  ? -3.159  -2.566  -4.566  1.00 5.43  ? 134 TYR A CA  1 
ATOM   351  C  C   . TYR A 1 48  ? -4.335  -2.245  -5.505  1.00 6.57  ? 134 TYR A C   1 
ATOM   352  O  O   . TYR A 1 48  ? -5.327  -1.667  -5.085  1.00 5.51  ? 134 TYR A O   1 
ATOM   353  C  CB  . TYR A 1 48  ? -1.954  -1.658  -4.841  1.00 4.57  ? 134 TYR A CB  1 
ATOM   354  C  CG  . TYR A 1 48  ? -2.193  -0.167  -4.880  1.00 7.24  ? 134 TYR A CG  1 
ATOM   355  C  CD1 . TYR A 1 48  ? -2.973  0.461   -3.923  1.00 6.66  ? 134 TYR A CD1 1 
ATOM   356  C  CD2 . TYR A 1 48  ? -1.546  0.620   -5.819  1.00 10.93 ? 134 TYR A CD2 1 
ATOM   357  C  CE1 . TYR A 1 48  ? -3.156  1.830   -3.938  1.00 7.46  ? 134 TYR A CE1 1 
ATOM   358  C  CE2 . TYR A 1 48  ? -1.722  2.010   -5.842  1.00 14.27 ? 134 TYR A CE2 1 
ATOM   359  C  CZ  . TYR A 1 48  ? -2.536  2.594   -4.893  1.00 10.19 ? 134 TYR A CZ  1 
ATOM   360  O  OH  . TYR A 1 48  ? -2.718  3.962   -4.896  1.00 12.21 ? 134 TYR A OH  1 
ATOM   361  N  N   . VAL A 1 49  ? -4.234  -2.634  -6.774  1.00 5.83  ? 135 VAL A N   1 
ATOM   362  C  CA  . VAL A 1 49  ? -5.307  -2.380  -7.726  1.00 6.14  ? 135 VAL A CA  1 
ATOM   363  C  C   . VAL A 1 49  ? -6.588  -3.075  -7.260  1.00 6.76  ? 135 VAL A C   1 
ATOM   364  O  O   . VAL A 1 49  ? -7.671  -2.485  -7.323  1.00 8.04  ? 135 VAL A O   1 
ATOM   365  C  CB  . VAL A 1 49  ? -4.899  -2.838  -9.147  1.00 6.62  ? 135 VAL A CB  1 
ATOM   366  C  CG1 . VAL A 1 49  ? -6.114  -2.794  -10.102 1.00 9.49  ? 135 VAL A CG1 1 
ATOM   367  C  CG2 . VAL A 1 49  ? -3.749  -1.987  -9.682  1.00 8.73  ? 135 VAL A CG2 1 
ATOM   368  N  N   . ASN A 1 50  ? -6.479  -4.314  -6.779  1.00 6.98  ? 136 ASN A N   1 
ATOM   369  C  CA  . ASN A 1 50  ? -7.630  -5.019  -6.209  1.00 7.65  ? 136 ASN A CA  1 
ATOM   370  C  C   . ASN A 1 50  ? -8.256  -4.268  -5.039  1.00 9.00  ? 136 ASN A C   1 
ATOM   371  O  O   . ASN A 1 50  ? -9.494  -4.195  -4.953  1.00 9.59  ? 136 ASN A O   1 
ATOM   372  C  CB  . ASN A 1 50  ? -7.246  -6.437  -5.779  1.00 13.69 ? 136 ASN A CB  1 
ATOM   373  C  CG  . ASN A 1 50  ? -8.461  -7.279  -5.397  1.00 17.36 ? 136 ASN A CG  1 
ATOM   374  O  OD1 . ASN A 1 50  ? -9.344  -7.506  -6.218  1.00 18.98 ? 136 ASN A OD1 1 
ATOM   375  N  ND2 . ASN A 1 50  ? -8.499  -7.742  -4.156  1.00 23.72 ? 136 ASN A ND2 1 
ATOM   376  N  N   . ALA A 1 51  ? -7.426  -3.730  -4.141  1.00 8.42  ? 137 ALA A N   1 
ATOM   377  C  CA  . ALA A 1 51  ? -7.934  -2.987  -2.987  1.00 9.12  ? 137 ALA A CA  1 
ATOM   378  C  C   . ALA A 1 51  ? -8.691  -1.723  -3.419  1.00 8.35  ? 137 ALA A C   1 
ATOM   379  O  O   . ALA A 1 51  ? -9.746  -1.383  -2.856  1.00 9.73  ? 137 ALA A O   1 
ATOM   380  C  CB  . ALA A 1 51  ? -6.799  -2.640  -2.021  1.00 10.37 ? 137 ALA A CB  1 
ATOM   381  N  N   . LEU A 1 52  ? -8.166  -1.024  -4.425  1.00 6.65  ? 138 LEU A N   1 
ATOM   382  C  CA  . LEU A 1 52  ? -8.858  0.146   -4.944  1.00 6.91  ? 138 LEU A CA  1 
ATOM   383  C  C   . LEU A 1 52  ? -10.217 -0.281  -5.517  1.00 8.07  ? 138 LEU A C   1 
ATOM   384  O  O   . LEU A 1 52  ? -11.241 0.336   -5.223  1.00 10.83 ? 138 LEU A O   1 
ATOM   385  C  CB  . LEU A 1 52  ? -7.998  0.831   -6.014  1.00 7.80  ? 138 LEU A CB  1 
ATOM   386  C  CG  . LEU A 1 52  ? -6.712  1.514   -5.547  1.00 6.62  ? 138 LEU A CG  1 
ATOM   387  C  CD1 . LEU A 1 52  ? -5.877  1.880   -6.758  1.00 9.82  ? 138 LEU A CD1 1 
ATOM   388  C  CD2 . LEU A 1 52  ? -7.037  2.732   -4.681  1.00 9.97  ? 138 LEU A CD2 1 
ATOM   389  N  N   . GLN A 1 53  ? -10.237 -1.344  -6.313  1.00 7.34  ? 139 GLN A N   1 
ATOM   390  C  CA  . GLN A 1 53  ? -11.490 -1.797  -6.932  1.00 9.28  ? 139 GLN A CA  1 
ATOM   391  C  C   . GLN A 1 53  ? -12.512 -2.262  -5.900  1.00 9.20  ? 139 GLN A C   1 
ATOM   392  O  O   . GLN A 1 53  ? -13.731 -2.037  -6.046  1.00 9.65  ? 139 GLN A O   1 
ATOM   393  C  CB  . GLN A 1 53  ? -11.200 -2.898  -7.944  1.00 9.48  ? 139 GLN A CB  1 
ATOM   394  C  CG  . GLN A 1 53  ? -12.441 -3.563  -8.510  1.00 11.97 ? 139 GLN A CG  1 
ATOM   395  C  CD  . GLN A 1 53  ? -13.258 -2.647  -9.381  1.00 16.07 ? 139 GLN A CD  1 
ATOM   396  O  OE1 . GLN A 1 53  ? -12.731 -1.734  -10.014 1.00 16.28 ? 139 GLN A OE1 1 
ATOM   397  N  NE2 . GLN A 1 53  ? -14.566 -2.897  -9.436  1.00 23.44 ? 139 GLN A NE2 1 
ATOM   398  N  N   . ALA A 1 54  ? -12.043 -2.902  -4.838  1.00 7.65  ? 140 ALA A N   1 
ATOM   399  C  CA  . ALA A 1 54  ? -12.980 -3.464  -3.869  1.00 9.27  ? 140 ALA A CA  1 
ATOM   400  C  C   . ALA A 1 54  ? -13.775 -2.377  -3.157  1.00 9.62  ? 140 ALA A C   1 
ATOM   401  O  O   . ALA A 1 54  ? -14.887 -2.642  -2.689  1.00 14.81 ? 140 ALA A O   1 
ATOM   402  C  CB  . ALA A 1 54  ? -12.247 -4.341  -2.869  1.00 9.64  ? 140 ALA A CB  1 
ATOM   403  N  N   . SER A 1 55  ? -13.197 -1.183  -3.049  1.00 9.14  ? 141 SER A N   1 
ATOM   404  C  CA  . SER A 1 55  ? -13.904 -0.026  -2.490  1.00 8.88  ? 141 SER A CA  1 
ATOM   405  C  C   . SER A 1 55  ? -14.401 0.959   -3.548  1.00 11.55 ? 141 SER A C   1 
ATOM   406  O  O   . SER A 1 55  ? -14.799 2.073   -3.211  1.00 12.49 ? 141 SER A O   1 
ATOM   407  C  CB  . SER A 1 55  ? -13.022 0.709   -1.476  1.00 14.36 ? 141 SER A CB  1 
ATOM   408  O  OG  . SER A 1 55  ? -12.836 -0.082  -0.305  1.00 15.21 ? 141 SER A OG  1 
ATOM   409  N  N   . ASN A 1 56  ? -14.363 0.546   -4.812  1.00 9.52  ? 142 ASN A N   1 
ATOM   410  C  CA  . ASN A 1 56  ? -14.807 1.384   -5.921  1.00 8.94  ? 142 ASN A CA  1 
ATOM   411  C  C   . ASN A 1 56  ? -14.161 2.763   -5.888  1.00 8.44  ? 142 ASN A C   1 
ATOM   412  O  O   . ASN A 1 56  ? -14.788 3.775   -6.216  1.00 9.69  ? 142 ASN A O   1 
ATOM   413  C  CB  . ASN A 1 56  ? -16.331 1.518   -5.922  1.00 9.07  ? 142 ASN A CB  1 
ATOM   414  C  CG  . ASN A 1 56  ? -16.857 1.936   -7.261  1.00 15.09 ? 142 ASN A CG  1 
ATOM   415  O  OD1 . ASN A 1 56  ? -16.262 1.625   -8.298  1.00 15.32 ? 142 ASN A OD1 1 
ATOM   416  N  ND2 . ASN A 1 56  ? -17.973 2.664   -7.258  1.00 24.79 ? 142 ASN A ND2 1 
ATOM   417  N  N   . ILE A 1 57  ? -12.883 2.812   -5.517  1.00 8.56  ? 143 ILE A N   1 
ATOM   418  C  CA  . ILE A 1 57  ? -12.205 4.098   -5.342  1.00 8.23  ? 143 ILE A CA  1 
ATOM   419  C  C   . ILE A 1 57  ? -12.037 4.917   -6.608  1.00 10.20 ? 143 ILE A C   1 
ATOM   420  O  O   . ILE A 1 57  ? -12.387 6.092   -6.624  1.00 8.43  ? 143 ILE A O   1 
ATOM   421  C  CB  . ILE A 1 57  ? -10.813 3.890   -4.704  1.00 9.11  ? 143 ILE A CB  1 
ATOM   422  C  CG1 . ILE A 1 57  ? -10.958 3.286   -3.314  1.00 14.65 ? 143 ILE A CG1 1 
ATOM   423  C  CG2 . ILE A 1 57  ? -10.007 5.191   -4.694  1.00 9.26  ? 143 ILE A CG2 1 
ATOM   424  C  CD1 . ILE A 1 57  ? -11.767 4.126   -2.394  1.00 13.97 ? 143 ILE A CD1 1 
ATOM   425  N  N   . LEU A 1 58  ? -11.485 4.319   -7.658  1.00 7.87  ? 144 LEU A N   1 
ATOM   426  C  CA  . LEU A 1 58  ? -11.130 5.092   -8.838  1.00 8.99  ? 144 LEU A CA  1 
ATOM   427  C  C   . LEU A 1 58  ? -12.358 5.668   -9.512  1.00 10.31 ? 144 LEU A C   1 
ATOM   428  O  O   . LEU A 1 58  ? -12.342 6.816   -9.937  1.00 10.81 ? 144 LEU A O   1 
ATOM   429  C  CB  . LEU A 1 58  ? -10.327 4.239   -9.824  1.00 9.71  ? 144 LEU A CB  1 
ATOM   430  C  CG  . LEU A 1 58  ? -8.981  3.774   -9.276  1.00 13.30 ? 144 LEU A CG  1 
ATOM   431  C  CD1 . LEU A 1 58  ? -8.277  2.988   -10.368 1.00 14.54 ? 144 LEU A CD1 1 
ATOM   432  C  CD2 . LEU A 1 58  ? -8.167  4.965   -8.829  1.00 17.99 ? 144 LEU A CD2 1 
ATOM   433  N  N   . GLU A 1 59  ? -13.418 4.873   -9.608  1.00 10.32 ? 145 GLU A N   1 
ATOM   434  C  CA  . GLU A 1 59  ? -14.637 5.362   -10.232 1.00 14.15 ? 145 GLU A CA  1 
ATOM   435  C  C   . GLU A 1 59  ? -15.253 6.477   -9.416  1.00 11.06 ? 145 GLU A C   1 
ATOM   436  O  O   . GLU A 1 59  ? -15.758 7.443   -9.974  1.00 13.23 ? 145 GLU A O   1 
ATOM   437  C  CB  . GLU A 1 59  ? -15.662 4.239   -10.408 1.00 17.27 ? 145 GLU A CB  1 
ATOM   438  C  CG  . GLU A 1 59  ? -17.001 4.755   -10.914 1.00 26.06 ? 145 GLU A CG  1 
ATOM   439  C  CD  . GLU A 1 59  ? -18.055 3.672   -11.032 1.00 32.88 ? 145 GLU A CD  1 
ATOM   440  O  OE1 . GLU A 1 59  ? -17.955 2.853   -11.971 1.00 40.38 ? 145 GLU A OE1 1 
ATOM   441  O  OE2 . GLU A 1 59  ? -18.991 3.648   -10.192 1.00 33.76 ? 145 GLU A OE2 1 
ATOM   442  N  N   . THR A 1 60  ? -15.210 6.363   -8.092  1.00 8.78  ? 146 THR A N   1 
ATOM   443  C  CA  . THR A 1 60  ? -15.785 7.398   -7.235  1.00 7.54  ? 146 THR A CA  1 
ATOM   444  C  C   . THR A 1 60  ? -14.957 8.683   -7.284  1.00 11.27 ? 146 THR A C   1 
ATOM   445  O  O   . THR A 1 60  ? -15.507 9.784   -7.358  1.00 10.65 ? 146 THR A O   1 
ATOM   446  C  CB  . THR A 1 60  ? -15.936 6.918   -5.786  1.00 10.40 ? 146 THR A CB  1 
ATOM   447  O  OG1 . THR A 1 60  ? -16.717 5.717   -5.761  1.00 14.15 ? 146 THR A OG1 1 
ATOM   448  C  CG2 . THR A 1 60  ? -16.630 7.994   -4.932  1.00 12.91 ? 146 THR A CG2 1 
ATOM   449  N  N   . ILE A 1 61  ? -13.635 8.556   -7.252  1.00 9.64  ? 147 ILE A N   1 
ATOM   450  C  CA  . ILE A 1 61  ? -12.766 9.716   -7.392  1.00 9.27  ? 147 ILE A CA  1 
ATOM   451  C  C   . ILE A 1 61  ? -13.067 10.429  -8.704  1.00 9.87  ? 147 ILE A C   1 
ATOM   452  O  O   . ILE A 1 61  ? -13.244 11.657  -8.720  1.00 13.24 ? 147 ILE A O   1 
ATOM   453  C  CB  . ILE A 1 61  ? -11.278 9.323   -7.321  1.00 8.23  ? 147 ILE A CB  1 
ATOM   454  C  CG1 . ILE A 1 61  ? -10.899 8.952   -5.886  1.00 10.38 ? 147 ILE A CG1 1 
ATOM   455  C  CG2 . ILE A 1 61  ? -10.409 10.491  -7.786  1.00 12.03 ? 147 ILE A CG2 1 
ATOM   456  C  CD1 . ILE A 1 61  ? -9.440  8.512   -5.736  1.00 10.28 ? 147 ILE A CD1 1 
ATOM   457  N  N   . LYS A 1 62  ? -13.144 9.673   -9.791  1.00 11.50 ? 148 LYS A N   1 
ATOM   458  C  CA  . LYS A 1 62  ? -13.348 10.278  -11.112 1.00 14.16 ? 148 LYS A CA  1 
ATOM   459  C  C   . LYS A 1 62  ? -14.732 10.896  -11.266 1.00 15.74 ? 148 LYS A C   1 
ATOM   460  O  O   . LYS A 1 62  ? -14.867 12.038  -11.711 1.00 19.29 ? 148 LYS A O   1 
ATOM   461  C  CB  . LYS A 1 62  ? -13.127 9.251   -12.221 1.00 17.17 ? 148 LYS A CB  1 
ATOM   462  C  CG  . LYS A 1 62  ? -13.333 9.805   -13.627 1.00 22.53 ? 148 LYS A CG  1 
ATOM   463  C  CD  . LYS A 1 62  ? -13.163 8.705   -14.659 1.00 26.00 ? 148 LYS A CD  1 
ATOM   464  C  CE  . LYS A 1 62  ? -13.336 9.237   -16.074 1.00 35.86 ? 148 LYS A CE  1 
ATOM   465  N  NZ  . LYS A 1 62  ? -14.676 9.862   -16.260 1.00 43.43 ? 148 LYS A NZ  1 
ATOM   466  N  N   . LYS A 1 63  ? -15.761 10.148  -10.904 1.00 12.61 ? 149 LYS A N   1 
ATOM   467  C  CA  . LYS A 1 63  ? -17.126 10.612  -11.135 1.00 14.78 ? 149 LYS A CA  1 
ATOM   468  C  C   . LYS A 1 63  ? -17.569 11.689  -10.162 1.00 15.92 ? 149 LYS A C   1 
ATOM   469  O  O   . LYS A 1 63  ? -18.246 12.644  -10.562 1.00 16.08 ? 149 LYS A O   1 
ATOM   470  C  CB  . LYS A 1 63  ? -18.095 9.435   -11.116 1.00 18.90 ? 149 LYS A CB  1 
ATOM   471  C  CG  . LYS A 1 63  ? -17.991 8.582   -12.366 1.00 24.78 ? 149 LYS A CG  1 
ATOM   472  C  CD  . LYS A 1 63  ? -18.845 7.332   -12.258 1.00 28.71 ? 149 LYS A CD  1 
ATOM   473  C  CE  . LYS A 1 63  ? -20.284 7.668   -11.905 1.00 34.66 ? 149 LYS A CE  1 
ATOM   474  N  NZ  . LYS A 1 63  ? -21.089 6.430   -11.671 1.00 43.83 ? 149 LYS A NZ  1 
ATOM   475  N  N   . GLU A 1 64  ? -17.182 11.554  -8.897  1.00 13.14 ? 150 GLU A N   1 
ATOM   476  C  CA  . GLU A 1 64  ? -17.676 12.452  -7.852  1.00 11.82 ? 150 GLU A CA  1 
ATOM   477  C  C   . GLU A 1 64  ? -16.687 13.516  -7.408  1.00 13.01 ? 150 GLU A C   1 
ATOM   478  O  O   . GLU A 1 64  ? -17.005 14.350  -6.543  1.00 12.91 ? 150 GLU A O   1 
ATOM   479  C  CB  . GLU A 1 64  ? -18.173 11.663  -6.647  1.00 10.91 ? 150 GLU A CB  1 
ATOM   480  C  CG  . GLU A 1 64  ? -19.336 10.736  -6.987  1.00 15.79 ? 150 GLU A CG  1 
ATOM   481  C  CD  . GLU A 1 64  ? -20.037 10.193  -5.756  1.00 16.90 ? 150 GLU A CD  1 
ATOM   482  O  OE1 . GLU A 1 64  ? -20.355 10.988  -4.848  1.00 22.66 ? 150 GLU A OE1 1 
ATOM   483  O  OE2 . GLU A 1 64  ? -20.266 8.974   -5.696  1.00 27.79 ? 150 GLU A OE2 1 
ATOM   484  N  N   . LYS A 1 65  ? -15.496 13.493  -8.001  1.00 10.46 ? 151 LYS A N   1 
ATOM   485  C  CA  . LYS A 1 65  ? -14.496 14.534  -7.748  1.00 11.51 ? 151 LYS A CA  1 
ATOM   486  C  C   . LYS A 1 65  ? -14.140 14.584  -6.272  1.00 12.40 ? 151 LYS A C   1 
ATOM   487  O  O   . LYS A 1 65  ? -14.136 15.645  -5.634  1.00 15.20 ? 151 LYS A O   1 
ATOM   488  C  CB  . LYS A 1 65  ? -14.990 15.906  -8.235  1.00 13.87 ? 151 LYS A CB  1 
ATOM   489  C  CG  . LYS A 1 65  ? -14.775 16.137  -9.717  1.00 22.79 ? 151 LYS A CG  1 
ATOM   490  C  CD  . LYS A 1 65  ? -15.455 15.090  -10.581 1.00 25.74 ? 151 LYS A CD  1 
ATOM   491  C  CE  . LYS A 1 65  ? -16.924 15.429  -10.803 1.00 24.23 ? 151 LYS A CE  1 
ATOM   492  N  NZ  . LYS A 1 65  ? -17.535 14.691  -11.959 1.00 24.11 ? 151 LYS A NZ  1 
HETATM 493  N  N   . MSE A 1 66  ? -13.875 13.407  -5.722  1.00 11.82 ? 152 MSE A N   1 
HETATM 494  C  CA  . MSE A 1 66  ? -13.530 13.285  -4.325  1.00 12.47 ? 152 MSE A CA  1 
HETATM 495  C  C   . MSE A 1 66  ? -12.071 12.895  -4.174  1.00 8.17  ? 152 MSE A C   1 
HETATM 496  O  O   . MSE A 1 66  ? -11.510 12.195  -5.024  1.00 11.28 ? 152 MSE A O   1 
HETATM 497  C  CB  . MSE A 1 66  ? -14.410 12.235  -3.647  1.00 15.40 ? 152 MSE A CB  1 
HETATM 498  C  CG  . MSE A 1 66  ? -15.886 12.645  -3.527  1.00 15.26 ? 152 MSE A CG  1 
HETATM 499  SE SE  . MSE A 1 66  ? -16.876 11.318  -2.490  1.00 27.77 ? 152 MSE A SE  1 
HETATM 500  C  CE  . MSE A 1 66  ? -18.518 12.318  -2.179  1.00 21.69 ? 152 MSE A CE  1 
ATOM   501  N  N   . ASN A 1 67  ? -11.461 13.369  -3.101  1.00 10.51 ? 153 ASN A N   1 
ATOM   502  C  CA  . ASN A 1 67  ? -10.129 12.925  -2.748  1.00 8.75  ? 153 ASN A CA  1 
ATOM   503  C  C   . ASN A 1 67  ? -10.256 11.699  -1.863  1.00 9.09  ? 153 ASN A C   1 
ATOM   504  O  O   . ASN A 1 67  ? -11.283 11.509  -1.218  1.00 11.29 ? 153 ASN A O   1 
ATOM   505  C  CB  . ASN A 1 67  ? -9.394  14.015  -1.972  1.00 8.84  ? 153 ASN A CB  1 
ATOM   506  C  CG  . ASN A 1 67  ? -9.074  15.233  -2.829  1.00 13.79 ? 153 ASN A CG  1 
ATOM   507  O  OD1 . ASN A 1 67  ? -9.006  15.145  -4.042  1.00 15.14 ? 153 ASN A OD1 1 
ATOM   508  N  ND2 . ASN A 1 67  ? -8.849  16.368  -2.182  1.00 25.71 ? 153 ASN A ND2 1 
ATOM   509  N  N   . LEU A 1 68  ? -9.218  10.870  -1.834  1.00 7.52  ? 154 LEU A N   1 
ATOM   510  C  CA  . LEU A 1 68  ? -9.138  9.785   -0.860  1.00 7.22  ? 154 LEU A CA  1 
ATOM   511  C  C   . LEU A 1 68  ? -8.124  10.176  0.193   1.00 7.59  ? 154 LEU A C   1 
ATOM   512  O  O   . LEU A 1 68  ? -7.015  10.595  -0.141  1.00 7.85  ? 154 LEU A O   1 
ATOM   513  C  CB  . LEU A 1 68  ? -8.678  8.494   -1.525  1.00 6.97  ? 154 LEU A CB  1 
ATOM   514  C  CG  . LEU A 1 68  ? -8.630  7.276   -0.593  1.00 7.10  ? 154 LEU A CG  1 
ATOM   515  C  CD1 . LEU A 1 68  ? -10.028 6.872   -0.128  1.00 10.21 ? 154 LEU A CD1 1 
ATOM   516  C  CD2 . LEU A 1 68  ? -7.972  6.093   -1.304  1.00 8.52  ? 154 LEU A CD2 1 
ATOM   517  N  N   . THR A 1 69  ? -8.508  10.053  1.462   1.00 8.08  ? 155 THR A N   1 
ATOM   518  C  CA  . THR A 1 69  ? -7.612  10.325  2.572   1.00 9.34  ? 155 THR A CA  1 
ATOM   519  C  C   . THR A 1 69  ? -7.478  9.055   3.396   1.00 8.56  ? 155 THR A C   1 
ATOM   520  O  O   . THR A 1 69  ? -8.401  8.256   3.459   1.00 8.98  ? 155 THR A O   1 
ATOM   521  C  CB  . THR A 1 69  ? -8.149  11.475  3.440   1.00 11.02 ? 155 THR A CB  1 
ATOM   522  O  OG1 . THR A 1 69  ? -9.356  11.060  4.081   1.00 14.79 ? 155 THR A OG1 1 
ATOM   523  C  CG2 . THR A 1 69  ? -8.450  12.693  2.555   1.00 14.00 ? 155 THR A CG2 1 
ATOM   524  N  N   . ALA A 1 70  ? -6.319  8.860   4.006   1.00 7.76  ? 156 ALA A N   1 
ATOM   525  C  CA  . ALA A 1 70  ? -6.120  7.668   4.825   1.00 7.71  ? 156 ALA A CA  1 
ATOM   526  C  C   . ALA A 1 70  ? -5.087  7.889   5.896   1.00 7.76  ? 156 ALA A C   1 
ATOM   527  O  O   . ALA A 1 70  ? -4.114  8.629   5.696   1.00 10.00 ? 156 ALA A O   1 
ATOM   528  C  CB  . ALA A 1 70  ? -5.686  6.482   3.951   1.00 8.46  ? 156 ALA A CB  1 
ATOM   529  N  N   . THR A 1 71  ? -5.287  7.187   7.008   1.00 9.07  ? 157 THR A N   1 
ATOM   530  C  CA  . THR A 1 71  ? -4.336  7.201   8.107   1.00 10.17 ? 157 THR A CA  1 
ATOM   531  C  C   . THR A 1 71  ? -3.953  5.764   8.426   1.00 8.83  ? 157 THR A C   1 
ATOM   532  O  O   . THR A 1 71  ? -4.822  4.915   8.599   1.00 9.58  ? 157 THR A O   1 
ATOM   533  C  CB  . THR A 1 71  ? -4.932  7.857   9.357   1.00 14.40 ? 157 THR A CB  1 
ATOM   534  O  OG1 . THR A 1 71  ? -5.247  9.231   9.079   1.00 18.65 ? 157 THR A OG1 1 
ATOM   535  C  CG2 . THR A 1 71  ? -3.919  7.810   10.501  1.00 18.49 ? 157 THR A CG2 1 
ATOM   536  N  N   . THR A 1 72  ? -2.650  5.511   8.504   1.00 9.64  ? 158 THR A N   1 
ATOM   537  C  CA  . THR A 1 72  ? -2.127  4.183   8.818   1.00 9.42  ? 158 THR A CA  1 
ATOM   538  C  C   . THR A 1 72  ? -1.718  4.161   10.277  1.00 12.12 ? 158 THR A C   1 
ATOM   539  O  O   . THR A 1 72  ? -0.982  5.047   10.739  1.00 12.86 ? 158 THR A O   1 
ATOM   540  C  CB  . THR A 1 72  ? -0.929  3.843   7.909   1.00 14.50 ? 158 THR A CB  1 
ATOM   541  O  OG1 . THR A 1 72  ? -1.352  3.911   6.544   1.00 18.78 ? 158 THR A OG1 1 
ATOM   542  C  CG2 . THR A 1 72  ? -0.410  2.450   8.198   1.00 15.60 ? 158 THR A CG2 1 
ATOM   543  N  N   . GLY A 1 73  ? -2.207  3.159   11.007  1.00 9.74  ? 159 GLY A N   1 
ATOM   544  C  CA  . GLY A 1 73  ? -1.884  3.029   12.417  1.00 12.09 ? 159 GLY A CA  1 
ATOM   545  C  C   . GLY A 1 73  ? -0.591  2.287   12.637  1.00 12.09 ? 159 GLY A C   1 
ATOM   546  O  O   . GLY A 1 73  ? 0.132   1.929   11.707  1.00 12.96 ? 159 GLY A O   1 
ATOM   547  N  N   . ALA A 1 74  ? -0.290  2.042   13.903  1.00 12.76 ? 160 ALA A N   1 
ATOM   548  C  CA  . ALA A 1 74  ? 0.917   1.308   14.223  1.00 13.48 ? 160 ALA A CA  1 
ATOM   549  C  C   . ALA A 1 74  ? 0.797   -0.145  13.771  1.00 11.75 ? 160 ALA A C   1 
ATOM   550  O  O   . ALA A 1 74  ? -0.152  -0.838  14.099  1.00 13.90 ? 160 ALA A O   1 
ATOM   551  C  CB  . ALA A 1 74  ? 1.201   1.386   15.712  1.00 15.86 ? 160 ALA A CB  1 
ATOM   552  N  N   . GLY A 1 75  ? 1.794   -0.585  13.030  1.00 10.89 ? 161 GLY A N   1 
ATOM   553  C  CA  . GLY A 1 75  ? 1.800   -1.923  12.484  1.00 12.58 ? 161 GLY A CA  1 
ATOM   554  C  C   . GLY A 1 75  ? 2.635   -2.873  13.307  1.00 8.75  ? 161 GLY A C   1 
ATOM   555  O  O   . GLY A 1 75  ? 3.286   -2.485  14.280  1.00 9.89  ? 161 GLY A O   1 
ATOM   556  N  N   . VAL A 1 76  ? 2.569   -4.140  12.922  1.00 6.13  ? 162 VAL A N   1 
ATOM   557  C  CA  . VAL A 1 76  ? 3.330   -5.196  13.586  1.00 6.13  ? 162 VAL A CA  1 
ATOM   558  C  C   . VAL A 1 76  ? 3.887   -6.200  12.581  1.00 7.27  ? 162 VAL A C   1 
ATOM   559  O  O   . VAL A 1 76  ? 3.286   -6.450  11.518  1.00 6.72  ? 162 VAL A O   1 
ATOM   560  C  CB  . VAL A 1 76  ? 2.508   -5.971  14.639  1.00 12.99 ? 162 VAL A CB  1 
ATOM   561  C  CG1 . VAL A 1 76  ? 2.063   -5.029  15.769  1.00 14.91 ? 162 VAL A CG1 1 
ATOM   562  C  CG2 . VAL A 1 76  ? 1.349   -6.651  13.990  1.00 11.70 ? 162 VAL A CG2 1 
ATOM   563  N  N   . LEU A 1 77  ? 5.034   -6.779  12.913  1.00 7.26  ? 163 LEU A N   1 
ATOM   564  C  CA  . LEU A 1 77  ? 5.568   -7.909  12.172  1.00 5.98  ? 163 LEU A CA  1 
ATOM   565  C  C   . LEU A 1 77  ? 4.808   -9.185  12.513  1.00 6.67  ? 163 LEU A C   1 
ATOM   566  O  O   . LEU A 1 77  ? 4.675   -9.548  13.698  1.00 8.77  ? 163 LEU A O   1 
ATOM   567  C  CB  . LEU A 1 77  ? 7.056   -8.114  12.492  1.00 6.59  ? 163 LEU A CB  1 
ATOM   568  C  CG  . LEU A 1 77  ? 7.679   -9.260  11.698  1.00 6.48  ? 163 LEU A CG  1 
ATOM   569  C  CD1 . LEU A 1 77  ? 7.989   -8.820  10.277  1.00 8.14  ? 163 LEU A CD1 1 
ATOM   570  C  CD2 . LEU A 1 77  ? 8.969   -9.763  12.385  1.00 11.18 ? 163 LEU A CD2 1 
ATOM   571  N  N   . VAL A 1 78  ? 4.279   -9.848  11.495  1.00 4.75  ? 164 VAL A N   1 
ATOM   572  C  CA  . VAL A 1 78  ? 3.657   -11.159 11.668  1.00 6.25  ? 164 VAL A CA  1 
ATOM   573  C  C   . VAL A 1 78  ? 4.744   -12.237 11.669  1.00 7.11  ? 164 VAL A C   1 
ATOM   574  O  O   . VAL A 1 78  ? 4.853   -13.015 12.620  1.00 8.37  ? 164 VAL A O   1 
ATOM   575  C  CB  . VAL A 1 78  ? 2.664   -11.449 10.559  1.00 6.16  ? 164 VAL A CB  1 
ATOM   576  C  CG1 . VAL A 1 78  ? 1.978   -12.780 10.831  1.00 9.74  ? 164 VAL A CG1 1 
ATOM   577  C  CG2 . VAL A 1 78  ? 1.631   -10.334 10.489  1.00 7.05  ? 164 VAL A CG2 1 
ATOM   578  N  N   . ARG A 1 79  ? 5.571   -12.255 10.628  1.00 6.10  ? 165 ARG A N   1 
ATOM   579  C  CA  . ARG A 1 79  ? 6.633   -13.242 10.481  1.00 5.33  ? 165 ARG A CA  1 
ATOM   580  C  C   . ARG A 1 79  ? 7.649   -12.738 9.474   1.00 5.39  ? 165 ARG A C   1 
ATOM   581  O  O   . ARG A 1 79  ? 7.396   -11.775 8.731   1.00 6.48  ? 165 ARG A O   1 
ATOM   582  C  CB  . ARG A 1 79  ? 6.068   -14.577 10.003  1.00 8.17  ? 165 ARG A CB  1 
ATOM   583  C  CG  . ARG A 1 79  ? 5.646   -14.555 8.535   1.00 9.18  ? 165 ARG A CG  1 
ATOM   584  C  CD  . ARG A 1 79  ? 5.125   -15.903 8.046   1.00 10.76 ? 165 ARG A CD  1 
ATOM   585  N  NE  . ARG A 1 79  ? 4.008   -16.342 8.871   1.00 10.69 ? 165 ARG A NE  1 
ATOM   586  C  CZ  . ARG A 1 79  ? 2.746   -15.979 8.670   1.00 13.12 ? 165 ARG A CZ  1 
ATOM   587  N  NH1 . ARG A 1 79  ? 2.427   -15.204 7.635   1.00 13.35 ? 165 ARG A NH1 1 
ATOM   588  N  NH2 . ARG A 1 79  ? 1.796   -16.405 9.487   1.00 12.51 ? 165 ARG A NH2 1 
ATOM   589  N  N   . GLN A 1 80  ? 8.809   -13.371 9.464   1.00 5.34  ? 166 GLN A N   1 
ATOM   590  C  CA  . GLN A 1 80  ? 9.838   -13.075 8.489   1.00 5.14  ? 166 GLN A CA  1 
ATOM   591  C  C   . GLN A 1 80  ? 10.578  -14.356 8.204   1.00 6.71  ? 166 GLN A C   1 
ATOM   592  O  O   . GLN A 1 80  ? 10.442  -15.337 8.944   1.00 9.28  ? 166 GLN A O   1 
ATOM   593  C  CB  . GLN A 1 80  ? 10.796  -12.005 8.993   1.00 7.05  ? 166 GLN A CB  1 
ATOM   594  C  CG  . GLN A 1 80  ? 11.561  -12.377 10.282  1.00 8.21  ? 166 GLN A CG  1 
ATOM   595  C  CD  . GLN A 1 80  ? 12.496  -11.259 10.690  1.00 10.08 ? 166 GLN A CD  1 
ATOM   596  O  OE1 . GLN A 1 80  ? 13.244  -10.743 9.863   1.00 9.56  ? 166 GLN A OE1 1 
ATOM   597  N  NE2 . GLN A 1 80  ? 12.420  -10.833 11.950  1.00 17.28 ? 166 GLN A NE2 1 
ATOM   598  N  N   . GLY A 1 81  ? 11.350  -14.361 7.131   1.00 5.92  ? 167 GLY A N   1 
ATOM   599  C  CA  . GLY A 1 81  ? 12.026  -15.581 6.727   1.00 6.92  ? 167 GLY A CA  1 
ATOM   600  C  C   . GLY A 1 81  ? 12.585  -15.432 5.342   1.00 7.82  ? 167 GLY A C   1 
ATOM   601  O  O   . GLY A 1 81  ? 12.705  -14.304 4.830   1.00 6.75  ? 167 GLY A O   1 
ATOM   602  N  N   . GLN A 1 82  ? 12.943  -16.549 4.723   1.00 9.54  ? 168 GLN A N   1 
ATOM   603  C  CA  . GLN A 1 82  ? 13.439  -16.494 3.364   1.00 9.41  ? 168 GLN A CA  1 
ATOM   604  C  C   . GLN A 1 82  ? 12.681  -17.478 2.525   1.00 11.75 ? 168 GLN A C   1 
ATOM   605  O  O   . GLN A 1 82  ? 12.252  -18.528 3.013   1.00 12.77 ? 168 GLN A O   1 
ATOM   606  C  CB  . GLN A 1 82  ? 14.955  -16.744 3.291   1.00 10.97 ? 168 GLN A CB  1 
ATOM   607  C  CG  . GLN A 1 82  ? 15.393  -18.085 3.844   1.00 12.56 ? 168 GLN A CG  1 
ATOM   608  C  CD  . GLN A 1 82  ? 16.905  -18.253 3.842   1.00 10.21 ? 168 GLN A CD  1 
ATOM   609  O  OE1 . GLN A 1 82  ? 17.598  -17.611 3.072   1.00 12.41 ? 168 GLN A OE1 1 
ATOM   610  N  NE2 . GLN A 1 82  ? 17.411  -19.120 4.711   1.00 10.20 ? 168 GLN A NE2 1 
HETATM 611  N  N   . MSE A 1 83  ? 12.492  -17.120 1.267   1.00 15.11 ? 169 MSE A N   1 
HETATM 612  C  CA  A MSE A 1 83  ? 11.870  -18.013 0.301   0.50 21.01 ? 169 MSE A CA  1 
HETATM 613  C  CA  B MSE A 1 83  ? 11.847  -18.015 0.336   0.50 21.01 ? 169 MSE A CA  1 
HETATM 614  C  C   . MSE A 1 83  ? 12.902  -19.016 -0.178  1.00 21.57 ? 169 MSE A C   1 
HETATM 615  O  O   . MSE A 1 83  ? 14.075  -18.946 0.216   1.00 21.33 ? 169 MSE A O   1 
HETATM 616  C  CB  A MSE A 1 83  ? 11.314  -17.207 -0.873  0.50 23.29 ? 169 MSE A CB  1 
HETATM 617  C  CB  B MSE A 1 83  ? 11.122  -17.206 -0.760  0.50 23.26 ? 169 MSE A CB  1 
HETATM 618  C  CG  A MSE A 1 83  ? 10.108  -16.359 -0.513  0.50 21.40 ? 169 MSE A CG  1 
HETATM 619  C  CG  B MSE A 1 83  ? 9.846   -16.485 -0.216  0.50 21.61 ? 169 MSE A CG  1 
HETATM 620  SE SE  A MSE A 1 83  ? 9.754   -14.910 -1.780  0.50 37.49 ? 169 MSE A SE  1 
HETATM 621  SE SE  B MSE A 1 83  ? 9.246   -14.767 -1.013  0.50 36.84 ? 169 MSE A SE  1 
HETATM 622  C  CE  A MSE A 1 83  ? 10.943  -13.569 -1.024  0.50 13.96 ? 169 MSE A CE  1 
HETATM 623  C  CE  B MSE A 1 83  ? 7.787   -14.296 0.208   0.50 16.14 ? 169 MSE A CE  1 
ATOM   624  N  N   . SER A 1 84  ? 12.483  -19.960 -1.016  1.00 30.91 ? 170 SER A N   1 
ATOM   625  C  CA  . SER A 1 84  ? 13.390  -21.003 -1.504  1.00 32.13 ? 170 SER A CA  1 
ATOM   626  C  C   . SER A 1 84  ? 14.633  -20.412 -2.165  1.00 29.81 ? 170 SER A C   1 
ATOM   627  O  O   . SER A 1 84  ? 15.693  -21.041 -2.217  1.00 26.67 ? 170 SER A O   1 
ATOM   628  C  CB  . SER A 1 84  ? 12.661  -21.924 -2.480  1.00 33.79 ? 170 SER A CB  1 
ATOM   629  N  N   . ASP A 1 85  ? 14.490  -19.182 -2.651  1.00 28.09 ? 171 ASP A N   1 
ATOM   630  C  CA  . ASP A 1 85  ? 15.526  -18.526 -3.435  1.00 25.95 ? 171 ASP A CA  1 
ATOM   631  C  C   . ASP A 1 85  ? 16.581  -17.801 -2.591  1.00 26.96 ? 171 ASP A C   1 
ATOM   632  O  O   . ASP A 1 85  ? 17.525  -17.219 -3.135  1.00 25.33 ? 171 ASP A O   1 
ATOM   633  C  CB  . ASP A 1 85  ? 14.875  -17.547 -4.417  1.00 24.61 ? 171 ASP A CB  1 
ATOM   634  C  CG  . ASP A 1 85  ? 13.877  -16.614 -3.738  1.00 27.85 ? 171 ASP A CG  1 
ATOM   635  O  OD1 . ASP A 1 85  ? 13.868  -16.553 -2.489  1.00 26.04 ? 171 ASP A OD1 1 
ATOM   636  O  OD2 . ASP A 1 85  ? 13.104  -15.935 -4.451  1.00 30.31 ? 171 ASP A OD2 1 
ATOM   637  N  N   . GLY A 1 86  ? 16.438  -17.839 -1.266  1.00 18.80 ? 172 GLY A N   1 
ATOM   638  C  CA  . GLY A 1 86  ? 17.353  -17.118 -0.399  1.00 19.06 ? 172 GLY A CA  1 
ATOM   639  C  C   . GLY A 1 86  ? 17.050  -15.633 -0.281  1.00 13.64 ? 172 GLY A C   1 
ATOM   640  O  O   . GLY A 1 86  ? 17.862  -14.865 0.241   1.00 17.73 ? 172 GLY A O   1 
ATOM   641  N  N   . VAL A 1 87  ? 15.879  -15.230 -0.761  1.00 13.43 ? 173 VAL A N   1 
ATOM   642  C  CA  . VAL A 1 87  ? 15.457  -13.832 -0.678  1.00 11.82 ? 173 VAL A CA  1 
ATOM   643  C  C   . VAL A 1 87  ? 14.696  -13.603 0.626   1.00 8.53  ? 173 VAL A C   1 
ATOM   644  O  O   . VAL A 1 87  ? 13.688  -14.283 0.897   1.00 10.51 ? 173 VAL A O   1 
ATOM   645  C  CB  . VAL A 1 87  ? 14.555  -13.439 -1.858  1.00 11.38 ? 173 VAL A CB  1 
ATOM   646  C  CG1 . VAL A 1 87  ? 14.033  -11.994 -1.675  1.00 12.10 ? 173 VAL A CG1 1 
ATOM   647  C  CG2 . VAL A 1 87  ? 15.306  -13.576 -3.178  1.00 16.46 ? 173 VAL A CG2 1 
ATOM   648  N  N   . TRP A 1 88  ? 15.189  -12.671 1.434   1.00 7.98  ? 174 TRP A N   1 
ATOM   649  C  CA  . TRP A 1 88  ? 14.575  -12.388 2.726   1.00 7.59  ? 174 TRP A CA  1 
ATOM   650  C  C   . TRP A 1 88  ? 13.278  -11.621 2.518   1.00 7.81  ? 174 TRP A C   1 
ATOM   651  O  O   . TRP A 1 88  ? 13.180  -10.791 1.623   1.00 7.14  ? 174 TRP A O   1 
ATOM   652  C  CB  . TRP A 1 88  ? 15.511  -11.584 3.650   1.00 7.24  ? 174 TRP A CB  1 
ATOM   653  C  CG  . TRP A 1 88  ? 15.118  -11.731 5.081   1.00 8.13  ? 174 TRP A CG  1 
ATOM   654  C  CD1 . TRP A 1 88  ? 14.427  -10.834 5.850   1.00 6.89  ? 174 TRP A CD1 1 
ATOM   655  C  CD2 . TRP A 1 88  ? 15.351  -12.876 5.908   1.00 7.03  ? 174 TRP A CD2 1 
ATOM   656  N  NE1 . TRP A 1 88  ? 14.239  -11.349 7.113   1.00 7.67  ? 174 TRP A NE1 1 
ATOM   657  C  CE2 . TRP A 1 88  ? 14.792  -12.601 7.171   1.00 7.82  ? 174 TRP A CE2 1 
ATOM   658  C  CE3 . TRP A 1 88  ? 15.992  -14.099 5.705   1.00 8.96  ? 174 TRP A CE3 1 
ATOM   659  C  CZ2 . TRP A 1 88  ? 14.838  -13.524 8.225   1.00 7.94  ? 174 TRP A CZ2 1 
ATOM   660  C  CZ3 . TRP A 1 88  ? 16.021  -15.017 6.745   1.00 9.02  ? 174 TRP A CZ3 1 
ATOM   661  C  CH2 . TRP A 1 88  ? 15.460  -14.721 7.985   1.00 9.62  ? 174 TRP A CH2 1 
ATOM   662  N  N   . PHE A 1 89  ? 12.290  -11.916 3.343   1.00 5.40  ? 175 PHE A N   1 
ATOM   663  C  CA  . PHE A 1 89  ? 11.009  -11.204 3.316   1.00 5.53  ? 175 PHE A CA  1 
ATOM   664  C  C   . PHE A 1 89  ? 10.519  -10.970 4.736   1.00 5.10  ? 175 PHE A C   1 
ATOM   665  O  O   . PHE A 1 89  ? 10.926  -11.658 5.695   1.00 4.93  ? 175 PHE A O   1 
ATOM   666  C  CB  . PHE A 1 89  ? 9.949   -11.985 2.533   1.00 6.65  ? 175 PHE A CB  1 
ATOM   667  C  CG  . PHE A 1 89  ? 9.427   -13.190 3.275   1.00 6.57  ? 175 PHE A CG  1 
ATOM   668  C  CD1 . PHE A 1 89  ? 8.351   -13.070 4.139   1.00 8.46  ? 175 PHE A CD1 1 
ATOM   669  C  CD2 . PHE A 1 89  ? 10.039  -14.437 3.120   1.00 10.60 ? 175 PHE A CD2 1 
ATOM   670  C  CE1 . PHE A 1 89  ? 7.881   -14.180 4.856   1.00 9.68  ? 175 PHE A CE1 1 
ATOM   671  C  CE2 . PHE A 1 89  ? 9.562   -15.551 3.819   1.00 10.86 ? 175 PHE A CE2 1 
ATOM   672  C  CZ  . PHE A 1 89  ? 8.493   -15.414 4.685   1.00 11.09 ? 175 PHE A CZ  1 
ATOM   673  N  N   . TRP A 1 90  ? 9.629   -9.989  4.854   1.00 4.96  ? 176 TRP A N   1 
ATOM   674  C  CA  . TRP A 1 90  ? 8.944   -9.682  6.098   1.00 4.52  ? 176 TRP A CA  1 
ATOM   675  C  C   . TRP A 1 90  ? 7.462   -9.526  5.770   1.00 5.98  ? 176 TRP A C   1 
ATOM   676  O  O   . TRP A 1 90  ? 7.111   -8.917  4.749   1.00 6.08  ? 176 TRP A O   1 
ATOM   677  C  CB  . TRP A 1 90  ? 9.387   -8.350  6.688   1.00 4.94  ? 176 TRP A CB  1 
ATOM   678  C  CG  . TRP A 1 90  ? 10.843  -8.131  6.917   1.00 3.86  ? 176 TRP A CG  1 
ATOM   679  C  CD1 . TRP A 1 90  ? 11.518  -8.261  8.114   1.00 6.13  ? 176 TRP A CD1 1 
ATOM   680  C  CD2 . TRP A 1 90  ? 11.808  -7.652  5.969   1.00 5.44  ? 176 TRP A CD2 1 
ATOM   681  N  NE1 . TRP A 1 90  ? 12.845  -7.903  7.948   1.00 6.68  ? 176 TRP A NE1 1 
ATOM   682  C  CE2 . TRP A 1 90  ? 13.036  -7.534  6.640   1.00 5.87  ? 176 TRP A CE2 1 
ATOM   683  C  CE3 . TRP A 1 90  ? 11.753  -7.323  4.609   1.00 6.17  ? 176 TRP A CE3 1 
ATOM   684  C  CZ2 . TRP A 1 90  ? 14.185  -7.087  6.012   1.00 6.54  ? 176 TRP A CZ2 1 
ATOM   685  C  CZ3 . TRP A 1 90  ? 12.909  -6.885  3.988   1.00 6.33  ? 176 TRP A CZ3 1 
ATOM   686  C  CH2 . TRP A 1 90  ? 14.106  -6.772  4.692   1.00 7.77  ? 176 TRP A CH2 1 
ATOM   687  N  N   . THR A 1 91  ? 6.590   -10.056 6.620   1.00 4.15  ? 177 THR A N   1 
ATOM   688  C  CA  . THR A 1 91  ? 5.148   -9.838  6.490   1.00 4.10  ? 177 THR A CA  1 
ATOM   689  C  C   . THR A 1 91  ? 4.659   -9.012  7.673   1.00 4.15  ? 177 THR A C   1 
ATOM   690  O  O   . THR A 1 91  ? 4.849   -9.395  8.834   1.00 5.54  ? 177 THR A O   1 
ATOM   691  C  CB  . THR A 1 91  ? 4.407   -11.176 6.434   1.00 5.15  ? 177 THR A CB  1 
ATOM   692  O  OG1 . THR A 1 91  ? 4.830   -11.917 5.280   1.00 7.22  ? 177 THR A OG1 1 
ATOM   693  C  CG2 . THR A 1 91  ? 2.882   -10.964 6.394   1.00 7.16  ? 177 THR A CG2 1 
ATOM   694  N  N   . PHE A 1 92  ? 4.013   -7.886  7.374   1.00 4.81  ? 178 PHE A N   1 
ATOM   695  C  CA  . PHE A 1 92  ? 3.497   -6.958  8.370   1.00 4.46  ? 178 PHE A CA  1 
ATOM   696  C  C   . PHE A 1 92  ? 1.997   -6.819  8.236   1.00 4.53  ? 178 PHE A C   1 
ATOM   697  O  O   . PHE A 1 92  ? 1.437   -7.004  7.159   1.00 5.71  ? 178 PHE A O   1 
ATOM   698  C  CB  . PHE A 1 92  ? 4.093   -5.547  8.175   1.00 5.25  ? 178 PHE A CB  1 
ATOM   699  C  CG  . PHE A 1 92  ? 5.583   -5.466  8.405   1.00 5.34  ? 178 PHE A CG  1 
ATOM   700  C  CD1 . PHE A 1 92  ? 6.103   -5.341  9.683   1.00 6.10  ? 178 PHE A CD1 1 
ATOM   701  C  CD2 . PHE A 1 92  ? 6.455   -5.513  7.340   1.00 5.59  ? 178 PHE A CD2 1 
ATOM   702  C  CE1 . PHE A 1 92  ? 7.485   -5.265  9.883   1.00 9.40  ? 178 PHE A CE1 1 
ATOM   703  C  CE2 . PHE A 1 92  ? 7.814   -5.438  7.533   1.00 7.44  ? 178 PHE A CE2 1 
ATOM   704  C  CZ  . PHE A 1 92  ? 8.330   -5.322  8.805   1.00 7.39  ? 178 PHE A CZ  1 
ATOM   705  N  N   . GLN A 1 93  ? 1.344   -6.416  9.312   1.00 4.72  ? 179 GLN A N   1 
ATOM   706  C  CA  . GLN A 1 93  ? -0.046  -5.976  9.241   1.00 5.00  ? 179 GLN A CA  1 
ATOM   707  C  C   . GLN A 1 93  ? -0.184  -4.597  9.854   1.00 4.54  ? 179 GLN A C   1 
ATOM   708  O  O   . GLN A 1 93  ? 0.422   -4.310  10.885  1.00 5.23  ? 179 GLN A O   1 
ATOM   709  C  CB  . GLN A 1 93  ? -0.978  -6.979  9.936   1.00 4.87  ? 179 GLN A CB  1 
ATOM   710  C  CG  . GLN A 1 93  ? -1.268  -8.225  9.078   1.00 4.94  ? 179 GLN A CG  1 
ATOM   711  C  CD  . GLN A 1 93  ? -2.175  -9.211  9.759   1.00 7.11  ? 179 GLN A CD  1 
ATOM   712  O  OE1 . GLN A 1 93  ? -2.609  -8.979  10.885  1.00 12.14 ? 179 GLN A OE1 1 
ATOM   713  N  NE2 . GLN A 1 93  ? -2.438  -10.335 9.105   1.00 6.99  ? 179 GLN A NE2 1 
ATOM   714  N  N   . TYR A 1 94  ? -0.961  -3.734  9.199   1.00 5.03  ? 180 TYR A N   1 
ATOM   715  C  CA  . TYR A 1 94  ? -1.187  -2.365  9.660   1.00 4.46  ? 180 TYR A CA  1 
ATOM   716  C  C   . TYR A 1 94  ? -2.670  -2.033  9.630   1.00 6.75  ? 180 TYR A C   1 
ATOM   717  O  O   . TYR A 1 94  ? -3.322  -2.283  8.631   1.00 5.88  ? 180 TYR A O   1 
ATOM   718  C  CB  . TYR A 1 94  ? -0.525  -1.355  8.705   1.00 6.31  ? 180 TYR A CB  1 
ATOM   719  C  CG  . TYR A 1 94  ? 0.938   -1.539  8.384   1.00 5.53  ? 180 TYR A CG  1 
ATOM   720  C  CD1 . TYR A 1 94  ? 1.327   -2.434  7.403   1.00 4.11  ? 180 TYR A CD1 1 
ATOM   721  C  CD2 . TYR A 1 94  ? 1.921   -0.740  8.984   1.00 6.48  ? 180 TYR A CD2 1 
ATOM   722  C  CE1 . TYR A 1 94  ? 2.661   -2.579  7.046   1.00 5.61  ? 180 TYR A CE1 1 
ATOM   723  C  CE2 . TYR A 1 94  ? 3.256   -0.868  8.622   1.00 6.75  ? 180 TYR A CE2 1 
ATOM   724  C  CZ  . TYR A 1 94  ? 3.608   -1.793  7.665   1.00 4.93  ? 180 TYR A CZ  1 
ATOM   725  O  OH  . TYR A 1 94  ? 4.932   -1.935  7.296   1.00 6.35  ? 180 TYR A OH  1 
ATOM   726  N  N   . PRO A 1 95  ? -3.191  -1.406  10.686  1.00 6.11  ? 181 PRO A N   1 
ATOM   727  C  CA  . PRO A 1 95  ? -4.539  -0.820  10.593  1.00 5.93  ? 181 PRO A CA  1 
ATOM   728  C  C   . PRO A 1 95  ? -4.512  0.352   9.607   1.00 7.16  ? 181 PRO A C   1 
ATOM   729  O  O   . PRO A 1 95  ? -3.538  1.107   9.616   1.00 8.36  ? 181 PRO A O   1 
ATOM   730  C  CB  . PRO A 1 95  ? -4.804  -0.292  12.016  1.00 9.75  ? 181 PRO A CB  1 
ATOM   731  C  CG  . PRO A 1 95  ? -3.673  -0.779  12.877  1.00 10.28 ? 181 PRO A CG  1 
ATOM   732  C  CD  . PRO A 1 95  ? -2.537  -1.125  11.975  1.00 6.97  ? 181 PRO A CD  1 
ATOM   733  N  N   . VAL A 1 96  ? -5.550  0.476   8.774   1.00 6.65  ? 182 VAL A N   1 
ATOM   734  C  CA  . VAL A 1 96  ? -5.675  1.612   7.879   1.00 8.48  ? 182 VAL A CA  1 
ATOM   735  C  C   . VAL A 1 96  ? -7.126  2.072   7.908   1.00 5.79  ? 182 VAL A C   1 
ATOM   736  O  O   . VAL A 1 96  ? -8.038  1.260   7.746   1.00 9.17  ? 182 VAL A O   1 
ATOM   737  C  CB  . VAL A 1 96  ? -5.305  1.229   6.435   1.00 7.10  ? 182 VAL A CB  1 
ATOM   738  C  CG1 . VAL A 1 96  ? -5.511  2.423   5.500   1.00 11.69 ? 182 VAL A CG1 1 
ATOM   739  C  CG2 . VAL A 1 96  ? -3.875  0.723   6.383   1.00 9.16  ? 182 VAL A CG2 1 
ATOM   740  N  N   . ARG A 1 97  ? -7.341  3.361   8.135   1.00 7.75  ? 183 ARG A N   1 
ATOM   741  C  CA  . ARG A 1 97  ? -8.683  3.909   7.991   1.00 9.18  ? 183 ARG A CA  1 
ATOM   742  C  C   . ARG A 1 97  ? -8.637  4.883   6.825   1.00 9.30  ? 183 ARG A C   1 
ATOM   743  O  O   . ARG A 1 97  ? -7.680  5.626   6.678   1.00 8.49  ? 183 ARG A O   1 
ATOM   744  C  CB  . ARG A 1 97  ? -9.159  4.583   9.286   1.00 11.89 ? 183 ARG A CB  1 
ATOM   745  C  CG  . ARG A 1 97  ? -8.263  5.659   9.825   1.00 15.62 ? 183 ARG A CG  1 
ATOM   746  C  CD  . ARG A 1 97  ? -8.740  6.102   11.224  1.00 22.86 ? 183 ARG A CD  1 
ATOM   747  N  NE  . ARG A 1 97  ? -7.892  7.139   11.811  1.00 29.88 ? 183 ARG A NE  1 
ATOM   748  C  CZ  . ARG A 1 97  ? -8.035  8.443   11.585  1.00 29.60 ? 183 ARG A CZ  1 
ATOM   749  N  NH1 . ARG A 1 97  ? -8.996  8.880   10.781  1.00 29.10 ? 183 ARG A NH1 1 
ATOM   750  N  NH2 . ARG A 1 97  ? -7.218  9.313   12.163  1.00 31.71 ? 183 ARG A NH2 1 
HETATM 751  N  N   . MSE A 1 98  ? -9.651  4.844   5.976   1.00 8.48  ? 184 MSE A N   1 
HETATM 752  C  CA  . MSE A 1 98  ? -9.662  5.728   4.809   1.00 10.14 ? 184 MSE A CA  1 
HETATM 753  C  C   . MSE A 1 98  ? -11.041 6.278   4.524   1.00 9.47  ? 184 MSE A C   1 
HETATM 754  O  O   . MSE A 1 98  ? -12.053 5.709   4.927   1.00 9.43  ? 184 MSE A O   1 
HETATM 755  C  CB  . MSE A 1 98  ? -9.082  5.019   3.578   1.00 13.47 ? 184 MSE A CB  1 
HETATM 756  C  CG  . MSE A 1 98  ? -9.916  3.887   3.033   1.00 13.02 ? 184 MSE A CG  1 
HETATM 757  SE SE  . MSE A 1 98  ? -9.086  2.985   1.482   1.00 17.93 ? 184 MSE A SE  1 
HETATM 758  C  CE  . MSE A 1 98  ? -7.670  2.056   2.415   1.00 12.72 ? 184 MSE A CE  1 
ATOM   759  N  N   . ARG A 1 99  ? -11.077 7.398   3.822   1.00 8.78  ? 185 ARG A N   1 
ATOM   760  C  CA  . ARG A 1 99  ? -12.345 8.078   3.597   1.00 12.04 ? 185 ARG A CA  1 
ATOM   761  C  C   . ARG A 1 99  ? -12.318 8.870   2.307   1.00 10.61 ? 185 ARG A C   1 
ATOM   762  O  O   . ARG A 1 99  ? -11.353 9.576   2.037   1.00 8.98  ? 185 ARG A O   1 
ATOM   763  C  CB  . ARG A 1 99  ? -12.653 9.020   4.769   1.00 11.08 ? 185 ARG A CB  1 
ATOM   764  C  CG  . ARG A 1 99  ? -14.076 9.562   4.711   1.00 14.23 ? 185 ARG A CG  1 
ATOM   765  C  CD  . ARG A 1 99  ? -14.383 10.428  5.907   1.00 15.49 ? 185 ARG A CD  1 
ATOM   766  N  NE  . ARG A 1 99  ? -15.826 10.583  6.062   1.00 24.07 ? 185 ARG A NE  1 
ATOM   767  C  CZ  . ARG A 1 99  ? -16.413 11.081  7.142   1.00 30.21 ? 185 ARG A CZ  1 
ATOM   768  N  NH1 . ARG A 1 99  ? -15.680 11.468  8.178   1.00 31.33 ? 185 ARG A NH1 1 
ATOM   769  N  NH2 . ARG A 1 99  ? -17.734 11.184  7.183   1.00 31.44 ? 185 ARG A NH2 1 
ATOM   770  N  N   . LEU A 1 100 ? -13.382 8.752   1.519   1.00 10.27 ? 186 LEU A N   1 
ATOM   771  C  CA  . LEU A 1 100 ? -13.559 9.594   0.338   1.00 9.93  ? 186 LEU A CA  1 
ATOM   772  C  C   . LEU A 1 100 ? -14.181 10.917  0.764   1.00 11.97 ? 186 LEU A C   1 
ATOM   773  O  O   . LEU A 1 100 ? -15.220 10.924  1.424   1.00 14.62 ? 186 LEU A O   1 
ATOM   774  C  CB  . LEU A 1 100 ? -14.415 8.862   -0.702  1.00 10.37 ? 186 LEU A CB  1 
ATOM   775  C  CG  . LEU A 1 100 ? -13.693 7.701   -1.386  1.00 11.06 ? 186 LEU A CG  1 
ATOM   776  C  CD1 . LEU A 1 100 ? -14.680 6.693   -2.005  1.00 13.27 ? 186 LEU A CD1 1 
ATOM   777  C  CD2 . LEU A 1 100 ? -12.717 8.247   -2.423  1.00 11.49 ? 186 LEU A CD2 1 
ATOM   778  N  N   . VAL A 1 101 ? -13.525 12.016  0.410   1.00 11.24 ? 187 VAL A N   1 
ATOM   779  C  CA  . VAL A 1 101 ? -13.923 13.343  0.865   1.00 14.68 ? 187 VAL A CA  1 
ATOM   780  C  C   . VAL A 1 101 ? -14.058 14.305  -0.308  1.00 16.06 ? 187 VAL A C   1 
ATOM   781  O  O   . VAL A 1 101 ? -13.117 14.507  -1.064  1.00 16.02 ? 187 VAL A O   1 
ATOM   782  C  CB  . VAL A 1 101 ? -12.912 13.907  1.874   1.00 16.51 ? 187 VAL A CB  1 
ATOM   783  C  CG1 . VAL A 1 101 ? -13.288 15.334  2.275   1.00 19.98 ? 187 VAL A CG1 1 
ATOM   784  C  CG2 . VAL A 1 101 ? -12.836 13.003  3.098   1.00 17.63 ? 187 VAL A CG2 1 
ATOM   785  N  N   . GLY A 1 102 ? -15.237 14.904  -0.443  1.00 17.18 ? 188 GLY A N   1 
ATOM   786  C  CA  . GLY A 1 102 ? -15.482 15.868  -1.497  1.00 23.31 ? 188 GLY A CA  1 
ATOM   787  C  C   . GLY A 1 102 ? -15.604 17.259  -0.910  1.00 29.97 ? 188 GLY A C   1 
ATOM   788  O  O   . GLY A 1 102 ? -15.439 17.443  0.296   1.00 27.26 ? 188 GLY A O   1 
ATOM   789  N  N   . GLN A 1 103 ? -15.898 18.233  -1.767  1.00 32.86 ? 189 GLN A N   1 
ATOM   790  C  CA  . GLN A 1 103 ? -16.065 19.611  -1.331  1.00 34.96 ? 189 GLN A CA  1 
ATOM   791  C  C   . GLN A 1 103 ? -17.349 19.774  -0.537  1.00 35.35 ? 189 GLN A C   1 
ATOM   792  O  O   . GLN A 1 103 ? -17.361 20.433  0.499   1.00 35.79 ? 189 GLN A O   1 
ATOM   793  C  CB  . GLN A 1 103 ? -16.071 20.561  -2.529  1.00 38.09 ? 189 GLN A CB  1 
ATOM   794  C  CG  . GLN A 1 103 ? -14.802 20.529  -3.365  1.00 41.11 ? 189 GLN A CG  1 
ATOM   795  C  CD  . GLN A 1 103 ? -14.802 21.581  -4.458  1.00 47.12 ? 189 GLN A CD  1 
ATOM   796  O  OE1 . GLN A 1 103 ? -15.406 22.647  -4.310  1.00 45.41 ? 189 GLN A OE1 1 
ATOM   797  N  NE2 . GLN A 1 103 ? -14.129 21.285  -5.569  1.00 44.67 ? 189 GLN A NE2 1 
ATOM   798  N  N   . THR A 1 104 ? -18.431 19.170  -1.020  1.00 32.88 ? 190 THR A N   1 
ATOM   799  C  CA  . THR A 1 104 ? -19.733 19.348  -0.381  1.00 39.94 ? 190 THR A CA  1 
ATOM   800  C  C   . THR A 1 104 ? -20.050 18.284  0.669   1.00 39.23 ? 190 THR A C   1 
ATOM   801  O  O   . THR A 1 104 ? -20.708 18.573  1.664   1.00 40.01 ? 190 THR A O   1 
ATOM   802  C  CB  . THR A 1 104 ? -20.882 19.441  -1.417  1.00 38.93 ? 190 THR A CB  1 
ATOM   803  O  OG1 . THR A 1 104 ? -20.632 18.529  -2.495  1.00 42.32 ? 190 THR A OG1 1 
ATOM   804  C  CG2 . THR A 1 104 ? -20.972 20.854  -1.970  1.00 41.77 ? 190 THR A CG2 1 
ATOM   805  N  N   . THR A 1 105 ? -19.587 17.059  0.453   1.00 37.72 ? 191 THR A N   1 
ATOM   806  C  CA  . THR A 1 105 ? -19.770 16.014  1.453   1.00 34.43 ? 191 THR A CA  1 
ATOM   807  C  C   . THR A 1 105 ? -18.762 14.880  1.300   1.00 31.19 ? 191 THR A C   1 
ATOM   808  O  O   . THR A 1 105 ? -17.857 14.954  0.470   1.00 27.17 ? 191 THR A O   1 
ATOM   809  C  CB  . THR A 1 105 ? -21.206 15.447  1.459   1.00 41.94 ? 191 THR A CB  1 
ATOM   810  O  OG1 . THR A 1 105 ? -21.870 15.793  0.236   1.00 47.19 ? 191 THR A OG1 1 
ATOM   811  C  CG2 . THR A 1 105 ? -21.991 16.019  2.638   1.00 46.00 ? 191 THR A CG2 1 
ATOM   812  N  N   . SER A 1 106 ? -18.944 13.838  2.105   1.00 29.11 ? 192 SER A N   1 
ATOM   813  C  CA  . SER A 1 106 ? -17.994 12.734  2.195   1.00 18.30 ? 192 SER A CA  1 
ATOM   814  C  C   . SER A 1 106 ? -18.731 11.404  2.209   1.00 21.60 ? 192 SER A C   1 
ATOM   815  O  O   . SER A 1 106 ? -19.939 11.355  2.476   1.00 26.02 ? 192 SER A O   1 
ATOM   816  C  CB  . SER A 1 106 ? -17.198 12.846  3.491   1.00 20.67 ? 192 SER A CB  1 
ATOM   817  O  OG  . SER A 1 106 ? -16.510 14.078  3.575   1.00 25.85 ? 192 SER A OG  1 
ATOM   818  N  N   . LYS A 1 107 ? -18.002 10.323  1.936   1.00 17.06 ? 193 LYS A N   1 
ATOM   819  C  CA  . LYS A 1 107 ? -18.506 8.981   2.180   1.00 16.97 ? 193 LYS A CA  1 
ATOM   820  C  C   . LYS A 1 107 ? -18.089 8.552   3.593   1.00 16.23 ? 193 LYS A C   1 
ATOM   821  O  O   . LYS A 1 107 ? -17.179 9.134   4.202   1.00 16.42 ? 193 LYS A O   1 
ATOM   822  C  CB  . LYS A 1 107 ? -17.957 7.986   1.153   1.00 20.14 ? 193 LYS A CB  1 
ATOM   823  C  CG  . LYS A 1 107 ? -18.152 8.379   -0.310  1.00 21.21 ? 193 LYS A CG  1 
ATOM   824  C  CD  . LYS A 1 107 ? -19.600 8.302   -0.765  1.00 23.83 ? 193 LYS A CD  1 
ATOM   825  C  CE  . LYS A 1 107 ? -19.707 8.701   -2.234  1.00 25.97 ? 193 LYS A CE  1 
ATOM   826  N  NZ  . LYS A 1 107 ? -20.989 8.262   -2.876  1.00 31.39 ? 193 LYS A NZ  1 
ATOM   827  N  N   . PRO A 1 108 ? -18.761 7.529   4.132   1.00 18.09 ? 194 PRO A N   1 
ATOM   828  C  CA  . PRO A 1 108 ? -18.395 7.055   5.466   1.00 16.63 ? 194 PRO A CA  1 
ATOM   829  C  C   . PRO A 1 108 ? -16.965 6.513   5.495   1.00 17.17 ? 194 PRO A C   1 
ATOM   830  O  O   . PRO A 1 108 ? -16.491 5.916   4.515   1.00 16.38 ? 194 PRO A O   1 
ATOM   831  C  CB  . PRO A 1 108 ? -19.394 5.927   5.714   1.00 18.57 ? 194 PRO A CB  1 
ATOM   832  C  CG  . PRO A 1 108 ? -20.557 6.261   4.841   1.00 19.41 ? 194 PRO A CG  1 
ATOM   833  C  CD  . PRO A 1 108 ? -19.944 6.831   3.604   1.00 19.03 ? 194 PRO A CD  1 
ATOM   834  N  N   . GLU A 1 109 ? -16.283 6.728   6.610   1.00 13.61 ? 195 GLU A N   1 
ATOM   835  C  CA  . GLU A 1 109 ? -14.956 6.143   6.775   1.00 15.39 ? 195 GLU A CA  1 
ATOM   836  C  C   . GLU A 1 109 ? -15.039 4.618   6.720   1.00 15.13 ? 195 GLU A C   1 
ATOM   837  O  O   . GLU A 1 109 ? -16.023 4.011   7.178   1.00 17.35 ? 195 GLU A O   1 
ATOM   838  C  CB  . GLU A 1 109 ? -14.359 6.585   8.099   1.00 14.83 ? 195 GLU A CB  1 
ATOM   839  C  CG  . GLU A 1 109 ? -12.938 6.123   8.325   1.00 19.11 ? 195 GLU A CG  1 
ATOM   840  C  CD  . GLU A 1 109 ? -12.413 6.573   9.665   1.00 21.60 ? 195 GLU A CD  1 
ATOM   841  O  OE1 . GLU A 1 109 ? -11.567 7.488   9.697   1.00 24.41 ? 195 GLU A OE1 1 
ATOM   842  O  OE2 . GLU A 1 109 ? -12.861 6.011   10.689  1.00 30.97 ? 195 GLU A OE2 1 
ATOM   843  N  N   . GLN A 1 110 ? -14.013 3.993   6.143   1.00 11.35 ? 196 GLN A N   1 
ATOM   844  C  CA  . GLN A 1 110 ? -13.871 2.541   6.192   1.00 13.75 ? 196 GLN A CA  1 
ATOM   845  C  C   . GLN A 1 110 ? -12.580 2.165   6.904   1.00 11.27 ? 196 GLN A C   1 
ATOM   846  O  O   . GLN A 1 110 ? -11.549 2.847   6.769   1.00 11.90 ? 196 GLN A O   1 
ATOM   847  C  CB  . GLN A 1 110 ? -13.841 1.938   4.799   1.00 16.60 ? 196 GLN A CB  1 
ATOM   848  C  CG  . GLN A 1 110 ? -15.094 2.097   3.968   1.00 23.18 ? 196 GLN A CG  1 
ATOM   849  C  CD  . GLN A 1 110 ? -14.969 1.303   2.682   1.00 27.02 ? 196 GLN A CD  1 
ATOM   850  O  OE1 . GLN A 1 110 ? -15.686 0.330   2.474   1.00 32.70 ? 196 GLN A OE1 1 
ATOM   851  N  NE2 . GLN A 1 110 ? -14.011 1.689   1.833   1.00 25.00 ? 196 GLN A NE2 1 
ATOM   852  N  N   . SER A 1 111 ? -12.644 1.072   7.653   1.00 10.65 ? 197 SER A N   1 
ATOM   853  C  CA  . SER A 1 111 ? -11.531 0.609   8.470   1.00 10.89 ? 197 SER A CA  1 
ATOM   854  C  C   . SER A 1 111 ? -11.067 -0.755  7.981   1.00 10.74 ? 197 SER A C   1 
ATOM   855  O  O   . SER A 1 111 ? -11.888 -1.627  7.717   1.00 10.80 ? 197 SER A O   1 
ATOM   856  C  CB  . SER A 1 111 ? -12.015 0.498   9.918   1.00 15.69 ? 197 SER A CB  1 
ATOM   857  O  OG  . SER A 1 111 ? -10.994 0.067   10.789  1.00 26.29 ? 197 SER A OG  1 
ATOM   858  N  N   . PHE A 1 112 ? -9.745  -0.946  7.891   1.00 8.61  ? 198 PHE A N   1 
ATOM   859  C  CA  . PHE A 1 112 ? -9.164  -2.175  7.371   1.00 9.31  ? 198 PHE A CA  1 
ATOM   860  C  C   . PHE A 1 112 ? -7.920  -2.546  8.173   1.00 6.95  ? 198 PHE A C   1 
ATOM   861  O  O   . PHE A 1 112 ? -7.352  -1.710  8.891   1.00 7.26  ? 198 PHE A O   1 
ATOM   862  C  CB  . PHE A 1 112 ? -8.703  -1.992  5.908   1.00 10.36 ? 198 PHE A CB  1 
ATOM   863  C  CG  . PHE A 1 112 ? -9.790  -1.539  4.960   1.00 9.69  ? 198 PHE A CG  1 
ATOM   864  C  CD1 . PHE A 1 112 ? -10.594 -2.463  4.320   1.00 13.24 ? 198 PHE A CD1 1 
ATOM   865  C  CD2 . PHE A 1 112 ? -9.987  -0.196  4.714   1.00 12.94 ? 198 PHE A CD2 1 
ATOM   866  C  CE1 . PHE A 1 112 ? -11.603 -2.042  3.440   1.00 15.37 ? 198 PHE A CE1 1 
ATOM   867  C  CE2 . PHE A 1 112 ? -10.983 0.230   3.846   1.00 14.75 ? 198 PHE A CE2 1 
ATOM   868  C  CZ  . PHE A 1 112 ? -11.783 -0.697  3.209   1.00 15.81 ? 198 PHE A CZ  1 
ATOM   869  N  N   . VAL A 1 113 ? -7.494  -3.794  8.034   1.00 7.19  ? 199 VAL A N   1 
ATOM   870  C  CA  . VAL A 1 113 ? -6.133  -4.169  8.378   1.00 6.88  ? 199 VAL A CA  1 
ATOM   871  C  C   . VAL A 1 113 ? -5.481  -4.626  7.080   1.00 6.18  ? 199 VAL A C   1 
ATOM   872  O  O   . VAL A 1 113 ? -5.940  -5.575  6.447   1.00 8.20  ? 199 VAL A O   1 
ATOM   873  C  CB  . VAL A 1 113 ? -6.066  -5.299  9.443   1.00 7.26  ? 199 VAL A CB  1 
ATOM   874  C  CG1 . VAL A 1 113 ? -4.629  -5.699  9.678   1.00 8.53  ? 199 VAL A CG1 1 
ATOM   875  C  CG2 . VAL A 1 113 ? -6.682  -4.814  10.756  1.00 11.90 ? 199 VAL A CG2 1 
ATOM   876  N  N   . PHE A 1 114 ? -4.415  -3.945  6.673   1.00 5.17  ? 200 PHE A N   1 
ATOM   877  C  CA  . PHE A 1 114 ? -3.664  -4.377  5.498   1.00 6.23  ? 200 PHE A CA  1 
ATOM   878  C  C   . PHE A 1 114 ? -2.497  -5.284  5.829   1.00 5.92  ? 200 PHE A C   1 
ATOM   879  O  O   . PHE A 1 114 ? -1.700  -4.971  6.715   1.00 8.37  ? 200 PHE A O   1 
ATOM   880  C  CB  . PHE A 1 114 ? -3.122  -3.173  4.738   1.00 7.93  ? 200 PHE A CB  1 
ATOM   881  C  CG  . PHE A 1 114 ? -4.103  -2.572  3.785   1.00 7.22  ? 200 PHE A CG  1 
ATOM   882  C  CD1 . PHE A 1 114 ? -5.171  -1.824  4.245   1.00 8.93  ? 200 PHE A CD1 1 
ATOM   883  C  CD2 . PHE A 1 114 ? -3.963  -2.768  2.425   1.00 10.83 ? 200 PHE A CD2 1 
ATOM   884  C  CE1 . PHE A 1 114 ? -6.079  -1.265  3.362   1.00 10.78 ? 200 PHE A CE1 1 
ATOM   885  C  CE2 . PHE A 1 114 ? -4.875  -2.221  1.527   1.00 13.91 ? 200 PHE A CE2 1 
ATOM   886  C  CZ  . PHE A 1 114 ? -5.938  -1.471  2.001   1.00 15.38 ? 200 PHE A CZ  1 
ATOM   887  N  N   . GLU A 1 115 ? -2.400  -6.387  5.118   1.00 5.56  ? 201 GLU A N   1 
ATOM   888  C  CA  . GLU A 1 115 ? -1.222  -7.251  5.216   1.00 5.93  ? 201 GLU A CA  1 
ATOM   889  C  C   . GLU A 1 115 ? -0.330  -6.977  4.018   1.00 6.03  ? 201 GLU A C   1 
ATOM   890  O  O   . GLU A 1 115 ? -0.804  -6.961  2.878   1.00 6.52  ? 201 GLU A O   1 
ATOM   891  C  CB  . GLU A 1 115 ? -1.619  -8.720  5.272   1.00 5.43  ? 201 GLU A CB  1 
ATOM   892  C  CG  . GLU A 1 115 ? -0.417  -9.640  5.411   1.00 8.20  ? 201 GLU A CG  1 
ATOM   893  C  CD  . GLU A 1 115 ? -0.825  -11.070 5.432   1.00 10.74 ? 201 GLU A CD  1 
ATOM   894  O  OE1 . GLU A 1 115 ? -0.255  -11.872 4.656   1.00 12.45 ? 201 GLU A OE1 1 
ATOM   895  O  OE2 . GLU A 1 115 ? -1.750  -11.400 6.206   1.00 12.27 ? 201 GLU A OE2 1 
ATOM   896  N  N   . ILE A 1 116 ? 0.948   -6.756  4.286   1.00 5.52  ? 202 ILE A N   1 
ATOM   897  C  CA  . ILE A 1 116 ? 1.946   -6.389  3.304   1.00 5.68  ? 202 ILE A CA  1 
ATOM   898  C  C   . ILE A 1 116 ? 3.129   -7.341  3.459   1.00 6.97  ? 202 ILE A C   1 
ATOM   899  O  O   . ILE A 1 116 ? 3.664   -7.467  4.563   1.00 8.64  ? 202 ILE A O   1 
ATOM   900  C  CB  . ILE A 1 116 ? 2.446   -4.947  3.618   1.00 10.45 ? 202 ILE A CB  1 
ATOM   901  C  CG1 . ILE A 1 116 ? 1.271   -3.965  3.583   1.00 15.89 ? 202 ILE A CG1 1 
ATOM   902  C  CG2 . ILE A 1 116 ? 3.556   -4.527  2.666   1.00 15.81 ? 202 ILE A CG2 1 
ATOM   903  C  CD1 . ILE A 1 116 ? 0.676   -3.888  2.258   1.00 14.84 ? 202 ILE A CD1 1 
ATOM   904  N  N   . THR A 1 117 ? 3.528   -8.031  2.396   1.00 4.83  ? 203 THR A N   1 
ATOM   905  C  CA  . THR A 1 117 ? 4.781   -8.771  2.416   1.00 3.77  ? 203 THR A CA  1 
ATOM   906  C  C   . THR A 1 117 ? 5.804   -8.027  1.568   1.00 4.59  ? 203 THR A C   1 
ATOM   907  O  O   . THR A 1 117 ? 5.561   -7.744  0.380   1.00 5.26  ? 203 THR A O   1 
ATOM   908  C  CB  . THR A 1 117 ? 4.654   -10.214 1.944   1.00 5.27  ? 203 THR A CB  1 
ATOM   909  O  OG1 . THR A 1 117 ? 3.823   -10.947 2.858   1.00 7.92  ? 203 THR A OG1 1 
ATOM   910  C  CG2 . THR A 1 117 ? 6.023   -10.882 1.955   1.00 6.57  ? 203 THR A CG2 1 
ATOM   911  N  N   . ILE A 1 118 ? 6.920   -7.689  2.198   1.00 4.61  ? 204 ILE A N   1 
ATOM   912  C  CA  . ILE A 1 118 ? 8.011   -6.950  1.582   1.00 3.97  ? 204 ILE A CA  1 
ATOM   913  C  C   . ILE A 1 118 ? 9.151   -7.921  1.361   1.00 6.05  ? 204 ILE A C   1 
ATOM   914  O  O   . ILE A 1 118 ? 9.505   -8.686  2.272   1.00 6.96  ? 204 ILE A O   1 
ATOM   915  C  CB  . ILE A 1 118 ? 8.473   -5.818  2.501   1.00 4.45  ? 204 ILE A CB  1 
ATOM   916  C  CG1 . ILE A 1 118 ? 7.354   -4.795  2.651   1.00 7.32  ? 204 ILE A CG1 1 
ATOM   917  C  CG2 . ILE A 1 118 ? 9.739   -5.146  1.938   1.00 6.40  ? 204 ILE A CG2 1 
ATOM   918  C  CD1 . ILE A 1 118 ? 7.568   -3.799  3.773   1.00 7.04  ? 204 ILE A CD1 1 
ATOM   919  N  N   . GLN A 1 119 ? 9.715   -7.936  0.161   1.00 6.25  ? 205 GLN A N   1 
ATOM   920  C  CA  . GLN A 1 119 ? 10.888  -8.766  -0.105  1.00 3.85  ? 205 GLN A CA  1 
ATOM   921  C  C   . GLN A 1 119 ? 12.095  -7.905  -0.454  1.00 4.99  ? 205 GLN A C   1 
ATOM   922  O  O   . GLN A 1 119 ? 11.957  -6.794  -0.950  1.00 6.71  ? 205 GLN A O   1 
ATOM   923  C  CB  . GLN A 1 119 ? 10.623  -9.764  -1.240  1.00 4.88  ? 205 GLN A CB  1 
ATOM   924  C  CG  . GLN A 1 119 ? 10.399  -9.107  -2.607  1.00 6.80  ? 205 GLN A CG  1 
ATOM   925  C  CD  . GLN A 1 119 ? 9.961   -10.110 -3.669  1.00 9.09  ? 205 GLN A CD  1 
ATOM   926  O  OE1 . GLN A 1 119 ? 9.797   -11.301 -3.394  1.00 11.30 ? 205 GLN A OE1 1 
ATOM   927  N  NE2 . GLN A 1 119 ? 9.772   -9.636  -4.888  1.00 9.06  ? 205 GLN A NE2 1 
ATOM   928  N  N   . ARG A 1 120 ? 13.281  -8.444  -0.198  1.00 6.17  ? 206 ARG A N   1 
ATOM   929  C  CA  . ARG A 1 120 ? 14.518  -7.798  -0.595  1.00 5.23  ? 206 ARG A CA  1 
ATOM   930  C  C   . ARG A 1 120 ? 14.664  -7.798  -2.118  1.00 5.42  ? 206 ARG A C   1 
ATOM   931  O  O   . ARG A 1 120 ? 14.197  -8.715  -2.800  1.00 8.17  ? 206 ARG A O   1 
ATOM   932  C  CB  . ARG A 1 120 ? 15.711  -8.541  0.016   1.00 6.05  ? 206 ARG A CB  1 
ATOM   933  C  CG  . ARG A 1 120 ? 15.958  -8.252  1.498   1.00 7.44  ? 206 ARG A CG  1 
ATOM   934  C  CD  . ARG A 1 120 ? 16.263  -6.762  1.797   1.00 5.67  ? 206 ARG A CD  1 
ATOM   935  N  NE  . ARG A 1 120 ? 17.133  -6.200  0.749   1.00 5.20  ? 206 ARG A NE  1 
ATOM   936  C  CZ  . ARG A 1 120 ? 18.438  -6.415  0.660   1.00 7.29  ? 206 ARG A CZ  1 
ATOM   937  N  NH1 . ARG A 1 120 ? 19.084  -7.121  1.591   1.00 8.28  ? 206 ARG A NH1 1 
ATOM   938  N  NH2 . ARG A 1 120 ? 19.101  -5.899  -0.367  1.00 7.34  ? 206 ARG A NH2 1 
ATOM   939  N  N   . VAL A 1 121 ? 15.355  -6.764  -2.618  1.00 5.88  ? 207 VAL A N   1 
ATOM   940  C  CA  . VAL A 1 121 ? 15.657  -6.561  -4.028  1.00 8.12  ? 207 VAL A CA  1 
ATOM   941  C  C   . VAL A 1 121 ? 17.122  -6.138  -4.099  1.00 6.05  ? 207 VAL A C   1 
ATOM   942  O  O   . VAL A 1 121 ? 17.623  -5.479  -3.202  1.00 6.16  ? 207 VAL A O   1 
ATOM   943  C  CB  . VAL A 1 121 ? 14.795  -5.422  -4.611  1.00 7.40  ? 207 VAL A CB  1 
ATOM   944  C  CG1 . VAL A 1 121 ? 15.117  -5.164  -6.074  1.00 12.20 ? 207 VAL A CG1 1 
ATOM   945  C  CG2 . VAL A 1 121 ? 13.326  -5.778  -4.462  1.00 9.75  ? 207 VAL A CG2 1 
ATOM   946  N  N   . ASP A 1 122 ? 17.801  -6.543  -5.165  1.00 8.35  ? 208 ASP A N   1 
ATOM   947  C  CA  . ASP A 1 122 ? 19.163  -6.094  -5.432  1.00 8.59  ? 208 ASP A CA  1 
ATOM   948  C  C   . ASP A 1 122 ? 19.164  -4.566  -5.465  1.00 8.96  ? 208 ASP A C   1 
ATOM   949  O  O   . ASP A 1 122 ? 18.419  -3.970  -6.254  1.00 8.34  ? 208 ASP A O   1 
ATOM   950  C  CB  . ASP A 1 122 ? 19.586  -6.665  -6.794  1.00 10.30 ? 208 ASP A CB  1 
ATOM   951  C  CG  . ASP A 1 122 ? 21.006  -6.299  -7.195  1.00 15.21 ? 208 ASP A CG  1 
ATOM   952  O  OD1 . ASP A 1 122 ? 21.664  -5.503  -6.508  1.00 12.31 ? 208 ASP A OD1 1 
ATOM   953  O  OD2 . ASP A 1 122 ? 21.456  -6.829  -8.236  1.00 25.91 ? 208 ASP A OD2 1 
ATOM   954  N  N   . PRO A 1 123 ? 19.981  -3.922  -4.616  1.00 7.69  ? 209 PRO A N   1 
ATOM   955  C  CA  . PRO A 1 123 ? 20.007  -2.454  -4.608  1.00 8.70  ? 209 PRO A CA  1 
ATOM   956  C  C   . PRO A 1 123 ? 20.519  -1.843  -5.921  1.00 9.71  ? 209 PRO A C   1 
ATOM   957  O  O   . PRO A 1 123 ? 20.291  -0.657  -6.148  1.00 9.78  ? 209 PRO A O   1 
ATOM   958  C  CB  . PRO A 1 123 ? 20.923  -2.113  -3.433  1.00 10.38 ? 209 PRO A CB  1 
ATOM   959  C  CG  . PRO A 1 123 ? 20.957  -3.379  -2.592  1.00 13.81 ? 209 PRO A CG  1 
ATOM   960  C  CD  . PRO A 1 123 ? 20.858  -4.495  -3.577  1.00 10.42 ? 209 PRO A CD  1 
ATOM   961  N  N   . ARG A 1 124 ? 21.162  -2.636  -6.766  1.00 9.24  ? 210 ARG A N   1 
ATOM   962  C  CA  . ARG A 1 124 ? 21.544  -2.175  -8.104  1.00 11.73 ? 210 ARG A CA  1 
ATOM   963  C  C   . ARG A 1 124 ? 20.317  -1.955  -8.985  1.00 11.87 ? 210 ARG A C   1 
ATOM   964  O  O   . ARG A 1 124 ? 20.364  -1.220  -9.967  1.00 13.53 ? 210 ARG A O   1 
ATOM   965  C  CB  . ARG A 1 124 ? 22.483  -3.182  -8.778  1.00 13.52 ? 210 ARG A CB  1 
ATOM   966  C  CG  . ARG A 1 124 ? 22.900  -2.773  -10.188 1.00 19.96 ? 210 ARG A CG  1 
ATOM   967  C  CD  . ARG A 1 124 ? 23.698  -1.480  -10.132 1.00 26.04 ? 210 ARG A CD  1 
ATOM   968  N  NE  . ARG A 1 124 ? 24.080  -0.974  -11.450 1.00 27.82 ? 210 ARG A NE  1 
ATOM   969  C  CZ  . ARG A 1 124 ? 23.316  -0.182  -12.196 1.00 23.16 ? 210 ARG A CZ  1 
ATOM   970  N  NH1 . ARG A 1 124 ? 22.109  0.177   -11.769 1.00 20.85 ? 210 ARG A NH1 1 
ATOM   971  N  NH2 . ARG A 1 124 ? 23.753  0.244   -13.380 1.00 22.90 ? 210 ARG A NH2 1 
ATOM   972  N  N   . LEU A 1 125 ? 19.214  -2.613  -8.637  1.00 9.64  ? 211 LEU A N   1 
ATOM   973  C  CA  . LEU A 1 125 ? 17.966  -2.507  -9.386  1.00 9.60  ? 211 LEU A CA  1 
ATOM   974  C  C   . LEU A 1 125 ? 17.023  -1.457  -8.782  1.00 12.31 ? 211 LEU A C   1 
ATOM   975  O  O   . LEU A 1 125 ? 16.493  -0.600  -9.485  1.00 15.19 ? 211 LEU A O   1 
ATOM   976  C  CB  . LEU A 1 125 ? 17.283  -3.872  -9.415  1.00 14.33 ? 211 LEU A CB  1 
ATOM   977  C  CG  . LEU A 1 125 ? 17.169  -4.674  -10.711 1.00 31.28 ? 211 LEU A CG  1 
ATOM   978  C  CD1 . LEU A 1 125 ? 18.323  -4.423  -11.668 1.00 21.64 ? 211 LEU A CD1 1 
ATOM   979  C  CD2 . LEU A 1 125 ? 17.027  -6.163  -10.395 1.00 24.43 ? 211 LEU A CD2 1 
ATOM   980  N  N   . LYS A 1 126 ? 16.810  -1.541  -7.470  1.00 9.48  ? 212 LYS A N   1 
ATOM   981  C  CA  . LYS A 1 126 ? 16.038  -0.558  -6.739  1.00 9.55  ? 212 LYS A CA  1 
ATOM   982  C  C   . LYS A 1 126 ? 16.831  -0.137  -5.511  1.00 8.47  ? 212 LYS A C   1 
ATOM   983  O  O   . LYS A 1 126 ? 17.109  -0.964  -4.634  1.00 8.07  ? 212 LYS A O   1 
ATOM   984  C  CB  . LYS A 1 126 ? 14.700  -1.147  -6.281  1.00 8.45  ? 212 LYS A CB  1 
ATOM   985  C  CG  . LYS A 1 126 ? 13.741  -1.466  -7.394  1.00 7.66  ? 212 LYS A CG  1 
ATOM   986  C  CD  . LYS A 1 126 ? 12.381  -1.869  -6.819  1.00 7.20  ? 212 LYS A CD  1 
ATOM   987  C  CE  . LYS A 1 126 ? 11.403  -2.117  -7.957  1.00 6.87  ? 212 LYS A CE  1 
ATOM   988  N  NZ  . LYS A 1 126 ? 10.044  -2.491  -7.460  1.00 7.13  ? 212 LYS A NZ  1 
ATOM   989  N  N   . PRO A 1 127 ? 17.220  1.138   -5.439  1.00 8.62  ? 213 PRO A N   1 
ATOM   990  C  CA  . PRO A 1 127 ? 18.129  1.535   -4.361  1.00 8.46  ? 213 PRO A CA  1 
ATOM   991  C  C   . PRO A 1 127 ? 17.557  1.361   -2.954  1.00 9.66  ? 213 PRO A C   1 
ATOM   992  O  O   . PRO A 1 127 ? 18.340  1.286   -2.007  1.00 10.77 ? 213 PRO A O   1 
ATOM   993  C  CB  . PRO A 1 127 ? 18.442  3.009   -4.681  1.00 11.31 ? 213 PRO A CB  1 
ATOM   994  C  CG  . PRO A 1 127 ? 17.271  3.453   -5.500  1.00 11.08 ? 213 PRO A CG  1 
ATOM   995  C  CD  . PRO A 1 127 ? 16.891  2.280   -6.329  1.00 9.76  ? 213 PRO A CD  1 
ATOM   996  N  N   . SER A 1 128 ? 16.229  1.286   -2.818  1.00 7.53  ? 214 SER A N   1 
ATOM   997  C  CA  . SER A 1 128 ? 15.627  0.984   -1.516  1.00 8.11  ? 214 SER A CA  1 
ATOM   998  C  C   . SER A 1 128 ? 15.975  -0.420  -1.057  1.00 7.98  ? 214 SER A C   1 
ATOM   999  O  O   . SER A 1 128 ? 15.899  -0.708  0.130   1.00 7.36  ? 214 SER A O   1 
ATOM   1000 C  CB  . SER A 1 128 ? 14.095  1.057   -1.590  1.00 7.44  ? 214 SER A CB  1 
ATOM   1001 O  OG  . SER A 1 128 ? 13.602  0.022   -2.398  1.00 9.36  ? 214 SER A OG  1 
ATOM   1002 N  N   . GLY A 1 129 ? 16.304  -1.290  -2.005  1.00 6.12  ? 215 GLY A N   1 
ATOM   1003 C  CA  . GLY A 1 129 ? 16.516  -2.698  -1.719  1.00 5.94  ? 215 GLY A CA  1 
ATOM   1004 C  C   . GLY A 1 129 ? 15.282  -3.470  -1.301  1.00 5.24  ? 215 GLY A C   1 
ATOM   1005 O  O   . GLY A 1 129 ? 15.406  -4.587  -0.780  1.00 6.08  ? 215 GLY A O   1 
HETATM 1006 N  N   . MSE A 1 130 ? 14.095  -2.903  -1.522  1.00 4.65  ? 216 MSE A N   1 
HETATM 1007 C  CA  . MSE A 1 130 ? 12.869  -3.570  -1.091  1.00 6.24  ? 216 MSE A CA  1 
HETATM 1008 C  C   . MSE A 1 130 ? 11.730  -3.319  -2.063  1.00 5.02  ? 216 MSE A C   1 
HETATM 1009 O  O   . MSE A 1 130 ? 11.718  -2.306  -2.776  1.00 5.17  ? 216 MSE A O   1 
HETATM 1010 C  CB  . MSE A 1 130 ? 12.446  -3.031  0.276   1.00 6.61  ? 216 MSE A CB  1 
HETATM 1011 C  CG  . MSE A 1 130 ? 13.357  -3.502  1.405   1.00 7.33  ? 216 MSE A CG  1 
HETATM 1012 SE SE  . MSE A 1 130 ? 12.837  -2.813  3.175   1.00 12.76 ? 216 MSE A SE  1 
HETATM 1013 C  CE  . MSE A 1 130 ? 13.544  -1.017  2.996   1.00 11.11 ? 216 MSE A CE  1 
ATOM   1014 N  N   . GLU A 1 131 ? 10.747  -4.211  -2.041  1.00 4.96  ? 217 GLU A N   1 
ATOM   1015 C  CA  . GLU A 1 131 ? 9.488   -3.975  -2.746  1.00 4.08  ? 217 GLU A CA  1 
ATOM   1016 C  C   . GLU A 1 131 ? 8.397   -4.828  -2.126  1.00 5.62  ? 217 GLU A C   1 
ATOM   1017 O  O   . GLU A 1 131 ? 8.660   -5.904  -1.567  1.00 5.60  ? 217 GLU A O   1 
ATOM   1018 C  CB  . GLU A 1 131 ? 9.630   -4.282  -4.244  1.00 6.38  ? 217 GLU A CB  1 
ATOM   1019 C  CG  . GLU A 1 131 ? 9.740   -5.740  -4.548  1.00 5.86  ? 217 GLU A CG  1 
ATOM   1020 C  CD  . GLU A 1 131 ? 10.140  -6.044  -5.981  1.00 7.50  ? 217 GLU A CD  1 
ATOM   1021 O  OE1 . GLU A 1 131 ? 10.274  -5.094  -6.794  1.00 10.19 ? 217 GLU A OE1 1 
ATOM   1022 O  OE2 . GLU A 1 131 ? 10.320  -7.241  -6.306  1.00 9.89  ? 217 GLU A OE2 1 
ATOM   1023 N  N   . ILE A 1 132 ? 7.163   -4.354  -2.215  1.00 4.41  ? 218 ILE A N   1 
ATOM   1024 C  CA  . ILE A 1 132 ? 6.019   -5.102  -1.728  1.00 4.26  ? 218 ILE A CA  1 
ATOM   1025 C  C   . ILE A 1 132 ? 5.604   -6.145  -2.756  1.00 4.41  ? 218 ILE A C   1 
ATOM   1026 O  O   . ILE A 1 132 ? 5.212   -5.803  -3.882  1.00 4.27  ? 218 ILE A O   1 
ATOM   1027 C  CB  . ILE A 1 132 ? 4.849   -4.136  -1.480  1.00 3.91  ? 218 ILE A CB  1 
ATOM   1028 C  CG1 . ILE A 1 132 ? 5.216   -3.163  -0.351  1.00 5.72  ? 218 ILE A CG1 1 
ATOM   1029 C  CG2 . ILE A 1 132 ? 3.579   -4.927  -1.176  1.00 4.78  ? 218 ILE A CG2 1 
ATOM   1030 C  CD1 . ILE A 1 132 ? 4.234   -1.988  -0.195  1.00 7.98  ? 218 ILE A CD1 1 
ATOM   1031 N  N   . ARG A 1 133 ? 5.666   -7.418  -2.378  1.00 6.60  ? 219 ARG A N   1 
ATOM   1032 C  CA  . ARG A 1 133 ? 5.285   -8.484  -3.305  1.00 5.38  ? 219 ARG A CA  1 
ATOM   1033 C  C   . ARG A 1 133 ? 3.872   -8.989  -3.126  1.00 6.11  ? 219 ARG A C   1 
ATOM   1034 O  O   . ARG A 1 133 ? 3.361   -9.701  -3.996  1.00 7.04  ? 219 ARG A O   1 
ATOM   1035 C  CB  . ARG A 1 133 ? 6.249   -9.665  -3.236  1.00 8.29  ? 219 ARG A CB  1 
ATOM   1036 C  CG  . ARG A 1 133 ? 6.304   -10.293 -1.872  1.00 9.56  ? 219 ARG A CG  1 
ATOM   1037 C  CD  . ARG A 1 133 ? 7.074   -11.621 -1.887  1.00 13.40 ? 219 ARG A CD  1 
ATOM   1038 N  NE  . ARG A 1 133 ? 6.288   -12.707 -2.444  1.00 17.68 ? 219 ARG A NE  1 
ATOM   1039 C  CZ  . ARG A 1 133 ? 6.620   -13.379 -3.542  1.00 23.19 ? 219 ARG A CZ  1 
ATOM   1040 N  NH1 . ARG A 1 133 ? 7.734   -13.072 -4.202  1.00 20.73 ? 219 ARG A NH1 1 
ATOM   1041 N  NH2 . ARG A 1 133 ? 5.833   -14.352 -3.987  1.00 28.07 ? 219 ARG A NH2 1 
ATOM   1042 N  N   . GLN A 1 134 ? 3.228   -8.609  -2.024  1.00 5.08  ? 220 GLN A N   1 
ATOM   1043 C  CA  . GLN A 1 134 ? 1.836   -8.987  -1.779  1.00 4.79  ? 220 GLN A CA  1 
ATOM   1044 C  C   . GLN A 1 134 ? 1.174   -7.971  -0.883  1.00 6.74  ? 220 GLN A C   1 
ATOM   1045 O  O   . GLN A 1 134 ? 1.770   -7.537  0.096   1.00 5.13  ? 220 GLN A O   1 
ATOM   1046 C  CB  . GLN A 1 134 ? 1.732   -10.378 -1.142  1.00 7.22  ? 220 GLN A CB  1 
ATOM   1047 C  CG  . GLN A 1 134 ? 0.285   -10.894 -1.114  1.00 8.49  ? 220 GLN A CG  1 
ATOM   1048 C  CD  . GLN A 1 134 ? 0.179   -12.338 -0.704  1.00 13.12 ? 220 GLN A CD  1 
ATOM   1049 O  OE1 . GLN A 1 134 ? -0.424  -13.154 -1.404  1.00 19.56 ? 220 GLN A OE1 1 
ATOM   1050 N  NE2 . GLN A 1 134 ? 0.741   -12.664 0.436   1.00 10.35 ? 220 GLN A NE2 1 
HETATM 1051 N  N   . MSE A 1 135 ? -0.052  -7.584  -1.241  1.00 5.94  ? 221 MSE A N   1 
HETATM 1052 C  CA  . MSE A 1 135 ? -0.868  -6.647  -0.463  1.00 6.26  ? 221 MSE A CA  1 
HETATM 1053 C  C   . MSE A 1 135 ? -2.269  -7.220  -0.370  1.00 7.91  ? 221 MSE A C   1 
HETATM 1054 O  O   . MSE A 1 135 ? -2.876  -7.559  -1.398  1.00 8.84  ? 221 MSE A O   1 
HETATM 1055 C  CB  . MSE A 1 135 ? -0.941  -5.274  -1.126  1.00 7.25  ? 221 MSE A CB  1 
HETATM 1056 C  CG  . MSE A 1 135 ? -1.868  -4.326  -0.404  1.00 8.63  ? 221 MSE A CG  1 
HETATM 1057 SE SE  . MSE A 1 135 ? -1.771  -2.476  -1.087  1.00 18.04 ? 221 MSE A SE  1 
HETATM 1058 C  CE  . MSE A 1 135 ? -0.294  -1.781  -0.044  1.00 15.77 ? 221 MSE A CE  1 
ATOM   1059 N  N   . ILE A 1 136 ? -2.762  -7.370  0.854   1.00 8.66  ? 222 ILE A N   1 
ATOM   1060 C  CA  . ILE A 1 136 ? -4.081  -7.953  1.090   1.00 9.19  ? 222 ILE A CA  1 
ATOM   1061 C  C   . ILE A 1 136 ? -4.831  -7.066  2.056   1.00 9.84  ? 222 ILE A C   1 
ATOM   1062 O  O   . ILE A 1 136 ? -4.354  -6.799  3.157   1.00 10.55 ? 222 ILE A O   1 
ATOM   1063 C  CB  . ILE A 1 136 ? -3.992  -9.331  1.745   1.00 10.15 ? 222 ILE A CB  1 
ATOM   1064 C  CG1 . ILE A 1 136 ? -3.230  -10.313 0.851   1.00 10.91 ? 222 ILE A CG1 1 
ATOM   1065 C  CG2 . ILE A 1 136 ? -5.399  -9.860  2.055   1.00 11.39 ? 222 ILE A CG2 1 
ATOM   1066 C  CD1 . ILE A 1 136 ? -2.793  -11.575 1.566   1.00 15.09 ? 222 ILE A CD1 1 
ATOM   1067 N  N   . SER A 1 137 ? -5.996  -6.590  1.641   1.00 12.40 ? 223 SER A N   1 
ATOM   1068 C  CA  . SER A 1 137 ? -6.850  -5.775  2.482   1.00 16.28 ? 223 SER A CA  1 
ATOM   1069 C  C   . SER A 1 137 ? -7.849  -6.666  3.195   1.00 18.51 ? 223 SER A C   1 
ATOM   1070 O  O   . SER A 1 137 ? -8.500  -7.513  2.577   1.00 27.08 ? 223 SER A O   1 
ATOM   1071 C  CB  . SER A 1 137 ? -7.614  -4.745  1.628   1.00 17.29 ? 223 SER A CB  1 
ATOM   1072 O  OG  . SER A 1 137 ? -8.499  -3.952  2.427   1.00 17.63 ? 223 SER A OG  1 
ATOM   1073 N  N   . ARG A 1 138 ? -7.982  -6.485  4.499   1.00 16.33 ? 224 ARG A N   1 
ATOM   1074 C  CA  A ARG A 1 138 ? -9.053  -7.157  5.208   0.50 19.06 ? 224 ARG A CA  1 
ATOM   1075 C  CA  B ARG A 1 138 ? -8.999  -7.194  5.262   0.50 19.08 ? 224 ARG A CA  1 
ATOM   1076 C  C   . ARG A 1 138 ? -9.882  -6.183  5.998   1.00 19.08 ? 224 ARG A C   1 
ATOM   1077 O  O   . ARG A 1 138 ? -9.362  -5.268  6.620   1.00 16.39 ? 224 ARG A O   1 
ATOM   1078 C  CB  A ARG A 1 138 ? -8.494  -8.222  6.124   0.50 16.09 ? 224 ARG A CB  1 
ATOM   1079 C  CB  B ARG A 1 138 ? -8.326  -8.140  6.264   0.50 16.03 ? 224 ARG A CB  1 
ATOM   1080 C  CG  A ARG A 1 138 ? -7.870  -9.341  5.361   0.50 15.12 ? 224 ARG A CG  1 
ATOM   1081 C  CG  B ARG A 1 138 ? -7.143  -8.942  5.691   0.50 18.56 ? 224 ARG A CG  1 
ATOM   1082 C  CD  A ARG A 1 138 ? -7.019  -10.160 6.276   0.50 17.64 ? 224 ARG A CD  1 
ATOM   1083 C  CD  B ARG A 1 138 ? -6.306  -9.613  6.786   0.50 16.96 ? 224 ARG A CD  1 
ATOM   1084 N  NE  A ARG A 1 138 ? -6.502  -11.327 5.582   0.50 14.95 ? 224 ARG A NE  1 
ATOM   1085 N  NE  B ARG A 1 138 ? -5.161  -10.359 6.256   0.50 13.73 ? 224 ARG A NE  1 
ATOM   1086 C  CZ  A ARG A 1 138 ? -5.217  -11.674 5.576   0.50 14.57 ? 224 ARG A CZ  1 
ATOM   1087 C  CZ  B ARG A 1 138 ? -5.249  -11.573 5.712   0.50 14.61 ? 224 ARG A CZ  1 
ATOM   1088 N  NH1 A ARG A 1 138 ? -4.339  -10.937 6.235   0.50 9.45  ? 224 ARG A NH1 1 
ATOM   1089 N  NH1 B ARG A 1 138 ? -6.431  -12.178 5.624   0.50 18.08 ? 224 ARG A NH1 1 
ATOM   1090 N  NH2 A ARG A 1 138 ? -4.820  -12.759 4.925   0.50 11.85 ? 224 ARG A NH2 1 
ATOM   1091 N  NH2 B ARG A 1 138 ? -4.168  -12.190 5.249   0.50 14.79 ? 224 ARG A NH2 1 
ATOM   1092 N  N   . ASN A 1 139 ? -11.197 -6.362  5.928   1.00 21.92 ? 225 ASN A N   1 
ATOM   1093 C  CA  . ASN A 1 139 ? -12.124 -5.513  6.662   1.00 20.28 ? 225 ASN A CA  1 
ATOM   1094 C  C   . ASN A 1 139 ? -11.864 -5.594  8.152   1.00 18.03 ? 225 ASN A C   1 
ATOM   1095 O  O   . ASN A 1 139 ? -11.573 -6.661  8.677   1.00 23.65 ? 225 ASN A O   1 
ATOM   1096 C  CB  . ASN A 1 139 ? -13.563 -5.923  6.365   1.00 25.18 ? 225 ASN A CB  1 
ATOM   1097 C  CG  . ASN A 1 139 ? -13.929 -5.718  4.918   1.00 30.16 ? 225 ASN A CG  1 
ATOM   1098 O  OD1 . ASN A 1 139 ? -13.325 -4.897  4.228   1.00 28.51 ? 225 ASN A OD1 1 
ATOM   1099 N  ND2 . ASN A 1 139 ? -14.924 -6.459  4.445   1.00 35.75 ? 225 ASN A ND2 1 
ATOM   1100 N  N   . ALA A 1 140 ? -11.962 -4.450  8.821   1.00 18.98 ? 226 ALA A N   1 
ATOM   1101 C  CA  . ALA A 1 140 ? -11.735 -4.381  10.260  1.00 22.08 ? 226 ALA A CA  1 
ATOM   1102 C  C   . ALA A 1 140 ? -12.975 -3.835  10.960  1.00 30.59 ? 226 ALA A C   1 
ATOM   1103 O  O   . ALA A 1 140 ? -13.962 -3.487  10.308  1.00 35.55 ? 226 ALA A O   1 
ATOM   1104 C  CB  . ALA A 1 140 ? -10.525 -3.516  10.567  1.00 18.68 ? 226 ALA A CB  1 
HETATM 1105 S  S   . SO4 B 2 .   ? 9.022   1.047   -11.947 1.00 11.59 ? 301 SO4 A S   1 
HETATM 1106 O  O1  . SO4 B 2 .   ? 9.858   0.498   -10.894 1.00 15.58 ? 301 SO4 A O1  1 
HETATM 1107 O  O2  . SO4 B 2 .   ? 7.678   0.518   -11.794 1.00 13.35 ? 301 SO4 A O2  1 
HETATM 1108 O  O3  . SO4 B 2 .   ? 8.857   2.493   -11.839 1.00 18.56 ? 301 SO4 A O3  1 
HETATM 1109 O  O4  . SO4 B 2 .   ? 9.594   0.667   -13.241 1.00 14.52 ? 301 SO4 A O4  1 
HETATM 1110 O  O   . HOH C 3 .   ? -11.147 1.439   -8.096  1.00 10.38 ? 401 HOH A O   1 
HETATM 1111 O  O   . HOH C 3 .   ? 11.348  0.719   -3.875  1.00 10.95 ? 402 HOH A O   1 
HETATM 1112 O  O   . HOH C 3 .   ? -15.030 6.466   2.090   1.00 13.44 ? 403 HOH A O   1 
HETATM 1113 O  O   . HOH C 3 .   ? 8.486   -1.921  -9.874  1.00 9.86  ? 404 HOH A O   1 
HETATM 1114 O  O   . HOH C 3 .   ? -0.664  -8.552  -4.005  1.00 9.10  ? 405 HOH A O   1 
HETATM 1115 O  O   . HOH C 3 .   ? 14.991  -8.751  9.817   1.00 12.65 ? 406 HOH A O   1 
HETATM 1116 O  O   . HOH C 3 .   ? 1.248   -11.027 2.553   1.00 11.31 ? 407 HOH A O   1 
HETATM 1117 O  O   . HOH C 3 .   ? -6.246  19.042  -7.107  1.00 12.92 ? 408 HOH A O   1 
HETATM 1118 O  O   . HOH C 3 .   ? -5.750  13.193  -0.459  1.00 15.36 ? 409 HOH A O   1 
HETATM 1119 O  O   . HOH C 3 .   ? 16.542  -8.319  -7.154  1.00 13.87 ? 410 HOH A O   1 
HETATM 1120 O  O   . HOH C 3 .   ? 3.826   -14.431 5.229   1.00 13.08 ? 411 HOH A O   1 
HETATM 1121 O  O   . HOH C 3 .   ? 12.880  2.278   5.462   1.00 15.55 ? 412 HOH A O   1 
HETATM 1122 O  O   . HOH C 3 .   ? -0.983  14.783  -12.917 1.00 14.89 ? 413 HOH A O   1 
HETATM 1123 O  O   . HOH C 3 .   ? -0.346  9.611   -3.265  1.00 14.39 ? 414 HOH A O   1 
HETATM 1124 O  O   . HOH C 3 .   ? 13.951  2.057   -4.747  1.00 12.95 ? 415 HOH A O   1 
HETATM 1125 O  O   . HOH C 3 .   ? -13.618 1.958   -9.226  1.00 12.49 ? 416 HOH A O   1 
HETATM 1126 O  O   . HOH C 3 .   ? 5.213   -2.419  -9.964  1.00 12.91 ? 417 HOH A O   1 
HETATM 1127 O  O   . HOH C 3 .   ? -8.445  -0.235  11.021  1.00 16.08 ? 418 HOH A O   1 
HETATM 1128 O  O   . HOH C 3 .   ? 12.969  -18.815 6.653   1.00 14.23 ? 419 HOH A O   1 
HETATM 1129 O  O   . HOH C 3 .   ? -4.987  11.866  -12.655 1.00 16.84 ? 420 HOH A O   1 
HETATM 1130 O  O   . HOH C 3 .   ? 21.985  -6.211  -0.670  1.00 15.23 ? 421 HOH A O   1 
HETATM 1131 O  O   . HOH C 3 .   ? 14.300  -7.680  -8.580  1.00 17.38 ? 422 HOH A O   1 
HETATM 1132 O  O   . HOH C 3 .   ? 7.358   5.499   -5.231  1.00 19.18 ? 423 HOH A O   1 
HETATM 1133 O  O   . HOH C 3 .   ? 17.871  -11.581 0.791   1.00 14.19 ? 424 HOH A O   1 
HETATM 1134 O  O   . HOH C 3 .   ? 13.447  2.496   -7.650  1.00 20.51 ? 425 HOH A O   1 
HETATM 1135 O  O   . HOH C 3 .   ? -5.403  3.698   11.199  1.00 19.14 ? 426 HOH A O   1 
HETATM 1136 O  O   . HOH C 3 .   ? -13.927 0.250   -11.399 1.00 20.40 ? 427 HOH A O   1 
HETATM 1137 O  O   . HOH C 3 .   ? 12.195  0.851   -9.841  1.00 20.95 ? 428 HOH A O   1 
HETATM 1138 O  O   . HOH C 3 .   ? 14.559  -8.882  -10.823 1.00 37.35 ? 429 HOH A O   1 
HETATM 1139 O  O   . HOH C 3 .   ? -7.592  2.216   11.937  1.00 18.53 ? 430 HOH A O   1 
HETATM 1140 O  O   . HOH C 3 .   ? -10.718 -1.678  -0.390  1.00 16.12 ? 431 HOH A O   1 
HETATM 1141 O  O   . HOH C 3 .   ? 19.268  -9.690  -0.703  1.00 18.98 ? 432 HOH A O   1 
HETATM 1142 O  O   . HOH C 3 .   ? 8.493   -17.333 8.178   1.00 20.55 ? 433 HOH A O   1 
HETATM 1143 O  O   . HOH C 3 .   ? 9.032   -15.061 11.931  1.00 12.78 ? 434 HOH A O   1 
HETATM 1144 O  O   . HOH C 3 .   ? 6.269   -10.681 -6.935  1.00 12.38 ? 435 HOH A O   1 
HETATM 1145 O  O   . HOH C 3 .   ? 5.633   -9.754  -9.731  1.00 14.09 ? 436 HOH A O   1 
HETATM 1146 O  O   . HOH C 3 .   ? -7.321  -7.453  -0.761  1.00 15.69 ? 437 HOH A O   1 
HETATM 1147 O  O   . HOH C 3 .   ? 6.707   -15.512 13.505  1.00 16.33 ? 438 HOH A O   1 
HETATM 1148 O  O   . HOH C 3 .   ? -2.049  5.272   -12.912 1.00 13.04 ? 439 HOH A O   1 
HETATM 1149 O  O   . HOH C 3 .   ? 2.515   3.006   10.682  1.00 18.87 ? 440 HOH A O   1 
HETATM 1150 O  O   . HOH C 3 .   ? 4.599   9.910   -5.178  1.00 15.17 ? 441 HOH A O   1 
HETATM 1151 O  O   . HOH C 3 .   ? 12.424  -8.885  -7.169  1.00 17.57 ? 442 HOH A O   1 
HETATM 1152 O  O   . HOH C 3 .   ? -4.701  13.294  2.098   1.00 18.31 ? 443 HOH A O   1 
HETATM 1153 O  O   . HOH C 3 .   ? 14.747  -3.621  13.647  1.00 16.79 ? 444 HOH A O   1 
HETATM 1154 O  O   . HOH C 3 .   ? 9.348   -4.276  -11.141 1.00 18.82 ? 445 HOH A O   1 
HETATM 1155 O  O   . HOH C 3 .   ? -8.953  -1.144  1.510   1.00 18.61 ? 446 HOH A O   1 
HETATM 1156 O  O   . HOH C 3 .   ? 15.986  -7.239  11.916  1.00 23.50 ? 447 HOH A O   1 
HETATM 1157 O  O   . HOH C 3 .   ? 8.836   -11.259 -7.218  1.00 20.31 ? 448 HOH A O   1 
HETATM 1158 O  O   . HOH C 3 .   ? -10.667 -4.265  0.759   1.00 23.60 ? 449 HOH A O   1 
HETATM 1159 O  O   . HOH C 3 .   ? 9.746   -8.075  -9.039  1.00 18.18 ? 450 HOH A O   1 
HETATM 1160 O  O   . HOH C 3 .   ? 7.916   3.239   0.992   1.00 17.42 ? 451 HOH A O   1 
HETATM 1161 O  O   . HOH C 3 .   ? 7.605   -18.456 10.436  1.00 22.29 ? 452 HOH A O   1 
HETATM 1162 O  O   . HOH C 3 .   ? -10.475 -0.333  -10.160 1.00 19.55 ? 453 HOH A O   1 
HETATM 1163 O  O   . HOH C 3 .   ? 13.621  -10.139 -5.005  1.00 19.22 ? 454 HOH A O   1 
HETATM 1164 O  O   . HOH C 3 .   ? 9.640   1.369   11.558  1.00 22.30 ? 455 HOH A O   1 
HETATM 1165 O  O   . HOH C 3 .   ? -3.795  5.522   -14.839 1.00 20.31 ? 456 HOH A O   1 
HETATM 1166 O  O   . HOH C 3 .   ? 7.960   -6.993  -10.722 1.00 18.95 ? 457 HOH A O   1 
HETATM 1167 O  O   . HOH C 3 .   ? -1.319  13.125  -0.663  1.00 25.40 ? 458 HOH A O   1 
HETATM 1168 O  O   . HOH C 3 .   ? 1.090   -14.410 4.474   1.00 23.14 ? 459 HOH A O   1 
HETATM 1169 O  O   . HOH C 3 .   ? -7.636  18.438  -4.091  1.00 27.20 ? 460 HOH A O   1 
HETATM 1170 O  O   . HOH C 3 .   ? 8.270   7.248   -8.270  1.00 25.32 ? 461 HOH A O   1 
HETATM 1171 O  O   . HOH C 3 .   ? 23.922  -4.112  -0.404  1.00 25.09 ? 462 HOH A O   1 
HETATM 1172 O  O   . HOH C 3 .   ? 21.039  1.316   -2.095  1.00 21.29 ? 463 HOH A O   1 
HETATM 1173 O  O   . HOH C 3 .   ? -4.407  -9.265  -2.778  1.00 24.44 ? 464 HOH A O   1 
HETATM 1174 O  O   . HOH C 3 .   ? -1.167  -10.537 -7.420  1.00 24.16 ? 465 HOH A O   1 
HETATM 1175 O  O   . HOH C 3 .   ? -3.558  13.601  -2.323  1.00 18.80 ? 466 HOH A O   1 
HETATM 1176 O  O   . HOH C 3 .   ? -11.775 13.369  -10.446 1.00 20.95 ? 467 HOH A O   1 
HETATM 1177 O  O   . HOH C 3 .   ? -7.239  11.758  -14.586 1.00 25.73 ? 468 HOH A O   1 
HETATM 1178 O  O   . HOH C 3 .   ? -17.920 4.220   2.907   1.00 25.07 ? 469 HOH A O   1 
HETATM 1179 O  O   . HOH C 3 .   ? 13.659  -4.884  -9.508  1.00 28.49 ? 470 HOH A O   1 
HETATM 1180 O  O   . HOH C 3 .   ? -17.221 -1.500  -3.306  1.00 31.15 ? 471 HOH A O   1 
HETATM 1181 O  O   . HOH C 3 .   ? 6.405   8.690   -3.888  1.00 31.16 ? 472 HOH A O   1 
HETATM 1182 O  O   . HOH C 3 .   ? -15.221 -0.268  8.027   1.00 27.46 ? 473 HOH A O   1 
HETATM 1183 O  O   . HOH C 3 .   ? -17.583 7.832   8.973   1.00 28.46 ? 474 HOH A O   1 
HETATM 1184 O  O   . HOH C 3 .   ? -9.552  -5.873  -1.318  1.00 20.68 ? 475 HOH A O   1 
HETATM 1185 O  O   . HOH C 3 .   ? 3.495   9.313   -12.034 1.00 22.62 ? 476 HOH A O   1 
HETATM 1186 O  O   . HOH C 3 .   ? -2.663  12.382  -13.754 1.00 24.30 ? 477 HOH A O   1 
HETATM 1187 O  O   . HOH C 3 .   ? 4.946   -16.622 4.134   1.00 25.09 ? 478 HOH A O   1 
HETATM 1188 O  O   . HOH C 3 .   ? -10.404 -6.545  -8.064  1.00 25.62 ? 479 HOH A O   1 
HETATM 1189 O  O   . HOH C 3 .   ? 18.964  -0.207  10.319  1.00 29.56 ? 480 HOH A O   1 
HETATM 1190 O  O   . HOH C 3 .   ? -5.587  5.562   13.010  1.00 29.72 ? 481 HOH A O   1 
HETATM 1191 O  O   . HOH C 3 .   ? 15.908  -10.511 -5.375  1.00 24.68 ? 482 HOH A O   1 
HETATM 1192 O  O   . HOH C 3 .   ? -14.142 -2.053  6.082   1.00 24.62 ? 483 HOH A O   1 
HETATM 1193 O  O   . HOH C 3 .   ? -16.056 3.267   -1.251  1.00 31.21 ? 484 HOH A O   1 
HETATM 1194 O  O   . HOH C 3 .   ? -2.304  -14.227 4.124   1.00 24.12 ? 485 HOH A O   1 
HETATM 1195 O  O   . HOH C 3 .   ? 4.665   -12.720 -6.452  1.00 29.34 ? 486 HOH A O   1 
HETATM 1196 O  O   . HOH C 3 .   ? 9.541   -8.777  15.990  1.00 22.74 ? 487 HOH A O   1 
HETATM 1197 O  O   . HOH C 3 .   ? 6.075   5.594   8.058   1.00 29.71 ? 488 HOH A O   1 
HETATM 1198 O  O   . HOH C 3 .   ? 15.622  1.472   1.828   1.00 26.59 ? 489 HOH A O   1 
HETATM 1199 O  O   . HOH C 3 .   ? 11.835  -12.844 -4.989  1.00 26.28 ? 490 HOH A O   1 
HETATM 1200 O  O   . HOH C 3 .   ? 8.413   -18.757 6.194   1.00 28.06 ? 491 HOH A O   1 
HETATM 1201 O  O   . HOH C 3 .   ? -9.228  9.024   6.748   1.00 25.71 ? 492 HOH A O   1 
HETATM 1202 O  O   . HOH C 3 .   ? -7.158  15.586  0.283   1.00 28.77 ? 493 HOH A O   1 
HETATM 1203 O  O   . HOH C 3 .   ? 6.974   6.930   -12.114 1.00 26.04 ? 494 HOH A O   1 
HETATM 1204 O  O   . HOH C 3 .   ? 10.986  -12.813 14.042  1.00 28.87 ? 495 HOH A O   1 
HETATM 1205 O  O   . HOH C 3 .   ? 8.104   4.741   -11.862 1.00 25.18 ? 496 HOH A O   1 
HETATM 1206 O  O   . HOH C 3 .   ? 4.671   8.142   2.455   1.00 22.95 ? 497 HOH A O   1 
HETATM 1207 O  O   . HOH C 3 .   ? 11.353  -14.546 13.241  1.00 29.29 ? 498 HOH A O   1 
HETATM 1208 O  O   . HOH C 3 .   ? -13.324 4.359   1.896   1.00 26.47 ? 499 HOH A O   1 
HETATM 1209 O  O   . HOH C 3 .   ? 9.253   -4.242  13.225  1.00 25.84 ? 500 HOH A O   1 
HETATM 1210 O  O   . HOH C 3 .   ? 8.153   6.271   8.299   1.00 33.19 ? 501 HOH A O   1 
HETATM 1211 O  O   . HOH C 3 .   ? -16.132 -4.821  -2.555  1.00 28.90 ? 502 HOH A O   1 
HETATM 1212 O  O   . HOH C 3 .   ? 18.164  -9.669  -8.848  1.00 29.41 ? 503 HOH A O   1 
HETATM 1213 O  O   . HOH C 3 .   ? -11.096 6.570   -12.473 1.00 23.85 ? 504 HOH A O   1 
HETATM 1214 O  O   . HOH C 3 .   ? 5.114   7.593   -12.827 1.00 26.05 ? 505 HOH A O   1 
HETATM 1215 O  O   . HOH C 3 .   ? 10.626  4.459   -11.877 1.00 28.40 ? 506 HOH A O   1 
HETATM 1216 O  O   . HOH C 3 .   ? 18.505  -13.652 2.424   1.00 25.57 ? 507 HOH A O   1 
HETATM 1217 O  O   . HOH C 3 .   ? -16.399 -2.421  -5.871  1.00 27.51 ? 508 HOH A O   1 
HETATM 1218 O  O   . HOH C 3 .   ? 2.365   -12.279 -4.478  1.00 23.30 ? 509 HOH A O   1 
HETATM 1219 O  O   . HOH C 3 .   ? 1.952   5.770   7.266   1.00 25.22 ? 510 HOH A O   1 
HETATM 1220 O  O   . HOH C 3 .   ? -0.855  7.957   8.626   1.00 28.64 ? 511 HOH A O   1 
HETATM 1221 O  O   . HOH C 3 .   ? -17.774 4.633   9.099   1.00 31.48 ? 512 HOH A O   1 
HETATM 1222 O  O   . HOH C 3 .   ? -11.386 -8.207  1.926   1.00 34.38 ? 513 HOH A O   1 
HETATM 1223 O  O   . HOH C 3 .   ? -6.966  10.132  7.387   1.00 25.68 ? 514 HOH A O   1 
HETATM 1224 O  O   . HOH C 3 .   ? 13.995  3.430   7.810   1.00 28.61 ? 515 HOH A O   1 
HETATM 1225 O  O   . HOH C 3 .   ? -9.881  11.127  -14.218 1.00 26.44 ? 516 HOH A O   1 
HETATM 1226 O  O   . HOH C 3 .   ? 18.689  -0.101  -12.002 1.00 30.61 ? 517 HOH A O   1 
HETATM 1227 O  O   . HOH C 3 .   ? -7.773  -10.049 -0.944  1.00 30.82 ? 518 HOH A O   1 
HETATM 1228 O  O   . HOH C 3 .   ? 10.956  -5.541  -9.275  1.00 21.22 ? 519 HOH A O   1 
HETATM 1229 O  O   . HOH C 3 .   ? 0.345   11.209  -0.819  1.00 26.37 ? 520 HOH A O   1 
HETATM 1230 O  O   . HOH C 3 .   ? 23.990  -5.620  -5.583  1.00 28.90 ? 521 HOH A O   1 
HETATM 1231 O  O   . HOH C 3 .   ? 4.058   -13.199 -0.339  1.00 25.56 ? 522 HOH A O   1 
HETATM 1232 O  O   . HOH C 3 .   ? 8.452   -5.604  -13.494 1.00 27.84 ? 523 HOH A O   1 
HETATM 1233 O  O   . HOH C 3 .   ? -11.825 -8.773  4.669   1.00 29.25 ? 524 HOH A O   1 
HETATM 1234 O  O   . HOH C 3 .   ? -10.958 -7.815  -3.035  1.00 26.88 ? 525 HOH A O   1 
HETATM 1235 O  O   . HOH C 3 .   ? 0.609   10.845  1.787   1.00 26.35 ? 526 HOH A O   1 
HETATM 1236 O  O   . HOH C 3 .   ? -10.529 12.410  6.067   1.00 29.04 ? 527 HOH A O   1 
HETATM 1237 O  O   . HOH C 3 .   ? -2.114  14.388  1.561   1.00 25.07 ? 528 HOH A O   1 
HETATM 1238 O  O   . HOH C 3 .   ? 25.127  -2.958  -4.573  1.00 29.08 ? 529 HOH A O   1 
HETATM 1239 O  O   . HOH C 3 .   ? 22.958  0.633   -0.415  1.00 29.77 ? 530 HOH A O   1 
HETATM 1240 O  O   . HOH C 3 .   ? 4.274   7.022   7.060   1.00 33.57 ? 531 HOH A O   1 
HETATM 1241 O  O   . HOH C 3 .   ? -0.917  9.273   5.954   1.00 31.29 ? 532 HOH A O   1 
HETATM 1242 O  O   . HOH C 3 .   ? -0.857  -14.285 -9.226  1.00 32.66 ? 533 HOH A O   1 
HETATM 1243 O  O   . HOH C 3 .   ? 3.376   -14.017 -2.422  1.00 28.66 ? 534 HOH A O   1 
HETATM 1244 O  O   . HOH C 3 .   ? -19.529 2.691   -4.626  1.00 29.75 ? 535 HOH A O   1 
HETATM 1245 O  O   . HOH C 3 .   ? 9.401   -17.720 11.781  1.00 30.54 ? 536 HOH A O   1 
HETATM 1246 O  O   . HOH C 3 .   ? 15.921  3.163   -9.411  1.00 26.93 ? 537 HOH A O   1 
HETATM 1247 O  O   . HOH C 3 .   ? -2.428  5.576   4.862   1.00 22.05 ? 538 HOH A O   1 
HETATM 1248 O  O   . HOH C 3 .   ? 4.400   8.577   5.502   1.00 31.78 ? 539 HOH A O   1 
HETATM 1249 O  O   . HOH C 3 .   ? 18.825  -14.888 -3.114  1.00 34.19 ? 540 HOH A O   1 
HETATM 1250 O  O   . HOH C 3 .   ? 16.056  -20.661 1.428   1.00 30.64 ? 541 HOH A O   1 
HETATM 1251 O  O   . HOH C 3 .   ? -18.517 15.036  -3.695  1.00 30.05 ? 542 HOH A O   1 
HETATM 1252 O  O   . HOH C 3 .   ? -9.750  -10.218 -3.011  1.00 32.33 ? 543 HOH A O   1 
HETATM 1253 O  O   . HOH C 3 .   ? 2.833   10.367  1.887   1.00 37.43 ? 544 HOH A O   1 
HETATM 1254 O  O   . HOH C 3 .   ? 6.269   -18.596 5.730   1.00 36.24 ? 545 HOH A O   1 
HETATM 1255 O  O   . HOH C 3 .   ? -18.365 4.869   -3.700  1.00 34.70 ? 546 HOH A O   1 
HETATM 1256 O  O   . HOH C 3 .   ? -3.352  15.869  -14.442 1.00 27.97 ? 547 HOH A O   1 
HETATM 1257 O  O   . HOH C 3 .   ? -15.335 -3.274  8.409   1.00 39.47 ? 548 HOH A O   1 
HETATM 1258 O  O   . HOH C 3 .   ? -14.922 -1.817  0.738   1.00 27.80 ? 549 HOH A O   1 
HETATM 1259 O  O   . HOH C 3 .   ? -1.362  7.114   6.070   1.00 27.20 ? 550 HOH A O   1 
HETATM 1260 O  O   . HOH C 3 .   ? 12.181  5.301   -7.268  1.00 31.38 ? 551 HOH A O   1 
HETATM 1261 O  O   . HOH C 3 .   ? 1.868   5.161   10.490  1.00 31.26 ? 552 HOH A O   1 
HETATM 1262 O  O   . HOH C 3 .   ? -10.985 -5.271  2.962   1.00 27.61 ? 553 HOH A O   1 
HETATM 1263 O  O   . HOH C 3 .   ? -12.599 16.680  -3.440  1.00 30.71 ? 554 HOH A O   1 
HETATM 1264 O  O   . HOH C 3 .   ? 22.033  1.158   -5.013  0.50 14.76 ? 555 HOH A O   1 
HETATM 1265 O  O   . HOH C 3 .   ? -20.674 13.604  -4.813  1.00 24.69 ? 556 HOH A O   1 
HETATM 1266 O  O   . HOH C 3 .   ? 6.170   5.481   -0.585  1.00 24.31 ? 557 HOH A O   1 
HETATM 1267 O  O   . HOH C 3 .   ? 12.060  -4.580  -10.948 1.00 29.26 ? 558 HOH A O   1 
HETATM 1268 O  O   . HOH C 3 .   ? 12.357  -21.272 2.724   1.00 30.94 ? 559 HOH A O   1 
HETATM 1269 O  O   . HOH C 3 .   ? -20.732 14.693  -1.288  1.00 40.22 ? 560 HOH A O   1 
HETATM 1270 O  O   . HOH C 3 .   ? -16.316 17.485  -4.921  1.00 31.35 ? 561 HOH A O   1 
HETATM 1271 O  O   . HOH C 3 .   ? -12.540 14.104  6.629   1.00 33.45 ? 562 HOH A O   1 
HETATM 1272 O  O   . HOH C 3 .   ? 12.213  -10.629 -9.052  1.00 31.01 ? 563 HOH A O   1 
HETATM 1273 O  O   . HOH C 3 .   ? -2.592  -10.145 -4.607  1.00 31.52 ? 564 HOH A O   1 
HETATM 1274 O  O   . HOH C 3 .   ? 18.829  -12.032 -1.801  1.00 35.41 ? 565 HOH A O   1 
HETATM 1275 O  O   . HOH C 3 .   ? 11.532  -8.111  -11.076 1.00 33.93 ? 566 HOH A O   1 
HETATM 1276 O  O   . HOH C 3 .   ? 13.631  2.528   2.866   1.00 30.28 ? 567 HOH A O   1 
HETATM 1277 O  O   . HOH C 3 .   ? 6.695   6.326   -2.782  1.00 36.36 ? 568 HOH A O   1 
HETATM 1278 O  O   . HOH C 3 .   ? -16.532 11.352  -15.241 1.00 35.25 ? 569 HOH A O   1 
HETATM 1279 O  O   . HOH C 3 .   ? 8.149   -8.578  -13.186 1.00 36.38 ? 570 HOH A O   1 
HETATM 1280 O  O   . HOH C 3 .   ? -5.910  -6.986  -2.953  1.00 21.27 ? 571 HOH A O   1 
HETATM 1281 O  O   . HOH C 3 .   ? 12.839  3.480   0.944   1.00 26.79 ? 572 HOH A O   1 
HETATM 1282 O  O   . HOH C 3 .   ? 10.037  5.344   10.697  1.00 37.60 ? 573 HOH A O   1 
HETATM 1283 O  O   . HOH C 3 .   ? 11.849  3.579   3.341   1.00 26.81 ? 574 HOH A O   1 
HETATM 1284 O  O   . HOH C 3 .   ? -9.263  -9.535  1.574   1.00 31.54 ? 575 HOH A O   1 
HETATM 1285 O  O   . HOH C 3 .   ? -4.623  9.538   13.914  1.00 41.93 ? 576 HOH A O   1 
HETATM 1286 O  O   . HOH C 3 .   ? -9.657  15.906  1.309   1.00 34.33 ? 577 HOH A O   1 
HETATM 1287 O  O   . HOH C 3 .   ? 20.450  -2.713  10.259  1.00 33.89 ? 578 HOH A O   1 
HETATM 1288 O  O   . HOH C 3 .   ? -11.067 18.722  -3.350  1.00 35.43 ? 579 HOH A O   1 
HETATM 1289 O  O   . HOH C 3 .   ? 14.841  6.222   -6.867  1.00 34.50 ? 580 HOH A O   1 
HETATM 1290 O  O   . HOH C 3 .   ? -19.111 6.238   -7.644  1.00 28.75 ? 581 HOH A O   1 
HETATM 1291 O  O   . HOH C 3 .   ? 1.812   10.390  5.850   1.00 43.77 ? 582 HOH A O   1 
HETATM 1292 O  O   . HOH C 3 .   ? -3.870  11.626  5.497   1.00 26.15 ? 583 HOH A O   1 
HETATM 1293 O  O   . HOH C 3 .   ? -16.993 -5.392  -4.696  1.00 42.73 ? 584 HOH A O   1 
HETATM 1294 O  O   . HOH C 3 .   ? 15.749  -10.504 13.096  1.00 32.17 ? 585 HOH A O   1 
HETATM 1295 O  O   . HOH C 3 .   ? -9.815  -7.648  10.075  1.00 29.28 ? 586 HOH A O   1 
HETATM 1296 O  O   . HOH C 3 .   ? 10.697  6.162   -6.065  1.00 30.58 ? 587 HOH A O   1 
HETATM 1297 O  O   . HOH C 3 .   ? -10.512 -6.731  12.219  1.00 32.97 ? 588 HOH A O   1 
HETATM 1298 O  O   . HOH C 3 .   ? -13.123 13.881  -12.520 1.00 30.96 ? 589 HOH A O   1 
HETATM 1299 O  O   . HOH C 3 .   ? 4.886   -11.760 -11.392 1.00 24.85 ? 590 HOH A O   1 
HETATM 1300 O  O   . HOH C 3 .   ? 14.789  -8.489  13.413  1.00 35.28 ? 591 HOH A O   1 
HETATM 1301 O  O   . HOH C 3 .   ? -3.857  6.177   14.202  1.00 37.23 ? 592 HOH A O   1 
HETATM 1302 O  O   . HOH C 3 .   ? 11.020  -1.330  -13.964 1.00 24.19 ? 593 HOH A O   1 
HETATM 1303 O  O   . HOH C 3 .   ? -8.959  4.436   -14.187 1.00 27.68 ? 594 HOH A O   1 
HETATM 1304 O  O   . HOH C 3 .   ? 24.012  0.096   -3.665  0.50 28.11 ? 595 HOH A O   1 
HETATM 1305 O  O   . HOH C 3 .   ? -12.058 -0.989  12.897  1.00 32.08 ? 596 HOH A O   1 
HETATM 1306 O  O   . HOH C 3 .   ? 10.159  4.682   2.070   1.00 28.23 ? 597 HOH A O   1 
HETATM 1307 O  O   . HOH C 3 .   ? -5.105  16.227  -15.536 1.00 34.07 ? 598 HOH A O   1 
HETATM 1308 O  O   . HOH C 3 .   ? 13.948  -5.868  -13.038 1.00 41.56 ? 599 HOH A O   1 
HETATM 1309 O  O   . HOH C 3 .   ? -1.920  6.700   13.303  1.00 33.34 ? 600 HOH A O   1 
HETATM 1310 O  O   . HOH C 3 .   ? 0.848   -14.942 1.898   1.00 27.77 ? 601 HOH A O   1 
HETATM 1311 O  O   . HOH C 3 .   ? 2.244   -13.620 -11.622 1.00 29.40 ? 602 HOH A O   1 
HETATM 1312 O  O   . HOH C 3 .   ? -17.627 0.542   -10.633 1.00 35.47 ? 603 HOH A O   1 
HETATM 1313 O  O   . HOH C 3 .   ? 15.958  -8.015  -13.289 1.00 39.80 ? 604 HOH A O   1 
HETATM 1314 O  O   . HOH C 3 .   ? 4.021   1.315   12.120  1.00 23.45 ? 605 HOH A O   1 
HETATM 1315 O  O   . HOH C 3 .   ? 6.280   1.936   10.584  1.00 26.19 ? 606 HOH A O   1 
HETATM 1316 O  O   . HOH C 3 .   ? 24.308  -3.269  4.693   1.00 26.33 ? 607 HOH A O   1 
HETATM 1317 O  O   . HOH C 3 .   ? 25.134  -2.937  2.133   1.00 28.80 ? 608 HOH A O   1 
HETATM 1318 O  O   . HOH C 3 .   ? 25.229  -4.922  6.334   1.00 33.63 ? 609 HOH A O   1 
HETATM 1319 O  O   . HOH C 3 .   ? 5.033   -15.620 1.284   1.00 38.71 ? 610 HOH A O   1 
HETATM 1320 O  O   . HOH C 3 .   ? -13.681 -8.601  9.680   1.00 39.21 ? 611 HOH A O   1 
HETATM 1321 O  O   . HOH C 3 .   ? -15.486 -5.766  -8.465  1.00 34.10 ? 612 HOH A O   1 
HETATM 1322 O  O   . HOH C 3 .   ? 22.545  -7.815  -2.892  1.00 32.63 ? 613 HOH A O   1 
HETATM 1323 O  O   . HOH C 3 .   ? 23.859  -0.674  4.468   1.00 17.58 ? 614 HOH A O   1 
HETATM 1324 O  O   . HOH C 3 .   ? 4.385   11.045  -12.627 1.00 29.34 ? 615 HOH A O   1 
HETATM 1325 O  O   . HOH C 3 .   ? -0.126  10.744  5.012   1.00 37.69 ? 616 HOH A O   1 
HETATM 1326 O  O   . HOH C 3 .   ? 23.487  1.522   5.245   1.00 40.11 ? 617 HOH A O   1 
HETATM 1327 O  O   . HOH C 3 .   ? -22.118 8.232   -9.443  0.50 35.76 ? 618 HOH A O   1 
HETATM 1328 O  O   . HOH C 3 .   ? 20.322  1.516   2.241   1.00 23.41 ? 619 HOH A O   1 
HETATM 1329 O  O   . HOH C 3 .   ? 8.553   3.979   11.436  1.00 34.64 ? 620 HOH A O   1 
HETATM 1330 O  O   . HOH C 3 .   ? -7.229  14.465  -13.915 1.00 35.17 ? 621 HOH A O   1 
HETATM 1331 O  O   . HOH C 3 .   ? 12.263  -17.538 9.473   1.00 23.61 ? 622 HOH A O   1 
HETATM 1332 O  O   . HOH C 3 .   ? -11.988 -6.012  -6.354  1.00 26.12 ? 623 HOH A O   1 
HETATM 1333 O  O   . HOH C 3 .   ? 5.270   2.139   14.403  1.00 30.78 ? 624 HOH A O   1 
HETATM 1334 O  O   . HOH C 3 .   ? 16.782  3.763   5.478   1.00 42.56 ? 625 HOH A O   1 
HETATM 1335 O  O   . HOH C 3 .   ? 18.738  -9.251  -3.070  1.00 31.14 ? 626 HOH A O   1 
HETATM 1336 O  O   . HOH C 3 .   ? 18.174  3.843   7.416   1.00 43.70 ? 627 HOH A O   1 
HETATM 1337 O  O   . HOH C 3 .   ? 9.939   -7.439  -13.995 1.00 45.03 ? 628 HOH A O   1 
HETATM 1338 O  O   . HOH C 3 .   ? 18.398  -10.979 -3.805  1.00 38.64 ? 629 HOH A O   1 
HETATM 1339 O  O   . HOH C 3 .   ? 14.576  -22.012 3.600   1.00 40.72 ? 630 HOH A O   1 
# 
